data_1G2V
#
_entry.id   1G2V
#
_cell.length_a   73.017
_cell.length_b   134.361
_cell.length_c   140.901
_cell.angle_alpha   90.00
_cell.angle_beta   98.22
_cell.angle_gamma   90.00
#
_symmetry.space_group_name_H-M   'P 1 21 1'
#
loop_
_entity.id
_entity.type
_entity.pdbx_description
1 polymer 'GLUCOSE-1-PHOSPHATE THYMIDYLYLTRANSFERASE'
2 non-polymer "THYMIDINE-5'-TRIPHOSPHATE"
#
_entity_poly.entity_id   1
_entity_poly.type   'polypeptide(L)'
_entity_poly.pdbx_seq_one_letter_code
;MKRKGIILAGGSGTRLHPATLAISKQLLPVYDKPMIYYPLSTLMLAGIREILIISTPQDTPRFQQLLGDGSNWGLDLQYA
VQPSPDGLAQAFLIGESFIGNDLSALVLGDNLYYGHDFHELLGSASQRQTGASVFAYHVLDPERYGVVEFDQGGKAISLE
EKPLEPKSNYAVTGLYFYDQQVVDIARDLKPSPRGELEITDVNRAYLERGQLSVEIMGRGYAWLDTGTHDSLLEAGQFIA
TLENRQGLKVACPEEIAYRQKWIDAAQLEKLAAPLAKNGYGQYLKRLLTETVY
;
_entity_poly.pdbx_strand_id   A,B,C,D,E,F,G,H
#
loop_
_chem_comp.id
_chem_comp.type
_chem_comp.name
_chem_comp.formula
TTP non-polymer THYMIDINE-5'-TRIPHOSPHATE 'C10 H17 N2 O14 P3'
#
# COMPACT_ATOMS: atom_id res chain seq x y z
N LYS A 2 36.56 -22.86 4.00
CA LYS A 2 35.52 -21.74 3.99
C LYS A 2 35.11 -21.26 2.60
N ARG A 3 33.90 -21.52 2.15
CA ARG A 3 33.39 -21.02 0.89
C ARG A 3 32.19 -20.18 1.09
N LYS A 4 32.09 -19.07 0.38
CA LYS A 4 30.96 -18.17 0.51
C LYS A 4 30.03 -18.42 -0.65
N GLY A 5 28.72 -18.32 -0.43
CA GLY A 5 27.74 -18.56 -1.45
C GLY A 5 26.91 -17.40 -1.90
N ILE A 6 26.45 -17.47 -3.16
CA ILE A 6 25.62 -16.41 -3.71
C ILE A 6 24.37 -17.01 -4.38
N ILE A 7 23.20 -16.42 -4.11
CA ILE A 7 22.00 -16.84 -4.79
C ILE A 7 21.51 -15.68 -5.65
N LEU A 8 21.48 -15.90 -6.96
CA LEU A 8 21.12 -14.86 -7.87
C LEU A 8 19.62 -14.98 -8.01
N ALA A 9 18.89 -14.07 -7.39
CA ALA A 9 17.47 -14.25 -7.38
C ALA A 9 16.77 -13.04 -7.86
N GLY A 10 17.25 -12.48 -8.95
CA GLY A 10 16.61 -11.34 -9.57
C GLY A 10 15.97 -11.80 -10.87
N GLY A 11 16.24 -11.09 -11.95
CA GLY A 11 15.66 -11.37 -13.24
C GLY A 11 14.37 -10.59 -13.34
N SER A 12 13.76 -10.64 -14.50
CA SER A 12 12.43 -10.06 -14.64
C SER A 12 11.33 -11.10 -14.78
N GLY A 13 11.68 -12.31 -15.13
CA GLY A 13 10.72 -13.37 -15.21
C GLY A 13 9.61 -13.15 -16.20
N THR A 14 9.92 -12.61 -17.38
CA THR A 14 8.87 -12.26 -18.31
C THR A 14 8.18 -13.53 -18.76
N ARG A 15 8.93 -14.59 -18.86
CA ARG A 15 8.31 -15.87 -19.19
C ARG A 15 7.13 -16.24 -18.22
N LEU A 16 7.15 -15.76 -16.96
CA LEU A 16 6.02 -16.07 -16.06
C LEU A 16 4.94 -14.94 -16.04
N HIS A 17 5.07 -13.97 -16.91
CA HIS A 17 4.10 -12.93 -16.93
C HIS A 17 2.79 -13.57 -17.27
N PRO A 18 1.70 -13.05 -16.72
CA PRO A 18 1.73 -11.95 -15.79
C PRO A 18 1.94 -12.40 -14.35
N ALA A 19 2.08 -13.68 -14.09
CA ALA A 19 2.25 -14.06 -12.65
C ALA A 19 3.31 -13.30 -11.86
N THR A 20 4.28 -12.69 -12.55
CA THR A 20 5.39 -12.09 -11.89
C THR A 20 5.46 -10.62 -12.10
N LEU A 21 4.37 -10.06 -12.57
CA LEU A 21 4.39 -8.62 -12.76
C LEU A 21 4.63 -7.97 -11.41
N ALA A 22 3.83 -8.44 -10.49
CA ALA A 22 3.83 -7.85 -9.19
C ALA A 22 5.00 -8.33 -8.30
N ILE A 23 5.38 -9.59 -8.43
CA ILE A 23 6.43 -10.08 -7.58
C ILE A 23 7.43 -11.03 -8.28
N SER A 24 8.59 -11.21 -7.65
CA SER A 24 9.64 -12.00 -8.24
C SER A 24 9.41 -13.51 -8.30
N LYS A 25 9.83 -14.11 -9.40
CA LYS A 25 9.72 -15.54 -9.52
C LYS A 25 10.18 -16.26 -8.28
N GLN A 26 11.29 -15.81 -7.69
CA GLN A 26 11.86 -16.54 -6.59
C GLN A 26 11.10 -16.48 -5.26
N LEU A 27 9.97 -15.76 -5.22
CA LEU A 27 9.10 -15.83 -4.04
C LEU A 27 7.87 -16.71 -4.24
N LEU A 28 7.53 -17.11 -5.45
CA LEU A 28 6.40 -18.02 -5.66
C LEU A 28 6.75 -19.36 -5.13
N PRO A 29 5.73 -20.12 -4.78
CA PRO A 29 5.87 -21.43 -4.16
C PRO A 29 6.22 -22.55 -5.11
N VAL A 30 7.05 -23.47 -4.69
CA VAL A 30 7.09 -24.74 -5.36
C VAL A 30 6.37 -25.69 -4.41
N TYR A 31 5.10 -25.95 -4.69
CA TYR A 31 4.29 -26.81 -3.86
C TYR A 31 4.06 -26.16 -2.53
N ASP A 32 4.94 -26.34 -1.57
CA ASP A 32 4.61 -25.88 -0.25
C ASP A 32 5.49 -24.80 0.36
N LYS A 33 6.53 -24.33 -0.32
CA LYS A 33 7.43 -23.39 0.28
C LYS A 33 7.96 -22.44 -0.79
N PRO A 34 8.47 -21.29 -0.43
CA PRO A 34 8.90 -20.37 -1.45
C PRO A 34 10.09 -20.99 -2.20
N MET A 35 10.08 -20.70 -3.49
CA MET A 35 11.09 -21.18 -4.38
C MET A 35 12.46 -21.05 -3.84
N ILE A 36 12.81 -19.89 -3.32
CA ILE A 36 14.19 -19.67 -2.96
C ILE A 36 14.66 -20.60 -1.82
N TYR A 37 13.73 -21.29 -1.17
CA TYR A 37 14.18 -22.21 -0.16
C TYR A 37 14.98 -23.30 -0.79
N TYR A 38 14.62 -23.64 -2.03
CA TYR A 38 15.33 -24.75 -2.68
C TYR A 38 16.88 -24.57 -2.84
N PRO A 39 17.28 -23.55 -3.59
CA PRO A 39 18.71 -23.24 -3.77
C PRO A 39 19.33 -22.82 -2.47
N LEU A 40 18.61 -22.11 -1.59
CA LEU A 40 19.20 -21.85 -0.30
C LEU A 40 19.58 -23.21 0.31
N SER A 41 18.68 -24.18 0.29
CA SER A 41 18.99 -25.45 0.91
C SER A 41 20.15 -26.15 0.20
N THR A 42 20.30 -25.89 -1.08
CA THR A 42 21.42 -26.45 -1.81
C THR A 42 22.79 -25.95 -1.32
N LEU A 43 22.92 -24.64 -1.13
CA LEU A 43 24.14 -24.07 -0.59
C LEU A 43 24.31 -24.58 0.82
N MET A 44 23.21 -24.68 1.55
CA MET A 44 23.35 -25.16 2.90
C MET A 44 23.91 -26.62 2.87
N LEU A 45 23.42 -27.49 1.99
CA LEU A 45 23.96 -28.85 1.99
C LEU A 45 25.39 -28.91 1.45
N ALA A 46 25.91 -27.85 0.84
CA ALA A 46 27.31 -27.92 0.45
C ALA A 46 28.14 -27.38 1.57
N GLY A 47 27.53 -27.28 2.73
CA GLY A 47 28.22 -26.71 3.88
C GLY A 47 28.52 -25.21 3.84
N ILE A 48 27.75 -24.45 3.11
CA ILE A 48 27.99 -23.01 3.09
C ILE A 48 26.99 -22.33 3.96
N ARG A 49 27.45 -21.52 4.90
CA ARG A 49 26.58 -20.85 5.87
C ARG A 49 26.48 -19.37 5.72
N GLU A 50 27.41 -18.81 4.97
CA GLU A 50 27.48 -17.41 4.74
C GLU A 50 27.11 -17.08 3.28
N ILE A 51 26.01 -16.38 3.08
CA ILE A 51 25.41 -16.30 1.77
C ILE A 51 24.87 -14.94 1.41
N LEU A 52 25.13 -14.53 0.18
CA LEU A 52 24.65 -13.24 -0.30
C LEU A 52 23.48 -13.42 -1.28
N ILE A 53 22.36 -12.77 -1.01
CA ILE A 53 21.19 -12.95 -1.88
C ILE A 53 21.03 -11.72 -2.70
N ILE A 54 21.02 -11.87 -4.01
CA ILE A 54 20.92 -10.74 -4.92
C ILE A 54 19.55 -10.73 -5.60
N SER A 55 18.95 -9.58 -5.68
CA SER A 55 17.68 -9.46 -6.36
C SER A 55 17.49 -8.12 -6.98
N THR A 56 16.32 -7.90 -7.58
CA THR A 56 16.00 -6.58 -8.07
C THR A 56 15.93 -5.59 -6.91
N PRO A 57 15.95 -4.35 -7.24
CA PRO A 57 15.79 -3.32 -6.22
C PRO A 57 14.45 -3.39 -5.51
N GLN A 58 13.35 -3.67 -6.23
CA GLN A 58 12.08 -3.80 -5.55
C GLN A 58 11.97 -5.09 -4.76
N ASP A 59 12.50 -6.22 -5.19
CA ASP A 59 12.22 -7.45 -4.44
C ASP A 59 13.18 -7.79 -3.32
N THR A 60 14.31 -7.13 -3.29
CA THR A 60 15.30 -7.49 -2.27
C THR A 60 14.74 -7.33 -0.89
N PRO A 61 14.10 -6.19 -0.60
CA PRO A 61 13.46 -6.01 0.69
C PRO A 61 12.58 -7.17 1.00
N ARG A 62 11.87 -7.68 0.03
CA ARG A 62 10.97 -8.77 0.33
C ARG A 62 11.71 -9.98 0.84
N PHE A 63 12.84 -10.30 0.20
CA PHE A 63 13.62 -11.46 0.57
C PHE A 63 14.13 -11.24 2.00
N GLN A 64 14.44 -10.02 2.29
CA GLN A 64 14.93 -9.70 3.62
C GLN A 64 13.84 -9.98 4.64
N GLN A 65 12.67 -9.50 4.34
CA GLN A 65 11.56 -9.72 5.19
C GLN A 65 11.33 -11.24 5.32
N LEU A 66 11.59 -12.01 4.27
CA LEU A 66 11.32 -13.40 4.37
C LEU A 66 12.42 -14.13 5.14
N LEU A 67 13.66 -13.85 4.83
CA LEU A 67 14.75 -14.66 5.40
C LEU A 67 15.49 -13.98 6.56
N GLY A 68 15.33 -12.68 6.69
CA GLY A 68 16.04 -11.99 7.73
C GLY A 68 17.55 -12.16 7.59
N ASP A 69 18.26 -12.18 8.72
CA ASP A 69 19.71 -12.25 8.65
C ASP A 69 20.19 -13.68 8.71
N GLY A 70 19.28 -14.63 8.86
CA GLY A 70 19.71 -16.00 8.79
C GLY A 70 20.11 -16.57 10.14
N SER A 71 20.19 -15.72 11.14
CA SER A 71 20.64 -16.21 12.44
C SER A 71 19.71 -17.31 12.98
N ASN A 72 18.43 -17.12 12.82
CA ASN A 72 17.54 -18.12 13.30
C ASN A 72 17.84 -19.49 12.74
N TRP A 73 18.46 -19.58 11.57
CA TRP A 73 18.75 -20.89 11.01
C TRP A 73 20.23 -21.21 11.07
N GLY A 74 20.98 -20.50 11.91
CA GLY A 74 22.42 -20.68 11.91
C GLY A 74 23.14 -20.13 10.67
N LEU A 75 22.44 -19.37 9.83
CA LEU A 75 23.11 -18.79 8.65
C LEU A 75 23.53 -17.35 8.86
N ASP A 76 24.33 -16.84 7.96
CA ASP A 76 24.66 -15.43 7.94
C ASP A 76 24.22 -14.97 6.59
N LEU A 77 23.01 -14.46 6.51
CA LEU A 77 22.52 -13.92 5.21
C LEU A 77 22.77 -12.41 4.98
N GLN A 78 23.19 -12.05 3.80
CA GLN A 78 23.37 -10.66 3.43
C GLN A 78 22.73 -10.39 2.07
N TYR A 79 22.46 -9.13 1.75
CA TYR A 79 21.70 -8.78 0.59
C TYR A 79 22.35 -7.73 -0.27
N ALA A 80 22.12 -7.82 -1.58
CA ALA A 80 22.54 -6.78 -2.49
C ALA A 80 21.64 -6.73 -3.71
N VAL A 81 21.51 -5.56 -4.29
CA VAL A 81 20.64 -5.34 -5.40
C VAL A 81 21.36 -5.43 -6.72
N GLN A 82 20.67 -5.96 -7.75
CA GLN A 82 21.20 -5.95 -9.10
C GLN A 82 20.29 -4.99 -9.75
N PRO A 83 20.75 -3.81 -10.08
CA PRO A 83 19.93 -2.76 -10.71
C PRO A 83 19.25 -3.15 -12.02
N SER A 84 19.82 -4.09 -12.76
CA SER A 84 19.27 -4.50 -14.02
C SER A 84 19.77 -5.94 -14.30
N PRO A 85 18.98 -6.77 -14.96
CA PRO A 85 19.39 -8.18 -15.20
C PRO A 85 20.35 -8.30 -16.33
N ASP A 86 21.57 -7.93 -16.06
CA ASP A 86 22.54 -7.82 -17.12
C ASP A 86 23.48 -9.00 -17.31
N GLY A 87 23.20 -10.11 -16.62
CA GLY A 87 23.94 -11.34 -16.80
C GLY A 87 24.31 -12.01 -15.50
N LEU A 88 24.43 -13.32 -15.51
CA LEU A 88 24.66 -14.00 -14.30
C LEU A 88 26.06 -13.63 -13.78
N ALA A 89 27.01 -13.35 -14.67
CA ALA A 89 28.34 -13.01 -14.19
C ALA A 89 28.31 -11.82 -13.32
N GLN A 90 27.30 -10.95 -13.47
CA GLN A 90 27.31 -9.74 -12.69
C GLN A 90 27.30 -10.11 -11.21
N ALA A 91 26.87 -11.33 -10.91
CA ALA A 91 26.88 -11.79 -9.51
C ALA A 91 28.25 -11.56 -8.91
N PHE A 92 29.28 -11.75 -9.72
CA PHE A 92 30.63 -11.63 -9.18
C PHE A 92 31.09 -10.21 -9.07
N LEU A 93 30.50 -9.30 -9.81
CA LEU A 93 30.87 -7.90 -9.61
C LEU A 93 30.13 -7.44 -8.40
N ILE A 94 28.82 -7.52 -8.44
CA ILE A 94 28.02 -7.08 -7.31
C ILE A 94 28.52 -7.75 -6.06
N GLY A 95 28.99 -8.98 -6.18
CA GLY A 95 29.39 -9.67 -4.97
C GLY A 95 30.86 -9.63 -4.60
N GLU A 96 31.60 -8.84 -5.34
CA GLU A 96 33.02 -8.78 -5.12
C GLU A 96 33.47 -8.64 -3.63
N SER A 97 32.97 -7.61 -2.99
CA SER A 97 33.44 -7.34 -1.68
C SER A 97 32.84 -8.38 -0.70
N PHE A 98 31.66 -8.86 -0.97
CA PHE A 98 31.17 -9.92 -0.14
C PHE A 98 32.16 -11.12 -0.20
N ILE A 99 32.70 -11.43 -1.38
CA ILE A 99 33.54 -12.58 -1.52
C ILE A 99 34.90 -12.40 -0.92
N GLY A 100 35.43 -11.19 -0.99
CA GLY A 100 36.76 -10.93 -0.53
C GLY A 100 37.70 -11.86 -1.22
N ASN A 101 38.52 -12.53 -0.43
CA ASN A 101 39.48 -13.49 -0.92
C ASN A 101 39.08 -14.95 -0.65
N ASP A 102 37.81 -15.25 -0.62
CA ASP A 102 37.39 -16.62 -0.37
C ASP A 102 36.99 -17.38 -1.62
N LEU A 103 36.86 -18.68 -1.49
CA LEU A 103 36.25 -19.53 -2.46
C LEU A 103 34.79 -19.15 -2.43
N SER A 104 34.08 -19.33 -3.54
CA SER A 104 32.71 -18.96 -3.60
C SER A 104 31.90 -19.96 -4.41
N ALA A 105 30.59 -19.83 -4.29
CA ALA A 105 29.66 -20.68 -5.08
C ALA A 105 28.46 -19.85 -5.48
N LEU A 106 27.97 -20.10 -6.68
CA LEU A 106 26.84 -19.36 -7.17
C LEU A 106 25.72 -20.34 -7.47
N VAL A 107 24.50 -20.04 -7.04
CA VAL A 107 23.36 -20.88 -7.46
C VAL A 107 22.21 -20.01 -7.93
N LEU A 108 21.56 -20.40 -9.01
CA LEU A 108 20.46 -19.60 -9.53
C LEU A 108 19.25 -19.81 -8.72
N GLY A 109 18.58 -18.72 -8.47
CA GLY A 109 17.38 -18.77 -7.66
C GLY A 109 16.20 -19.58 -8.13
N ASP A 110 16.13 -19.98 -9.41
CA ASP A 110 14.98 -20.78 -9.85
C ASP A 110 15.39 -22.20 -10.19
N ASN A 111 16.57 -22.59 -9.72
CA ASN A 111 17.00 -23.98 -9.87
C ASN A 111 16.77 -24.79 -8.67
N LEU A 112 16.32 -25.98 -8.94
CA LEU A 112 15.89 -26.94 -7.95
C LEU A 112 16.50 -28.32 -8.23
N TYR A 113 17.27 -28.83 -7.28
CA TYR A 113 17.92 -30.13 -7.42
C TYR A 113 17.39 -31.10 -6.42
N TYR A 114 17.44 -32.38 -6.78
CA TYR A 114 17.07 -33.39 -5.86
C TYR A 114 17.68 -34.72 -6.20
N GLY A 115 18.17 -35.43 -5.19
CA GLY A 115 18.68 -36.78 -5.44
C GLY A 115 19.59 -37.41 -4.40
N HIS A 116 19.64 -38.73 -4.44
CA HIS A 116 20.40 -39.50 -3.50
C HIS A 116 21.86 -39.20 -3.66
N ASP A 117 22.50 -38.97 -2.53
CA ASP A 117 23.87 -38.62 -2.47
C ASP A 117 24.11 -37.29 -3.05
N PHE A 118 23.07 -36.47 -3.19
CA PHE A 118 23.29 -35.15 -3.75
C PHE A 118 24.29 -34.39 -2.87
N HIS A 119 24.22 -34.64 -1.58
CA HIS A 119 25.06 -33.96 -0.64
C HIS A 119 26.49 -34.43 -0.66
N GLU A 120 26.77 -35.59 -1.21
CA GLU A 120 28.16 -36.00 -1.37
C GLU A 120 28.72 -35.35 -2.64
N LEU A 121 27.88 -35.19 -3.67
CA LEU A 121 28.29 -34.54 -4.89
C LEU A 121 28.64 -33.11 -4.64
N LEU A 122 27.81 -32.43 -3.88
CA LEU A 122 28.10 -31.10 -3.50
C LEU A 122 29.40 -31.00 -2.70
N GLY A 123 29.58 -31.89 -1.72
CA GLY A 123 30.77 -31.88 -0.90
C GLY A 123 32.07 -32.00 -1.68
N SER A 124 32.10 -32.95 -2.59
CA SER A 124 33.28 -33.10 -3.39
C SER A 124 33.61 -31.80 -4.04
N ALA A 125 32.63 -31.10 -4.60
CA ALA A 125 32.97 -29.89 -5.35
C ALA A 125 33.35 -28.70 -4.41
N SER A 126 32.65 -28.61 -3.30
CA SER A 126 32.88 -27.52 -2.44
C SER A 126 34.27 -27.66 -1.82
N GLN A 127 34.89 -28.84 -1.89
CA GLN A 127 36.18 -28.96 -1.26
C GLN A 127 37.32 -28.81 -2.18
N ARG A 128 37.12 -28.82 -3.47
CA ARG A 128 38.26 -28.52 -4.28
C ARG A 128 38.68 -27.15 -3.79
N GLN A 129 39.96 -26.88 -3.72
CA GLN A 129 40.36 -25.56 -3.38
C GLN A 129 40.96 -24.83 -4.57
N THR A 130 40.59 -25.24 -5.78
CA THR A 130 41.18 -24.68 -6.98
C THR A 130 40.30 -24.82 -8.23
N GLY A 131 40.49 -23.98 -9.21
CA GLY A 131 39.75 -24.11 -10.45
C GLY A 131 38.29 -23.87 -10.23
N ALA A 132 37.51 -24.35 -11.16
CA ALA A 132 36.10 -24.22 -11.06
C ALA A 132 35.38 -25.51 -11.25
N SER A 133 34.23 -25.69 -10.60
CA SER A 133 33.44 -26.90 -10.86
C SER A 133 32.04 -26.64 -11.27
N VAL A 134 31.60 -27.36 -12.29
CA VAL A 134 30.20 -27.28 -12.67
C VAL A 134 29.66 -28.68 -13.01
N PHE A 135 28.40 -28.77 -13.30
CA PHE A 135 27.74 -30.05 -13.49
C PHE A 135 27.04 -30.13 -14.82
N ALA A 136 27.15 -31.27 -15.51
CA ALA A 136 26.43 -31.44 -16.79
C ALA A 136 25.29 -32.39 -16.62
N TYR A 137 24.13 -32.03 -17.16
CA TYR A 137 22.94 -32.87 -17.04
C TYR A 137 22.29 -33.06 -18.36
N HIS A 138 22.01 -34.30 -18.71
CA HIS A 138 21.35 -34.60 -19.95
C HIS A 138 19.92 -34.10 -19.96
N VAL A 139 19.52 -33.33 -20.98
CA VAL A 139 18.18 -32.74 -21.05
C VAL A 139 17.64 -32.77 -22.47
N LEU A 140 16.33 -32.64 -22.58
CA LEU A 140 15.65 -32.65 -23.86
C LEU A 140 15.97 -31.45 -24.72
N ASP A 141 16.05 -30.26 -24.11
CA ASP A 141 16.27 -28.98 -24.81
C ASP A 141 17.56 -28.24 -24.45
N PRO A 142 18.68 -28.83 -24.75
CA PRO A 142 19.97 -28.21 -24.44
C PRO A 142 20.05 -26.78 -24.95
N GLU A 143 19.31 -26.47 -26.02
CA GLU A 143 19.40 -25.16 -26.65
C GLU A 143 18.96 -24.06 -25.74
N ARG A 144 18.36 -24.40 -24.65
CA ARG A 144 17.94 -23.37 -23.76
C ARG A 144 18.98 -23.04 -22.73
N TYR A 145 20.14 -23.68 -22.76
CA TYR A 145 21.15 -23.44 -21.71
C TYR A 145 22.55 -23.28 -22.22
N GLY A 146 23.50 -23.26 -21.29
CA GLY A 146 24.92 -23.38 -21.60
C GLY A 146 25.06 -24.84 -21.97
N VAL A 147 25.69 -25.17 -23.11
CA VAL A 147 25.87 -26.59 -23.50
C VAL A 147 27.32 -26.98 -23.54
N VAL A 148 27.64 -28.15 -23.06
CA VAL A 148 29.03 -28.56 -23.00
C VAL A 148 29.19 -29.81 -23.85
N GLU A 149 30.21 -29.80 -24.70
CA GLU A 149 30.52 -30.88 -25.59
C GLU A 149 31.64 -31.70 -25.01
N PHE A 150 31.58 -33.02 -25.18
CA PHE A 150 32.70 -33.82 -24.70
C PHE A 150 33.34 -34.50 -25.87
N ASP A 151 34.63 -34.82 -25.75
CA ASP A 151 35.29 -35.66 -26.75
C ASP A 151 35.03 -37.12 -26.40
N GLN A 152 35.52 -38.06 -27.21
CA GLN A 152 35.21 -39.50 -27.01
C GLN A 152 35.80 -40.02 -25.71
N GLY A 153 36.83 -39.34 -25.28
CA GLY A 153 37.42 -39.62 -23.98
C GLY A 153 36.58 -39.07 -22.83
N GLY A 154 35.48 -38.40 -23.13
CA GLY A 154 34.63 -37.90 -22.07
C GLY A 154 35.12 -36.62 -21.44
N LYS A 155 36.10 -36.01 -22.08
CA LYS A 155 36.65 -34.75 -21.61
C LYS A 155 36.01 -33.50 -22.26
N ALA A 156 35.57 -32.60 -21.40
CA ALA A 156 34.93 -31.37 -21.81
C ALA A 156 35.80 -30.62 -22.77
N ILE A 157 35.32 -30.22 -23.94
CA ILE A 157 36.18 -29.46 -24.84
C ILE A 157 35.59 -28.20 -25.40
N SER A 158 34.32 -27.93 -25.16
CA SER A 158 33.75 -26.67 -25.59
C SER A 158 32.44 -26.38 -24.82
N LEU A 159 32.12 -25.09 -24.78
CA LEU A 159 30.98 -24.60 -24.10
C LEU A 159 30.29 -23.49 -24.99
N GLU A 160 28.99 -23.56 -25.19
CA GLU A 160 28.26 -22.50 -25.89
C GLU A 160 26.98 -22.16 -25.20
N GLU A 161 26.67 -20.89 -25.15
CA GLU A 161 25.45 -20.46 -24.55
C GLU A 161 24.30 -20.37 -25.55
N LYS A 162 23.23 -21.06 -25.25
CA LYS A 162 22.04 -21.09 -26.09
C LYS A 162 22.31 -21.20 -27.57
N PRO A 163 23.03 -22.23 -27.95
CA PRO A 163 23.29 -22.48 -29.36
C PRO A 163 22.05 -22.91 -30.08
N LEU A 164 21.82 -22.38 -31.27
CA LEU A 164 20.76 -22.91 -32.10
C LEU A 164 20.97 -24.39 -32.41
N GLU A 165 22.23 -24.85 -32.54
CA GLU A 165 22.54 -26.23 -32.92
C GLU A 165 23.44 -26.87 -31.88
N PRO A 166 22.85 -27.21 -30.76
CA PRO A 166 23.64 -27.76 -29.63
C PRO A 166 24.58 -28.86 -30.06
N LYS A 167 25.81 -28.83 -29.63
CA LYS A 167 26.75 -29.92 -29.93
C LYS A 167 26.57 -31.18 -29.04
N SER A 168 25.78 -31.11 -27.98
CA SER A 168 25.42 -32.28 -27.20
C SER A 168 24.12 -32.06 -26.51
N ASN A 169 23.65 -33.04 -25.77
CA ASN A 169 22.47 -32.82 -24.95
C ASN A 169 22.83 -32.47 -23.51
N TYR A 170 24.09 -32.19 -23.19
CA TYR A 170 24.46 -31.88 -21.78
C TYR A 170 24.45 -30.41 -21.49
N ALA A 171 23.56 -29.99 -20.63
CA ALA A 171 23.46 -28.63 -20.23
C ALA A 171 24.24 -28.47 -18.94
N VAL A 172 24.92 -27.33 -18.80
CA VAL A 172 25.64 -27.00 -17.58
C VAL A 172 24.58 -26.55 -16.67
N THR A 173 24.45 -27.05 -15.46
CA THR A 173 23.31 -26.56 -14.66
C THR A 173 23.57 -25.26 -13.93
N GLY A 174 22.58 -24.77 -13.19
CA GLY A 174 22.81 -23.50 -12.51
C GLY A 174 23.46 -23.51 -11.14
N LEU A 175 24.57 -24.22 -10.98
CA LEU A 175 25.25 -24.33 -9.72
C LEU A 175 26.72 -24.19 -10.05
N TYR A 176 27.44 -23.25 -9.48
CA TYR A 176 28.82 -23.12 -9.91
C TYR A 176 29.76 -22.91 -8.73
N PHE A 177 30.90 -23.58 -8.74
CA PHE A 177 31.89 -23.41 -7.68
C PHE A 177 33.15 -22.79 -8.24
N TYR A 178 33.66 -21.75 -7.55
CA TYR A 178 34.80 -20.98 -8.02
C TYR A 178 35.91 -20.70 -6.92
N ASP A 179 37.15 -20.56 -7.38
CA ASP A 179 38.28 -20.31 -6.55
C ASP A 179 38.50 -18.82 -6.62
N GLN A 180 39.69 -18.31 -6.36
CA GLN A 180 39.82 -16.85 -6.27
C GLN A 180 40.04 -16.12 -7.60
N GLN A 181 39.93 -16.83 -8.71
CA GLN A 181 40.15 -16.23 -9.99
C GLN A 181 38.85 -15.59 -10.54
N VAL A 182 37.71 -15.97 -9.98
CA VAL A 182 36.47 -15.59 -10.60
C VAL A 182 36.23 -14.11 -10.70
N VAL A 183 36.42 -13.35 -9.65
CA VAL A 183 36.13 -11.97 -9.70
C VAL A 183 36.96 -11.36 -10.84
N ASP A 184 38.26 -11.65 -10.96
CA ASP A 184 39.03 -10.98 -12.05
C ASP A 184 38.60 -11.48 -13.37
N ILE A 185 38.14 -12.70 -13.45
CA ILE A 185 37.67 -13.12 -14.76
C ILE A 185 36.41 -12.33 -15.12
N ALA A 186 35.53 -12.15 -14.15
CA ALA A 186 34.31 -11.43 -14.42
C ALA A 186 34.54 -9.98 -14.69
N ARG A 187 35.54 -9.33 -14.05
CA ARG A 187 35.82 -7.92 -14.31
C ARG A 187 36.13 -7.68 -15.79
N ASP A 188 36.83 -8.59 -16.44
CA ASP A 188 37.28 -8.34 -17.82
C ASP A 188 36.26 -8.80 -18.87
N LEU A 189 35.10 -9.27 -18.47
CA LEU A 189 34.15 -9.72 -19.49
C LEU A 189 33.54 -8.53 -20.15
N LYS A 190 33.12 -8.75 -21.39
CA LYS A 190 32.35 -7.75 -22.14
C LYS A 190 31.03 -8.38 -22.49
N PRO A 191 30.01 -7.56 -22.70
CA PRO A 191 28.70 -8.10 -23.02
C PRO A 191 28.75 -8.91 -24.26
N SER A 192 27.97 -9.97 -24.24
CA SER A 192 27.84 -10.87 -25.36
C SER A 192 26.93 -10.24 -26.43
N PRO A 193 26.82 -10.90 -27.59
CA PRO A 193 25.89 -10.42 -28.62
C PRO A 193 24.51 -10.29 -28.01
N ARG A 194 24.23 -11.26 -27.16
CA ARG A 194 22.99 -11.34 -26.45
C ARG A 194 22.88 -10.23 -25.42
N GLY A 195 23.94 -9.45 -25.21
CA GLY A 195 23.89 -8.33 -24.29
C GLY A 195 24.02 -8.69 -22.81
N GLU A 196 24.67 -9.82 -22.49
CA GLU A 196 24.78 -10.20 -21.11
C GLU A 196 26.23 -10.46 -20.76
N LEU A 197 26.57 -10.30 -19.49
CA LEU A 197 27.82 -10.78 -19.00
C LEU A 197 27.52 -12.27 -18.53
N GLU A 198 27.95 -13.17 -19.39
CA GLU A 198 27.65 -14.52 -19.37
C GLU A 198 28.56 -15.36 -18.53
N ILE A 199 27.97 -16.11 -17.61
CA ILE A 199 28.73 -17.05 -16.81
C ILE A 199 29.37 -18.05 -17.70
N THR A 200 28.76 -18.29 -18.83
CA THR A 200 29.37 -19.23 -19.74
C THR A 200 30.71 -18.70 -20.13
N ASP A 201 30.87 -17.39 -20.28
CA ASP A 201 32.24 -16.93 -20.60
C ASP A 201 33.21 -17.13 -19.45
N VAL A 202 32.68 -17.05 -18.25
CA VAL A 202 33.51 -17.24 -17.09
C VAL A 202 33.99 -18.66 -17.13
N ASN A 203 33.08 -19.58 -17.37
CA ASN A 203 33.45 -20.98 -17.35
C ASN A 203 34.39 -21.34 -18.45
N ARG A 204 34.23 -20.69 -19.60
CA ARG A 204 35.14 -20.94 -20.70
C ARG A 204 36.53 -20.47 -20.34
N ALA A 205 36.62 -19.36 -19.62
CA ALA A 205 37.91 -18.84 -19.26
C ALA A 205 38.64 -19.89 -18.44
N TYR A 206 37.96 -20.55 -17.51
CA TYR A 206 38.65 -21.62 -16.76
C TYR A 206 39.00 -22.81 -17.68
N LEU A 207 38.14 -23.04 -18.66
CA LEU A 207 38.34 -24.22 -19.48
C LEU A 207 39.61 -23.97 -20.31
N GLU A 208 39.72 -22.75 -20.82
CA GLU A 208 40.87 -22.42 -21.63
C GLU A 208 42.17 -22.58 -20.87
N ARG A 209 42.13 -22.42 -19.56
CA ARG A 209 43.35 -22.66 -18.76
C ARG A 209 43.45 -24.11 -18.24
N GLY A 210 42.56 -25.00 -18.71
CA GLY A 210 42.56 -26.36 -18.19
C GLY A 210 42.18 -26.48 -16.74
N GLN A 211 41.40 -25.53 -16.21
CA GLN A 211 41.04 -25.62 -14.81
C GLN A 211 39.54 -25.68 -14.52
N LEU A 212 38.77 -26.10 -15.51
CA LEU A 212 37.35 -26.27 -15.31
C LEU A 212 37.05 -27.72 -15.14
N SER A 213 36.45 -28.10 -14.04
CA SER A 213 36.09 -29.47 -13.82
C SER A 213 34.58 -29.65 -14.07
N VAL A 214 34.23 -30.58 -14.93
CA VAL A 214 32.89 -30.78 -15.34
C VAL A 214 32.54 -32.17 -14.92
N GLU A 215 31.71 -32.31 -13.90
CA GLU A 215 31.27 -33.60 -13.45
C GLU A 215 29.90 -33.83 -14.01
N ILE A 216 29.61 -35.07 -14.36
CA ILE A 216 28.26 -35.45 -14.75
C ILE A 216 27.30 -35.58 -13.59
N MET A 217 26.11 -35.04 -13.76
CA MET A 217 25.05 -35.22 -12.77
C MET A 217 24.17 -36.16 -13.52
N GLY A 218 24.19 -37.41 -13.15
CA GLY A 218 23.47 -38.46 -13.82
C GLY A 218 21.95 -38.42 -13.80
N ARG A 219 21.36 -39.28 -14.61
CA ARG A 219 19.93 -39.33 -14.85
C ARG A 219 19.17 -39.64 -13.57
N GLY A 220 19.88 -40.22 -12.61
CA GLY A 220 19.36 -40.43 -11.27
C GLY A 220 19.02 -39.18 -10.48
N TYR A 221 19.64 -38.04 -10.75
CA TYR A 221 19.23 -36.88 -10.01
C TYR A 221 18.15 -36.15 -10.76
N ALA A 222 17.41 -35.30 -10.05
CA ALA A 222 16.47 -34.46 -10.68
C ALA A 222 17.03 -33.05 -10.71
N TRP A 223 16.99 -32.45 -11.90
CA TRP A 223 17.40 -31.07 -12.04
C TRP A 223 16.26 -30.38 -12.77
N LEU A 224 15.43 -29.63 -12.06
CA LEU A 224 14.29 -28.94 -12.70
C LEU A 224 14.51 -27.46 -12.72
N ASP A 225 13.87 -26.75 -13.65
CA ASP A 225 14.00 -25.30 -13.60
C ASP A 225 12.63 -24.64 -13.68
N THR A 226 12.41 -23.62 -12.87
CA THR A 226 11.07 -23.14 -12.79
C THR A 226 10.82 -22.04 -13.72
N GLY A 227 11.37 -22.15 -14.91
CA GLY A 227 11.30 -21.03 -15.81
C GLY A 227 9.98 -20.74 -16.47
N THR A 228 9.17 -21.76 -16.72
CA THR A 228 7.96 -21.56 -17.41
C THR A 228 6.82 -21.97 -16.59
N HIS A 229 5.65 -21.55 -16.99
CA HIS A 229 4.47 -21.96 -16.28
C HIS A 229 4.40 -23.49 -16.13
N ASP A 230 4.64 -24.22 -17.21
CA ASP A 230 4.55 -25.67 -17.14
C ASP A 230 5.62 -26.22 -16.26
N SER A 231 6.84 -25.83 -16.48
CA SER A 231 7.88 -26.49 -15.66
C SER A 231 7.66 -26.20 -14.18
N LEU A 232 7.10 -25.02 -13.85
CA LEU A 232 6.91 -24.64 -12.46
C LEU A 232 5.86 -25.50 -11.84
N LEU A 233 4.86 -25.83 -12.67
CA LEU A 233 3.78 -26.67 -12.25
C LEU A 233 4.28 -28.11 -12.06
N GLU A 234 5.07 -28.59 -13.01
CA GLU A 234 5.63 -29.93 -12.87
C GLU A 234 6.53 -30.01 -11.65
N ALA A 235 7.30 -28.98 -11.40
CA ALA A 235 8.18 -29.04 -10.25
C ALA A 235 7.36 -29.19 -8.97
N GLY A 236 6.25 -28.46 -8.93
CA GLY A 236 5.39 -28.53 -7.76
C GLY A 236 4.84 -29.93 -7.55
N GLN A 237 4.43 -30.60 -8.62
CA GLN A 237 3.83 -31.94 -8.48
C GLN A 237 4.90 -32.92 -8.08
N PHE A 238 6.11 -32.65 -8.54
CA PHE A 238 7.20 -33.55 -8.28
C PHE A 238 7.52 -33.49 -6.80
N ILE A 239 7.66 -32.28 -6.25
CA ILE A 239 7.89 -32.19 -4.83
C ILE A 239 6.75 -32.77 -4.03
N ALA A 240 5.52 -32.55 -4.39
CA ALA A 240 4.45 -33.06 -3.56
C ALA A 240 4.46 -34.61 -3.52
N THR A 241 4.74 -35.21 -4.64
CA THR A 241 4.75 -36.63 -4.67
C THR A 241 5.82 -37.12 -3.72
N LEU A 242 6.97 -36.50 -3.74
CA LEU A 242 7.99 -37.01 -2.84
C LEU A 242 7.52 -36.80 -1.42
N GLU A 243 7.01 -35.63 -1.15
CA GLU A 243 6.68 -35.32 0.24
C GLU A 243 5.48 -36.15 0.71
N ASN A 244 4.50 -36.38 -0.11
CA ASN A 244 3.37 -37.15 0.39
C ASN A 244 3.63 -38.67 0.48
N ARG A 245 4.67 -39.14 -0.17
CA ARG A 245 4.99 -40.53 -0.05
C ARG A 245 5.84 -40.76 1.17
N GLN A 246 6.81 -39.89 1.38
CA GLN A 246 7.79 -40.11 2.44
C GLN A 246 7.45 -39.63 3.84
N GLY A 247 6.61 -38.59 3.90
CA GLY A 247 6.39 -37.89 5.15
C GLY A 247 7.65 -37.10 5.51
N LEU A 248 8.56 -36.87 4.57
CA LEU A 248 9.71 -35.99 4.81
C LEU A 248 9.57 -34.85 3.90
N LYS A 249 10.17 -33.73 4.22
CA LYS A 249 9.93 -32.56 3.39
C LYS A 249 11.18 -32.22 2.67
N VAL A 250 11.09 -31.64 1.48
CA VAL A 250 12.29 -31.30 0.71
C VAL A 250 12.65 -29.83 0.88
N ALA A 251 13.96 -29.60 1.07
CA ALA A 251 14.48 -28.24 1.19
C ALA A 251 13.80 -27.44 2.27
N CYS A 252 13.78 -27.99 3.43
CA CYS A 252 13.25 -27.28 4.58
C CYS A 252 14.48 -26.82 5.40
N PRO A 253 14.81 -25.55 5.31
CA PRO A 253 16.06 -25.05 5.93
C PRO A 253 16.19 -25.29 7.40
N GLU A 254 15.11 -25.27 8.15
CA GLU A 254 15.24 -25.54 9.56
C GLU A 254 15.83 -26.96 9.78
N GLU A 255 15.26 -27.91 9.06
CA GLU A 255 15.67 -29.28 9.23
C GLU A 255 17.15 -29.44 8.89
N ILE A 256 17.55 -28.75 7.86
CA ILE A 256 18.87 -28.98 7.38
C ILE A 256 19.78 -28.32 8.35
N ALA A 257 19.37 -27.18 8.84
CA ALA A 257 20.22 -26.54 9.80
C ALA A 257 20.37 -27.47 10.95
N TYR A 258 19.26 -28.01 11.42
CA TYR A 258 19.32 -28.84 12.59
C TYR A 258 20.20 -30.06 12.32
N ARG A 259 20.09 -30.64 11.13
CA ARG A 259 20.82 -31.89 10.92
C ARG A 259 22.29 -31.60 10.80
N GLN A 260 22.63 -30.40 10.34
CA GLN A 260 24.03 -30.03 10.28
C GLN A 260 24.50 -29.52 11.64
N LYS A 261 23.64 -29.49 12.62
CA LYS A 261 24.08 -29.00 13.92
C LYS A 261 24.35 -27.51 13.94
N TRP A 262 23.81 -26.74 12.98
CA TRP A 262 24.01 -25.27 12.98
C TRP A 262 23.01 -24.62 13.96
N ILE A 263 21.99 -25.36 14.36
CA ILE A 263 21.10 -24.92 15.41
C ILE A 263 20.83 -26.14 16.27
N ASP A 264 20.45 -25.96 17.51
CA ASP A 264 20.20 -27.15 18.32
C ASP A 264 18.70 -27.40 18.45
N ALA A 265 18.36 -28.38 19.30
CA ALA A 265 16.97 -28.81 19.49
C ALA A 265 16.13 -27.71 20.04
N ALA A 266 16.63 -27.00 21.02
CA ALA A 266 15.87 -25.90 21.59
C ALA A 266 15.57 -24.84 20.51
N GLN A 267 16.51 -24.55 19.64
CA GLN A 267 16.25 -23.53 18.63
C GLN A 267 15.20 -24.01 17.64
N LEU A 268 15.27 -25.30 17.33
CA LEU A 268 14.33 -25.83 16.37
C LEU A 268 13.01 -25.77 17.01
N GLU A 269 12.95 -26.16 18.27
CA GLU A 269 11.69 -26.16 18.94
C GLU A 269 11.09 -24.77 18.79
N LYS A 270 11.90 -23.78 19.03
CA LYS A 270 11.41 -22.42 19.01
C LYS A 270 11.03 -21.99 17.59
N LEU A 271 11.65 -22.55 16.57
CA LEU A 271 11.26 -22.17 15.23
C LEU A 271 9.92 -22.74 14.92
N ALA A 272 9.58 -23.84 15.58
CA ALA A 272 8.32 -24.56 15.33
C ALA A 272 7.09 -23.88 15.91
N ALA A 273 7.21 -23.33 17.08
CA ALA A 273 6.05 -22.79 17.75
C ALA A 273 5.12 -21.94 16.87
N PRO A 274 5.65 -20.84 16.35
CA PRO A 274 4.85 -19.91 15.52
C PRO A 274 4.20 -20.56 14.32
N LEU A 275 4.80 -21.66 13.89
CA LEU A 275 4.30 -22.39 12.74
C LEU A 275 3.50 -23.62 13.19
N ALA A 276 3.24 -23.80 14.50
CA ALA A 276 2.59 -25.05 15.01
C ALA A 276 1.16 -25.38 14.56
N LYS A 277 0.39 -24.35 14.19
CA LYS A 277 -1.00 -24.55 13.80
C LYS A 277 -1.11 -25.28 12.49
N ASN A 278 -0.04 -25.26 11.69
CA ASN A 278 -0.08 -25.86 10.35
C ASN A 278 0.95 -26.96 10.18
N GLY A 279 0.80 -27.71 9.09
CA GLY A 279 1.60 -28.90 8.81
C GLY A 279 3.11 -28.69 8.89
N TYR A 280 3.58 -27.52 8.47
CA TYR A 280 5.01 -27.28 8.40
C TYR A 280 5.57 -27.24 9.80
N GLY A 281 4.95 -26.56 10.73
CA GLY A 281 5.43 -26.54 12.09
C GLY A 281 5.34 -27.92 12.68
N GLN A 282 4.21 -28.56 12.47
CA GLN A 282 4.01 -29.89 13.01
C GLN A 282 5.18 -30.78 12.54
N TYR A 283 5.58 -30.64 11.28
CA TYR A 283 6.70 -31.43 10.78
C TYR A 283 7.97 -31.08 11.57
N LEU A 284 8.26 -29.79 11.74
CA LEU A 284 9.45 -29.41 12.45
C LEU A 284 9.41 -30.00 13.81
N LYS A 285 8.28 -30.03 14.51
CA LYS A 285 8.28 -30.65 15.81
C LYS A 285 8.63 -32.13 15.74
N ARG A 286 8.01 -32.81 14.80
CA ARG A 286 8.15 -34.24 14.78
C ARG A 286 9.60 -34.62 14.60
N LEU A 287 10.35 -33.78 13.88
CA LEU A 287 11.78 -34.06 13.74
C LEU A 287 12.52 -34.13 15.10
N LEU A 288 12.02 -33.51 16.16
CA LEU A 288 12.73 -33.54 17.42
C LEU A 288 12.60 -34.89 18.09
N THR A 289 11.62 -35.69 17.65
CA THR A 289 11.37 -36.97 18.30
C THR A 289 11.43 -38.18 17.46
N GLU A 290 11.94 -38.06 16.24
CA GLU A 290 12.04 -39.20 15.35
C GLU A 290 13.44 -39.23 14.89
N THR A 291 14.02 -40.40 14.82
CA THR A 291 15.31 -40.49 14.17
C THR A 291 15.11 -40.77 12.68
N VAL A 292 15.73 -39.99 11.81
CA VAL A 292 15.57 -40.17 10.38
C VAL A 292 16.89 -40.50 9.82
N TYR A 293 17.05 -41.67 9.22
CA TYR A 293 18.33 -42.04 8.69
C TYR A 293 18.57 -41.35 7.36
N LYS B 2 -27.40 -2.04 -12.09
CA LYS B 2 -26.10 -1.61 -11.47
C LYS B 2 -25.68 -2.29 -10.15
N ARG B 3 -24.78 -3.23 -10.16
CA ARG B 3 -24.34 -3.87 -8.93
C ARG B 3 -22.89 -3.62 -8.73
N LYS B 4 -22.48 -3.34 -7.50
CA LYS B 4 -21.11 -3.11 -7.15
C LYS B 4 -20.52 -4.36 -6.53
N GLY B 5 -19.27 -4.68 -6.81
CA GLY B 5 -18.69 -5.90 -6.30
C GLY B 5 -17.48 -5.76 -5.39
N ILE B 6 -17.30 -6.79 -4.58
CA ILE B 6 -16.25 -6.80 -3.61
C ILE B 6 -15.40 -8.09 -3.70
N ILE B 7 -14.08 -7.94 -3.67
CA ILE B 7 -13.24 -9.13 -3.64
C ILE B 7 -12.51 -9.10 -2.31
N LEU B 8 -12.77 -10.11 -1.49
CA LEU B 8 -12.21 -10.12 -0.19
C LEU B 8 -10.96 -10.90 -0.31
N ALA B 9 -9.84 -10.23 -0.44
CA ALA B 9 -8.58 -10.94 -0.69
C ALA B 9 -7.54 -10.75 0.42
N GLY B 10 -7.97 -10.81 1.67
CA GLY B 10 -7.04 -10.73 2.76
C GLY B 10 -6.81 -12.13 3.32
N GLY B 11 -6.98 -12.27 4.61
CA GLY B 11 -6.73 -13.52 5.27
C GLY B 11 -5.26 -13.59 5.66
N SER B 12 -4.93 -14.57 6.47
CA SER B 12 -3.53 -14.79 6.78
C SER B 12 -2.96 -16.04 6.03
N GLY B 13 -3.87 -16.89 5.57
CA GLY B 13 -3.50 -18.09 4.83
C GLY B 13 -2.48 -18.95 5.48
N THR B 14 -2.73 -19.31 6.76
CA THR B 14 -1.76 -20.03 7.59
C THR B 14 -1.71 -21.46 7.04
N ARG B 15 -2.86 -21.92 6.67
CA ARG B 15 -2.91 -23.25 6.10
C ARG B 15 -1.84 -23.36 4.96
N LEU B 16 -1.38 -22.22 4.38
CA LEU B 16 -0.36 -22.31 3.33
C LEU B 16 1.05 -22.01 3.78
N HIS B 17 1.27 -21.74 5.05
CA HIS B 17 2.62 -21.44 5.47
C HIS B 17 3.57 -22.58 4.97
N PRO B 18 4.85 -22.28 4.81
CA PRO B 18 5.40 -20.91 4.89
C PRO B 18 5.33 -20.19 3.56
N ALA B 19 4.79 -20.82 2.52
CA ALA B 19 4.73 -20.18 1.19
C ALA B 19 4.06 -18.88 1.27
N THR B 20 3.08 -18.75 2.11
CA THR B 20 2.48 -17.46 2.13
C THR B 20 3.09 -16.55 3.17
N LEU B 21 4.28 -16.84 3.64
CA LEU B 21 4.82 -15.88 4.58
C LEU B 21 5.34 -14.77 3.71
N ALA B 22 5.63 -15.16 2.49
CA ALA B 22 6.30 -14.34 1.52
C ALA B 22 5.37 -13.50 0.57
N ILE B 23 4.14 -13.97 0.32
CA ILE B 23 3.25 -13.31 -0.54
C ILE B 23 1.79 -13.72 -0.17
N SER B 24 0.85 -12.76 0.01
CA SER B 24 -0.54 -13.12 0.20
C SER B 24 -0.91 -14.25 -0.75
N LYS B 25 -1.75 -15.12 -0.28
CA LYS B 25 -2.22 -16.20 -1.09
C LYS B 25 -2.87 -15.70 -2.38
N GLN B 26 -3.57 -14.56 -2.34
CA GLN B 26 -4.23 -14.14 -3.57
C GLN B 26 -3.25 -13.57 -4.59
N LEU B 27 -1.95 -13.51 -4.33
CA LEU B 27 -1.04 -13.06 -5.38
C LEU B 27 -0.34 -14.22 -6.07
N LEU B 28 -0.40 -15.39 -5.44
CA LEU B 28 0.31 -16.57 -5.97
C LEU B 28 -0.40 -16.93 -7.22
N PRO B 29 0.32 -17.57 -8.10
CA PRO B 29 -0.19 -17.94 -9.41
C PRO B 29 -1.01 -19.17 -9.37
N VAL B 30 -2.09 -19.25 -10.16
CA VAL B 30 -2.73 -20.49 -10.41
C VAL B 30 -2.36 -20.71 -11.87
N TYR B 31 -1.39 -21.59 -12.04
CA TYR B 31 -0.80 -21.93 -13.30
C TYR B 31 -0.11 -20.74 -13.88
N ASP B 32 -0.82 -19.89 -14.56
CA ASP B 32 -0.14 -18.88 -15.31
C ASP B 32 -0.52 -17.48 -15.01
N LYS B 33 -1.36 -17.24 -14.03
CA LYS B 33 -1.73 -15.87 -13.71
C LYS B 33 -2.03 -15.71 -12.24
N PRO B 34 -1.99 -14.51 -11.69
CA PRO B 34 -2.18 -14.35 -10.25
C PRO B 34 -3.60 -14.81 -9.85
N MET B 35 -3.65 -15.51 -8.74
CA MET B 35 -4.89 -16.04 -8.26
C MET B 35 -6.05 -15.04 -8.34
N ILE B 36 -5.81 -13.80 -7.99
CA ILE B 36 -6.92 -12.89 -7.92
C ILE B 36 -7.51 -12.65 -9.26
N TYR B 37 -6.81 -12.97 -10.34
CA TYR B 37 -7.45 -12.70 -11.63
C TYR B 37 -8.69 -13.49 -11.76
N TYR B 38 -8.71 -14.67 -11.11
CA TYR B 38 -9.89 -15.58 -11.23
C TYR B 38 -11.26 -14.99 -10.77
N PRO B 39 -11.36 -14.61 -9.51
CA PRO B 39 -12.54 -13.96 -8.95
C PRO B 39 -12.74 -12.63 -9.56
N LEU B 40 -11.69 -11.87 -9.85
CA LEU B 40 -11.90 -10.69 -10.62
C LEU B 40 -12.67 -11.02 -11.88
N SER B 41 -12.25 -12.03 -12.61
CA SER B 41 -12.97 -12.33 -13.83
C SER B 41 -14.40 -12.79 -13.58
N THR B 42 -14.66 -13.29 -12.42
CA THR B 42 -15.99 -13.78 -12.12
C THR B 42 -16.94 -12.62 -11.97
N LEU B 43 -16.55 -11.61 -11.22
CA LEU B 43 -17.34 -10.41 -11.15
C LEU B 43 -17.45 -9.80 -12.52
N MET B 44 -16.38 -9.80 -13.26
CA MET B 44 -16.46 -9.19 -14.57
C MET B 44 -17.51 -9.88 -15.42
N LEU B 45 -17.58 -11.22 -15.35
CA LEU B 45 -18.60 -11.90 -16.15
C LEU B 45 -20.01 -11.68 -15.63
N ALA B 46 -20.17 -11.21 -14.43
CA ALA B 46 -21.48 -10.96 -13.92
C ALA B 46 -21.86 -9.52 -14.23
N GLY B 47 -21.14 -8.96 -15.17
CA GLY B 47 -21.40 -7.60 -15.57
C GLY B 47 -21.04 -6.55 -14.55
N ILE B 48 -20.19 -6.84 -13.57
CA ILE B 48 -19.83 -5.81 -12.61
C ILE B 48 -18.53 -5.12 -12.93
N ARG B 49 -18.53 -3.80 -13.05
CA ARG B 49 -17.34 -3.03 -13.52
C ARG B 49 -16.69 -2.21 -12.47
N GLU B 50 -17.42 -2.05 -11.37
CA GLU B 50 -16.96 -1.25 -10.31
C GLU B 50 -16.73 -2.10 -9.10
N ILE B 51 -15.48 -2.20 -8.69
CA ILE B 51 -15.07 -3.22 -7.72
C ILE B 51 -14.15 -2.82 -6.65
N LEU B 52 -14.40 -3.30 -5.44
CA LEU B 52 -13.58 -2.90 -4.29
C LEU B 52 -12.79 -4.05 -3.82
N ILE B 53 -11.50 -3.86 -3.69
CA ILE B 53 -10.63 -4.96 -3.32
C ILE B 53 -10.12 -4.78 -1.93
N ILE B 54 -10.41 -5.74 -1.08
CA ILE B 54 -10.00 -5.68 0.28
C ILE B 54 -8.89 -6.65 0.61
N SER B 55 -7.91 -6.18 1.35
CA SER B 55 -6.84 -7.01 1.73
C SER B 55 -6.15 -6.54 3.05
N THR B 56 -5.09 -7.21 3.44
CA THR B 56 -4.39 -6.86 4.64
C THR B 56 -3.72 -5.55 4.38
N PRO B 57 -3.28 -4.91 5.44
CA PRO B 57 -2.61 -3.63 5.30
C PRO B 57 -1.33 -3.77 4.50
N GLN B 58 -0.58 -4.81 4.83
CA GLN B 58 0.64 -4.98 4.04
C GLN B 58 0.45 -5.44 2.58
N ASP B 59 -0.59 -6.17 2.22
CA ASP B 59 -0.70 -6.63 0.85
C ASP B 59 -1.51 -5.69 -0.07
N THR B 60 -2.33 -4.83 0.51
CA THR B 60 -3.10 -3.94 -0.34
C THR B 60 -2.24 -3.23 -1.37
N PRO B 61 -1.17 -2.64 -0.96
CA PRO B 61 -0.32 -1.92 -1.89
C PRO B 61 0.05 -2.77 -3.05
N ARG B 62 0.32 -4.02 -2.77
CA ARG B 62 0.72 -4.88 -3.85
C ARG B 62 -0.33 -5.16 -4.84
N PHE B 63 -1.58 -5.34 -4.38
CA PHE B 63 -2.69 -5.48 -5.31
C PHE B 63 -2.77 -4.23 -6.16
N GLN B 64 -2.61 -3.07 -5.53
CA GLN B 64 -2.69 -1.80 -6.27
C GLN B 64 -1.74 -1.83 -7.41
N GLN B 65 -0.56 -2.33 -7.11
CA GLN B 65 0.56 -2.29 -8.05
C GLN B 65 0.25 -3.23 -9.16
N LEU B 66 -0.51 -4.24 -8.83
CA LEU B 66 -0.78 -5.23 -9.81
C LEU B 66 -1.89 -4.84 -10.74
N LEU B 67 -2.95 -4.25 -10.19
CA LEU B 67 -4.18 -3.98 -10.92
C LEU B 67 -4.45 -2.52 -11.22
N GLY B 68 -3.77 -1.63 -10.52
CA GLY B 68 -3.99 -0.22 -10.77
C GLY B 68 -5.44 0.15 -10.46
N ASP B 69 -5.94 1.18 -11.13
CA ASP B 69 -7.27 1.65 -10.88
C ASP B 69 -8.27 0.93 -11.79
N GLY B 70 -7.79 0.09 -12.70
CA GLY B 70 -8.70 -0.69 -13.52
C GLY B 70 -9.03 -0.05 -14.83
N SER B 71 -8.58 1.16 -15.05
CA SER B 71 -9.01 1.91 -16.22
C SER B 71 -8.54 1.25 -17.49
N ASN B 72 -7.37 0.68 -17.44
CA ASN B 72 -6.85 -0.02 -18.60
C ASN B 72 -7.72 -1.19 -19.04
N TRP B 73 -8.52 -1.76 -18.14
CA TRP B 73 -9.42 -2.86 -18.50
C TRP B 73 -10.85 -2.42 -18.52
N GLY B 74 -11.09 -1.12 -18.57
CA GLY B 74 -12.46 -0.63 -18.51
C GLY B 74 -13.14 -0.74 -17.14
N LEU B 75 -12.37 -1.10 -16.13
CA LEU B 75 -12.92 -1.28 -14.77
C LEU B 75 -12.65 -0.04 -13.90
N ASP B 76 -13.33 0.03 -12.77
CA ASP B 76 -13.14 1.08 -11.80
C ASP B 76 -12.80 0.39 -10.51
N LEU B 77 -11.53 0.12 -10.26
CA LEU B 77 -11.11 -0.57 -9.07
C LEU B 77 -10.80 0.35 -7.93
N GLN B 78 -11.15 0.00 -6.74
CA GLN B 78 -10.77 0.73 -5.56
C GLN B 78 -10.24 -0.25 -4.51
N TYR B 79 -9.63 0.25 -3.45
CA TYR B 79 -9.02 -0.60 -2.46
C TYR B 79 -9.32 -0.15 -1.03
N ALA B 80 -9.36 -1.10 -0.11
CA ALA B 80 -9.47 -0.83 1.30
C ALA B 80 -8.81 -1.93 2.08
N VAL B 81 -8.44 -1.60 3.30
CA VAL B 81 -7.77 -2.51 4.13
C VAL B 81 -8.64 -3.10 5.20
N GLN B 82 -8.39 -4.36 5.53
CA GLN B 82 -9.06 -5.02 6.60
C GLN B 82 -7.97 -5.24 7.59
N PRO B 83 -7.99 -4.48 8.65
CA PRO B 83 -6.93 -4.51 9.69
C PRO B 83 -6.63 -5.91 10.23
N SER B 84 -7.66 -6.71 10.34
CA SER B 84 -7.54 -8.10 10.77
C SER B 84 -8.62 -9.05 10.23
N PRO B 85 -8.28 -10.32 10.09
CA PRO B 85 -9.22 -11.23 9.42
C PRO B 85 -10.31 -11.66 10.33
N ASP B 86 -11.21 -10.73 10.67
CA ASP B 86 -12.23 -11.02 11.65
C ASP B 86 -13.55 -11.54 11.13
N GLY B 87 -13.62 -11.91 9.85
CA GLY B 87 -14.83 -12.52 9.31
C GLY B 87 -15.18 -11.97 7.93
N LEU B 88 -15.68 -12.83 7.06
CA LEU B 88 -16.08 -12.42 5.74
C LEU B 88 -17.16 -11.32 5.78
N ALA B 89 -18.07 -11.35 6.75
CA ALA B 89 -19.03 -10.30 6.81
C ALA B 89 -18.45 -8.91 6.98
N GLN B 90 -17.23 -8.78 7.48
CA GLN B 90 -16.66 -7.46 7.67
C GLN B 90 -16.57 -6.81 6.32
N ALA B 91 -16.55 -7.61 5.27
CA ALA B 91 -16.52 -7.02 3.93
C ALA B 91 -17.56 -5.89 3.84
N PHE B 92 -18.75 -6.15 4.37
CA PHE B 92 -19.84 -5.23 4.29
C PHE B 92 -19.70 -4.04 5.20
N LEU B 93 -18.94 -4.15 6.27
CA LEU B 93 -18.68 -2.97 7.10
C LEU B 93 -17.62 -2.14 6.45
N ILE B 94 -16.50 -2.76 6.12
CA ILE B 94 -15.46 -2.03 5.43
C ILE B 94 -15.97 -1.47 4.12
N GLY B 95 -16.90 -2.15 3.49
CA GLY B 95 -17.35 -1.73 2.15
C GLY B 95 -18.61 -0.87 2.17
N GLU B 96 -19.06 -0.54 3.38
CA GLU B 96 -20.29 0.18 3.49
C GLU B 96 -20.43 1.42 2.55
N SER B 97 -19.47 2.31 2.61
CA SER B 97 -19.58 3.49 1.87
C SER B 97 -19.31 3.21 0.39
N PHE B 98 -18.46 2.25 0.09
CA PHE B 98 -18.26 1.90 -1.30
C PHE B 98 -19.58 1.46 -1.88
N ILE B 99 -20.35 0.70 -1.10
CA ILE B 99 -21.62 0.19 -1.55
C ILE B 99 -22.66 1.24 -1.70
N GLY B 100 -22.75 2.17 -0.77
CA GLY B 100 -23.78 3.18 -0.88
C GLY B 100 -25.11 2.48 -0.84
N ASN B 101 -25.97 2.85 -1.76
CA ASN B 101 -27.29 2.33 -1.92
C ASN B 101 -27.46 1.41 -3.09
N ASP B 102 -26.40 0.73 -3.49
CA ASP B 102 -26.54 -0.18 -4.58
C ASP B 102 -26.65 -1.68 -4.24
N LEU B 103 -27.09 -2.48 -5.20
CA LEU B 103 -26.98 -3.91 -5.16
C LEU B 103 -25.52 -4.23 -5.05
N SER B 104 -25.15 -5.33 -4.43
CA SER B 104 -23.73 -5.68 -4.33
C SER B 104 -23.47 -7.15 -4.50
N ALA B 105 -22.18 -7.49 -4.62
CA ALA B 105 -21.74 -8.85 -4.74
C ALA B 105 -20.42 -9.05 -4.02
N LEU B 106 -20.26 -10.20 -3.38
CA LEU B 106 -19.01 -10.46 -2.74
C LEU B 106 -18.37 -11.74 -3.29
N VAL B 107 -17.09 -11.72 -3.60
CA VAL B 107 -16.47 -12.98 -4.01
C VAL B 107 -15.18 -13.18 -3.23
N LEU B 108 -14.93 -14.41 -2.79
CA LEU B 108 -13.66 -14.65 -2.03
C LEU B 108 -12.50 -14.71 -2.98
N GLY B 109 -11.44 -14.08 -2.61
CA GLY B 109 -10.26 -14.05 -3.46
C GLY B 109 -9.58 -15.37 -3.77
N ASP B 110 -9.85 -16.42 -3.04
CA ASP B 110 -9.15 -17.67 -3.39
C ASP B 110 -10.11 -18.70 -3.95
N ASN B 111 -11.24 -18.21 -4.44
CA ASN B 111 -12.20 -19.04 -5.14
C ASN B 111 -12.09 -18.94 -6.64
N LEU B 112 -12.21 -20.06 -7.28
CA LEU B 112 -12.04 -20.20 -8.68
C LEU B 112 -13.14 -21.05 -9.20
N TYR B 113 -13.92 -20.48 -10.14
CA TYR B 113 -15.05 -21.12 -10.80
C TYR B 113 -14.78 -21.33 -12.27
N TYR B 114 -15.41 -22.33 -12.87
CA TYR B 114 -15.26 -22.59 -14.27
C TYR B 114 -16.34 -23.51 -14.77
N GLY B 115 -16.87 -23.18 -15.95
CA GLY B 115 -17.91 -24.00 -16.50
C GLY B 115 -18.81 -23.42 -17.53
N HIS B 116 -19.28 -24.28 -18.41
CA HIS B 116 -20.14 -23.88 -19.47
C HIS B 116 -21.42 -23.22 -18.96
N ASP B 117 -21.75 -22.11 -19.56
CA ASP B 117 -22.89 -21.29 -19.17
C ASP B 117 -22.73 -20.65 -17.82
N PHE B 118 -21.51 -20.60 -17.32
CA PHE B 118 -21.29 -20.03 -16.04
C PHE B 118 -21.74 -18.57 -16.08
N HIS B 119 -21.55 -17.95 -17.23
CA HIS B 119 -21.88 -16.57 -17.31
C HIS B 119 -23.38 -16.35 -17.33
N GLU B 120 -24.18 -17.32 -17.77
CA GLU B 120 -25.62 -17.21 -17.67
C GLU B 120 -26.09 -17.39 -16.22
N LEU B 121 -25.37 -18.21 -15.46
CA LEU B 121 -25.73 -18.46 -14.08
C LEU B 121 -25.48 -17.18 -13.33
N LEU B 122 -24.37 -16.54 -13.61
CA LEU B 122 -24.07 -15.29 -12.95
C LEU B 122 -25.10 -14.23 -13.28
N GLY B 123 -25.45 -14.13 -14.56
CA GLY B 123 -26.41 -13.14 -15.00
C GLY B 123 -27.74 -13.25 -14.30
N SER B 124 -28.27 -14.46 -14.21
CA SER B 124 -29.54 -14.64 -13.57
C SER B 124 -29.45 -14.03 -12.21
N ALA B 125 -28.38 -14.29 -11.46
CA ALA B 125 -28.38 -13.85 -10.07
C ALA B 125 -28.14 -12.38 -9.99
N SER B 126 -27.26 -11.90 -10.83
CA SER B 126 -26.92 -10.51 -10.76
C SER B 126 -28.09 -9.66 -11.15
N GLN B 127 -29.13 -10.24 -11.73
CA GLN B 127 -30.27 -9.41 -12.12
C GLN B 127 -31.40 -9.47 -11.13
N ARG B 128 -31.43 -10.39 -10.19
CA ARG B 128 -32.47 -10.29 -9.21
C ARG B 128 -32.28 -8.90 -8.66
N GLN B 129 -33.34 -8.17 -8.37
CA GLN B 129 -33.13 -6.90 -7.69
C GLN B 129 -33.53 -6.90 -6.23
N THR B 130 -33.55 -8.08 -5.59
CA THR B 130 -34.08 -8.22 -4.27
C THR B 130 -33.56 -9.47 -3.60
N GLY B 131 -33.55 -9.50 -2.28
CA GLY B 131 -33.09 -10.67 -1.58
C GLY B 131 -31.61 -10.99 -1.78
N ALA B 132 -31.25 -12.21 -1.41
CA ALA B 132 -29.89 -12.66 -1.63
C ALA B 132 -29.81 -13.89 -2.44
N SER B 133 -28.74 -14.02 -3.21
CA SER B 133 -28.55 -15.29 -3.95
C SER B 133 -27.19 -15.92 -3.67
N VAL B 134 -27.22 -17.20 -3.40
CA VAL B 134 -26.00 -17.97 -3.23
C VAL B 134 -26.11 -19.30 -3.97
N PHE B 135 -25.02 -20.04 -4.00
CA PHE B 135 -24.90 -21.28 -4.78
C PHE B 135 -24.44 -22.46 -3.92
N ALA B 136 -25.08 -23.62 -4.11
CA ALA B 136 -24.75 -24.82 -3.37
C ALA B 136 -24.03 -25.78 -4.28
N TYR B 137 -22.95 -26.40 -3.81
CA TYR B 137 -22.13 -27.24 -4.69
C TYR B 137 -21.75 -28.44 -3.91
N HIS B 138 -22.05 -29.61 -4.46
CA HIS B 138 -21.75 -30.85 -3.80
C HIS B 138 -20.24 -31.02 -3.67
N VAL B 139 -19.77 -31.34 -2.47
CA VAL B 139 -18.32 -31.52 -2.24
C VAL B 139 -18.10 -32.66 -1.32
N LEU B 140 -16.85 -33.10 -1.24
CA LEU B 140 -16.46 -34.27 -0.44
C LEU B 140 -16.42 -33.92 1.04
N ASP B 141 -15.93 -32.71 1.34
CA ASP B 141 -15.68 -32.22 2.73
C ASP B 141 -16.56 -31.02 3.17
N PRO B 142 -17.88 -31.19 3.17
CA PRO B 142 -18.78 -30.09 3.53
C PRO B 142 -18.41 -29.43 4.86
N GLU B 143 -17.83 -30.20 5.74
CA GLU B 143 -17.46 -29.72 7.07
C GLU B 143 -16.51 -28.58 7.06
N ARG B 144 -15.86 -28.32 5.94
CA ARG B 144 -14.96 -27.20 5.90
C ARG B 144 -15.66 -25.91 5.44
N TYR B 145 -16.98 -25.90 5.23
CA TYR B 145 -17.66 -24.72 4.71
C TYR B 145 -18.98 -24.39 5.38
N GLY B 146 -19.68 -23.44 4.81
CA GLY B 146 -21.05 -23.20 5.20
C GLY B 146 -21.84 -24.31 4.55
N VAL B 147 -22.68 -25.01 5.28
CA VAL B 147 -23.43 -26.12 4.66
C VAL B 147 -24.91 -25.82 4.62
N VAL B 148 -25.56 -26.18 3.52
CA VAL B 148 -26.98 -25.89 3.40
C VAL B 148 -27.77 -27.18 3.31
N GLU B 149 -28.82 -27.28 4.08
CA GLU B 149 -29.67 -28.46 4.11
C GLU B 149 -30.92 -28.23 3.28
N PHE B 150 -31.36 -29.23 2.56
CA PHE B 150 -32.62 -29.09 1.83
C PHE B 150 -33.63 -30.07 2.39
N ASP B 151 -34.90 -29.70 2.28
CA ASP B 151 -36.00 -30.63 2.53
C ASP B 151 -36.25 -31.48 1.29
N GLN B 152 -37.21 -32.37 1.34
CA GLN B 152 -37.44 -33.35 0.29
C GLN B 152 -37.99 -32.69 -0.94
N GLY B 153 -38.50 -31.51 -0.74
CA GLY B 153 -38.93 -30.71 -1.88
C GLY B 153 -37.76 -29.92 -2.45
N GLY B 154 -36.56 -30.11 -1.95
CA GLY B 154 -35.39 -29.39 -2.46
C GLY B 154 -35.32 -27.91 -2.06
N LYS B 155 -36.04 -27.57 -1.02
CA LYS B 155 -36.03 -26.20 -0.51
C LYS B 155 -35.08 -26.01 0.68
N ALA B 156 -34.27 -24.97 0.61
CA ALA B 156 -33.27 -24.69 1.60
C ALA B 156 -33.91 -24.47 2.96
N ILE B 157 -33.52 -25.19 4.00
CA ILE B 157 -34.13 -24.95 5.30
C ILE B 157 -33.19 -24.72 6.48
N SER B 158 -31.88 -24.84 6.29
CA SER B 158 -30.96 -24.52 7.36
C SER B 158 -29.58 -24.32 6.80
N LEU B 159 -28.77 -23.59 7.54
CA LEU B 159 -27.42 -23.27 7.14
C LEU B 159 -26.52 -23.35 8.40
N GLU B 160 -25.38 -24.05 8.36
CA GLU B 160 -24.43 -24.09 9.47
C GLU B 160 -23.06 -23.88 8.94
N GLU B 161 -22.22 -23.20 9.71
CA GLU B 161 -20.87 -22.93 9.32
C GLU B 161 -19.98 -23.95 9.92
N LYS B 162 -19.13 -24.57 9.11
CA LYS B 162 -18.21 -25.63 9.56
C LYS B 162 -18.75 -26.55 10.63
N PRO B 163 -19.85 -27.23 10.36
CA PRO B 163 -20.40 -28.21 11.28
C PRO B 163 -19.59 -29.48 11.39
N LEU B 164 -19.39 -29.98 12.60
CA LEU B 164 -18.72 -31.25 12.76
C LEU B 164 -19.51 -32.32 12.06
N GLU B 165 -20.83 -32.22 12.05
CA GLU B 165 -21.70 -33.27 11.47
C GLU B 165 -22.62 -32.64 10.41
N PRO B 166 -22.06 -32.35 9.26
CA PRO B 166 -22.82 -31.67 8.19
C PRO B 166 -24.13 -32.38 7.92
N LYS B 167 -25.19 -31.61 7.74
CA LYS B 167 -26.51 -32.15 7.39
C LYS B 167 -26.64 -32.45 5.89
N SER B 168 -25.68 -32.08 5.07
CA SER B 168 -25.71 -32.52 3.68
C SER B 168 -24.36 -32.40 3.11
N ASN B 169 -24.22 -32.63 1.82
CA ASN B 169 -22.95 -32.45 1.23
C ASN B 169 -22.88 -31.21 0.41
N TYR B 170 -23.83 -30.31 0.56
CA TYR B 170 -23.80 -29.10 -0.29
C TYR B 170 -23.17 -27.91 0.45
N ALA B 171 -22.04 -27.45 0.00
CA ALA B 171 -21.44 -26.25 0.54
C ALA B 171 -21.97 -25.00 -0.19
N VAL B 172 -22.11 -23.91 0.55
CA VAL B 172 -22.49 -22.63 -0.05
C VAL B 172 -21.17 -22.12 -0.58
N THR B 173 -21.04 -21.77 -1.85
CA THR B 173 -19.69 -21.35 -2.27
C THR B 173 -19.36 -19.94 -1.90
N GLY B 174 -18.21 -19.47 -2.34
CA GLY B 174 -17.82 -18.12 -1.94
C GLY B 174 -18.15 -17.05 -2.94
N LEU B 175 -19.40 -17.03 -3.37
CA LEU B 175 -19.87 -16.04 -4.32
C LEU B 175 -21.20 -15.60 -3.80
N TYR B 176 -21.39 -14.36 -3.45
CA TYR B 176 -22.66 -13.97 -2.87
C TYR B 176 -23.24 -12.72 -3.50
N PHE B 177 -24.53 -12.72 -3.82
CA PHE B 177 -25.24 -11.52 -4.36
C PHE B 177 -26.26 -10.98 -3.32
N TYR B 178 -26.20 -9.66 -3.03
CA TYR B 178 -27.06 -9.02 -2.02
C TYR B 178 -27.78 -7.72 -2.50
N ASP B 179 -28.96 -7.50 -1.93
CA ASP B 179 -29.77 -6.35 -2.19
C ASP B 179 -29.39 -5.34 -1.12
N GLN B 180 -30.19 -4.34 -0.82
CA GLN B 180 -29.73 -3.24 0.04
C GLN B 180 -29.87 -3.51 1.52
N GLN B 181 -30.19 -4.73 1.91
CA GLN B 181 -30.41 -5.04 3.29
C GLN B 181 -29.08 -5.51 3.89
N VAL B 182 -28.12 -5.85 3.08
CA VAL B 182 -26.95 -6.54 3.65
C VAL B 182 -26.14 -5.71 4.64
N VAL B 183 -25.91 -4.45 4.37
CA VAL B 183 -25.10 -3.65 5.25
C VAL B 183 -25.75 -3.62 6.63
N ASP B 184 -27.06 -3.46 6.68
CA ASP B 184 -27.70 -3.37 8.00
C ASP B 184 -27.72 -4.73 8.65
N ILE B 185 -27.82 -5.75 7.87
CA ILE B 185 -27.74 -7.05 8.49
C ILE B 185 -26.35 -7.26 9.04
N ALA B 186 -25.35 -6.80 8.33
CA ALA B 186 -24.00 -6.97 8.81
C ALA B 186 -23.68 -6.12 10.03
N ARG B 187 -24.27 -4.92 10.16
CA ARG B 187 -23.94 -4.05 11.29
C ARG B 187 -24.43 -4.67 12.59
N ASP B 188 -25.49 -5.48 12.56
CA ASP B 188 -26.02 -6.07 13.78
C ASP B 188 -25.44 -7.48 14.11
N LEU B 189 -24.44 -7.95 13.38
CA LEU B 189 -23.93 -9.26 13.73
C LEU B 189 -23.05 -9.12 14.95
N LYS B 190 -22.92 -10.25 15.64
CA LYS B 190 -22.00 -10.35 16.74
C LYS B 190 -21.11 -11.49 16.43
N PRO B 191 -19.92 -11.45 16.98
CA PRO B 191 -18.95 -12.50 16.71
C PRO B 191 -19.51 -13.83 17.13
N SER B 192 -19.23 -14.84 16.32
CA SER B 192 -19.60 -16.17 16.57
C SER B 192 -18.62 -16.76 17.58
N PRO B 193 -18.93 -17.95 18.05
CA PRO B 193 -18.03 -18.68 18.94
C PRO B 193 -16.63 -18.72 18.32
N ARG B 194 -16.55 -18.93 17.00
CA ARG B 194 -15.23 -18.92 16.36
C ARG B 194 -14.62 -17.55 16.43
N GLY B 195 -15.41 -16.54 16.75
CA GLY B 195 -14.88 -15.20 16.85
C GLY B 195 -14.84 -14.53 15.48
N GLU B 196 -15.77 -14.90 14.58
CA GLU B 196 -15.83 -14.25 13.28
C GLU B 196 -17.22 -13.62 13.06
N LEU B 197 -17.29 -12.54 12.27
CA LEU B 197 -18.55 -12.03 11.81
C LEU B 197 -18.76 -12.83 10.51
N GLU B 198 -19.67 -13.76 10.61
CA GLU B 198 -19.86 -14.78 9.66
C GLU B 198 -20.88 -14.50 8.62
N ILE B 199 -20.50 -14.65 7.36
CA ILE B 199 -21.40 -14.47 6.25
C ILE B 199 -22.48 -15.49 6.30
N THR B 200 -22.20 -16.61 6.94
CA THR B 200 -23.28 -17.55 7.05
C THR B 200 -24.33 -16.92 7.90
N ASP B 201 -23.98 -16.12 8.89
CA ASP B 201 -25.08 -15.45 9.65
C ASP B 201 -25.83 -14.46 8.80
N VAL B 202 -25.11 -13.81 7.89
CA VAL B 202 -25.79 -12.92 6.99
C VAL B 202 -26.81 -13.69 6.20
N ASN B 203 -26.38 -14.81 5.63
CA ASN B 203 -27.24 -15.56 4.75
C ASN B 203 -28.44 -16.12 5.50
N ARG B 204 -28.22 -16.43 6.78
CA ARG B 204 -29.31 -16.99 7.53
C ARG B 204 -30.33 -15.91 7.76
N ALA B 205 -29.86 -14.69 7.95
CA ALA B 205 -30.81 -13.61 8.19
C ALA B 205 -31.76 -13.53 7.01
N TYR B 206 -31.22 -13.63 5.79
CA TYR B 206 -32.11 -13.58 4.61
C TYR B 206 -33.06 -14.82 4.52
N LEU B 207 -32.54 -15.96 5.01
CA LEU B 207 -33.30 -17.19 4.96
C LEU B 207 -34.48 -17.09 5.90
N GLU B 208 -34.22 -16.50 7.07
CA GLU B 208 -35.31 -16.44 8.05
C GLU B 208 -36.41 -15.57 7.52
N ARG B 209 -36.10 -14.67 6.60
CA ARG B 209 -37.16 -13.81 6.09
C ARG B 209 -37.70 -14.34 4.80
N GLY B 210 -37.29 -15.56 4.42
CA GLY B 210 -37.80 -16.18 3.20
C GLY B 210 -37.23 -15.43 1.97
N GLN B 211 -36.10 -14.77 2.10
CA GLN B 211 -35.57 -14.06 0.93
C GLN B 211 -34.18 -14.48 0.44
N LEU B 212 -33.77 -15.68 0.78
CA LEU B 212 -32.52 -16.20 0.35
C LEU B 212 -32.79 -17.18 -0.75
N SER B 213 -32.24 -16.93 -1.89
CA SER B 213 -32.34 -17.85 -3.00
C SER B 213 -31.07 -18.67 -3.12
N VAL B 214 -31.21 -19.98 -3.11
CA VAL B 214 -30.13 -20.92 -3.13
C VAL B 214 -30.25 -21.69 -4.43
N GLU B 215 -29.34 -21.45 -5.38
CA GLU B 215 -29.38 -22.16 -6.63
C GLU B 215 -28.31 -23.24 -6.58
N ILE B 216 -28.59 -24.37 -7.20
CA ILE B 216 -27.62 -25.41 -7.29
C ILE B 216 -26.59 -25.11 -8.33
N MET B 217 -25.32 -25.31 -8.05
CA MET B 217 -24.27 -25.23 -9.06
C MET B 217 -23.94 -26.69 -9.28
N GLY B 218 -24.32 -27.23 -10.41
CA GLY B 218 -24.17 -28.64 -10.65
C GLY B 218 -22.79 -29.22 -10.85
N ARG B 219 -22.71 -30.53 -10.77
CA ARG B 219 -21.45 -31.24 -10.83
C ARG B 219 -20.73 -30.93 -12.10
N GLY B 220 -21.47 -30.46 -13.11
CA GLY B 220 -20.90 -29.91 -14.34
C GLY B 220 -19.94 -28.70 -14.21
N TYR B 221 -20.10 -27.85 -13.20
CA TYR B 221 -19.16 -26.78 -13.02
C TYR B 221 -18.03 -27.22 -12.10
N ALA B 222 -16.93 -26.53 -12.19
CA ALA B 222 -15.79 -26.75 -11.35
C ALA B 222 -15.77 -25.61 -10.39
N TRP B 223 -15.72 -25.95 -9.08
CA TRP B 223 -15.61 -24.97 -8.03
C TRP B 223 -14.41 -25.39 -7.19
N LEU B 224 -13.27 -24.73 -7.36
CA LEU B 224 -12.06 -25.11 -6.66
C LEU B 224 -11.65 -24.07 -5.64
N ASP B 225 -11.01 -24.49 -4.53
CA ASP B 225 -10.50 -23.44 -3.65
C ASP B 225 -9.03 -23.61 -3.35
N THR B 226 -8.30 -22.51 -3.31
CA THR B 226 -6.87 -22.66 -3.24
C THR B 226 -6.39 -22.71 -1.80
N GLY B 227 -7.19 -23.27 -0.95
CA GLY B 227 -6.90 -23.25 0.47
C GLY B 227 -5.70 -24.06 0.98
N THR B 228 -5.35 -25.14 0.31
CA THR B 228 -4.28 -25.92 0.77
C THR B 228 -3.30 -26.11 -0.30
N HIS B 229 -2.07 -26.43 0.10
CA HIS B 229 -1.05 -26.71 -0.85
C HIS B 229 -1.51 -27.67 -1.95
N ASP B 230 -2.20 -28.72 -1.58
CA ASP B 230 -2.60 -29.69 -2.57
C ASP B 230 -3.70 -29.09 -3.42
N SER B 231 -4.69 -28.47 -2.83
CA SER B 231 -5.75 -28.04 -3.71
C SER B 231 -5.20 -26.97 -4.69
N LEU B 232 -4.25 -26.14 -4.22
CA LEU B 232 -3.65 -25.08 -5.06
C LEU B 232 -3.00 -25.72 -6.27
N LEU B 233 -2.36 -26.84 -6.03
CA LEU B 233 -1.66 -27.55 -7.04
C LEU B 233 -2.63 -28.18 -8.07
N GLU B 234 -3.66 -28.82 -7.56
CA GLU B 234 -4.69 -29.33 -8.44
C GLU B 234 -5.33 -28.26 -9.26
N ALA B 235 -5.60 -27.09 -8.71
CA ALA B 235 -6.21 -26.04 -9.50
C ALA B 235 -5.26 -25.63 -10.59
N GLY B 236 -3.99 -25.53 -10.24
CA GLY B 236 -3.06 -25.16 -11.27
C GLY B 236 -3.08 -26.16 -12.45
N GLN B 237 -3.10 -27.44 -12.14
CA GLN B 237 -3.03 -28.47 -13.20
C GLN B 237 -4.34 -28.48 -14.00
N PHE B 238 -5.42 -28.11 -13.33
CA PHE B 238 -6.67 -28.08 -14.01
C PHE B 238 -6.68 -26.98 -15.05
N ILE B 239 -6.29 -25.80 -14.65
CA ILE B 239 -6.28 -24.74 -15.61
C ILE B 239 -5.33 -25.06 -16.70
N ALA B 240 -4.16 -25.61 -16.40
CA ALA B 240 -3.21 -25.82 -17.50
C ALA B 240 -3.77 -26.83 -18.52
N THR B 241 -4.43 -27.86 -18.05
CA THR B 241 -4.99 -28.80 -18.96
C THR B 241 -6.00 -28.08 -19.87
N LEU B 242 -6.87 -27.26 -19.33
CA LEU B 242 -7.82 -26.63 -20.23
C LEU B 242 -7.08 -25.73 -21.16
N GLU B 243 -6.18 -24.94 -20.63
CA GLU B 243 -5.53 -23.96 -21.49
C GLU B 243 -4.69 -24.64 -22.57
N ASN B 244 -3.99 -25.72 -22.29
CA ASN B 244 -3.19 -26.32 -23.34
C ASN B 244 -3.99 -27.15 -24.38
N ARG B 245 -5.22 -27.50 -24.04
CA ARG B 245 -6.01 -28.22 -24.95
C ARG B 245 -6.67 -27.28 -25.91
N GLN B 246 -7.17 -26.17 -25.37
CA GLN B 246 -8.03 -25.29 -26.14
C GLN B 246 -7.34 -24.17 -26.92
N GLY B 247 -6.17 -23.75 -26.44
CA GLY B 247 -5.53 -22.57 -26.98
C GLY B 247 -6.31 -21.35 -26.53
N LEU B 248 -7.17 -21.46 -25.52
CA LEU B 248 -7.83 -20.28 -24.98
C LEU B 248 -7.40 -20.15 -23.53
N LYS B 249 -7.48 -18.97 -22.95
CA LYS B 249 -6.95 -18.90 -21.61
C LYS B 249 -8.07 -18.65 -20.70
N VAL B 250 -8.02 -19.13 -19.46
CA VAL B 250 -9.08 -18.89 -18.50
C VAL B 250 -8.84 -17.65 -17.64
N ALA B 251 -9.89 -16.87 -17.42
CA ALA B 251 -9.86 -15.68 -16.58
C ALA B 251 -8.75 -14.70 -16.93
N CYS B 252 -8.74 -14.32 -18.16
CA CYS B 252 -7.81 -13.27 -18.61
C CYS B 252 -8.69 -12.03 -18.76
N PRO B 253 -8.49 -11.10 -17.85
CA PRO B 253 -9.35 -9.93 -17.80
C PRO B 253 -9.33 -9.07 -19.02
N GLU B 254 -8.20 -8.99 -19.71
CA GLU B 254 -8.17 -8.22 -20.94
C GLU B 254 -9.22 -8.79 -21.93
N GLU B 255 -9.17 -10.10 -22.10
CA GLU B 255 -10.04 -10.72 -23.05
C GLU B 255 -11.47 -10.45 -22.64
N ILE B 256 -11.71 -10.55 -21.36
CA ILE B 256 -13.07 -10.46 -20.92
C ILE B 256 -13.51 -9.06 -21.14
N ALA B 257 -12.64 -8.16 -20.84
CA ALA B 257 -13.02 -6.76 -21.02
C ALA B 257 -13.33 -6.53 -22.50
N TYR B 258 -12.47 -7.04 -23.38
CA TYR B 258 -12.69 -6.83 -24.79
C TYR B 258 -14.01 -7.51 -25.20
N ARG B 259 -14.32 -8.71 -24.68
CA ARG B 259 -15.50 -9.40 -25.22
C ARG B 259 -16.75 -8.65 -24.75
N GLN B 260 -16.63 -7.97 -23.62
CA GLN B 260 -17.79 -7.27 -23.13
C GLN B 260 -17.85 -5.86 -23.74
N LYS B 261 -16.88 -5.56 -24.58
CA LYS B 261 -16.87 -4.23 -25.18
C LYS B 261 -16.54 -3.14 -24.15
N TRP B 262 -15.96 -3.46 -23.01
CA TRP B 262 -15.58 -2.40 -22.08
C TRP B 262 -14.25 -1.72 -22.51
N ILE B 263 -13.54 -2.36 -23.46
CA ILE B 263 -12.40 -1.73 -24.09
C ILE B 263 -12.51 -2.09 -25.57
N ASP B 264 -11.87 -1.34 -26.45
CA ASP B 264 -11.95 -1.71 -27.86
C ASP B 264 -10.68 -2.38 -28.34
N ALA B 265 -10.63 -2.66 -29.64
CA ALA B 265 -9.50 -3.31 -30.27
C ALA B 265 -8.25 -2.54 -30.06
N ALA B 266 -8.30 -1.24 -30.21
CA ALA B 266 -7.08 -0.45 -30.08
C ALA B 266 -6.55 -0.57 -28.66
N GLN B 267 -7.40 -0.57 -27.66
CA GLN B 267 -6.92 -0.67 -26.31
C GLN B 267 -6.29 -2.00 -26.02
N LEU B 268 -6.91 -3.02 -26.54
CA LEU B 268 -6.42 -4.36 -26.33
C LEU B 268 -5.06 -4.42 -26.97
N GLU B 269 -4.97 -3.87 -28.19
CA GLU B 269 -3.72 -3.91 -28.91
C GLU B 269 -2.66 -3.26 -28.02
N LYS B 270 -2.99 -2.15 -27.42
CA LYS B 270 -2.06 -1.49 -26.53
C LYS B 270 -1.76 -2.28 -25.23
N LEU B 271 -2.69 -3.07 -24.72
CA LEU B 271 -2.34 -3.79 -23.53
C LEU B 271 -1.35 -4.86 -23.89
N ALA B 272 -1.39 -5.30 -25.15
CA ALA B 272 -0.61 -6.47 -25.59
C ALA B 272 0.85 -6.16 -25.81
N ALA B 273 1.14 -4.97 -26.27
CA ALA B 273 2.50 -4.64 -26.62
C ALA B 273 3.52 -4.99 -25.56
N PRO B 274 3.38 -4.44 -24.38
CA PRO B 274 4.33 -4.65 -23.27
C PRO B 274 4.56 -6.10 -22.89
N LEU B 275 3.55 -6.91 -23.20
CA LEU B 275 3.53 -8.30 -22.83
C LEU B 275 3.85 -9.16 -24.06
N ALA B 276 4.17 -8.53 -25.19
CA ALA B 276 4.37 -9.22 -26.49
C ALA B 276 5.50 -10.24 -26.60
N LYS B 277 6.52 -10.14 -25.77
CA LYS B 277 7.63 -11.07 -25.83
C LYS B 277 7.26 -12.41 -25.29
N ASN B 278 6.20 -12.50 -24.47
CA ASN B 278 5.80 -13.79 -23.87
C ASN B 278 4.38 -14.23 -24.31
N GLY B 279 4.04 -15.49 -23.98
CA GLY B 279 2.84 -16.11 -24.50
C GLY B 279 1.59 -15.31 -24.21
N TYR B 280 1.58 -14.60 -23.10
CA TYR B 280 0.35 -14.01 -22.63
C TYR B 280 0.01 -12.83 -23.50
N GLY B 281 1.01 -12.06 -23.87
CA GLY B 281 0.79 -10.98 -24.82
C GLY B 281 0.45 -11.56 -26.17
N GLN B 282 1.19 -12.59 -26.60
CA GLN B 282 0.92 -13.20 -27.91
C GLN B 282 -0.56 -13.61 -27.96
N TYR B 283 -1.07 -14.21 -26.88
CA TYR B 283 -2.46 -14.60 -26.84
C TYR B 283 -3.37 -13.37 -26.98
N LEU B 284 -3.06 -12.29 -26.29
CA LEU B 284 -3.92 -11.12 -26.42
C LEU B 284 -3.95 -10.68 -27.86
N LYS B 285 -2.81 -10.65 -28.55
CA LYS B 285 -2.81 -10.23 -29.93
C LYS B 285 -3.66 -11.16 -30.76
N ARG B 286 -3.46 -12.44 -30.58
CA ARG B 286 -4.14 -13.37 -31.44
C ARG B 286 -5.68 -13.17 -31.37
N LEU B 287 -6.17 -12.71 -30.22
CA LEU B 287 -7.60 -12.47 -30.09
C LEU B 287 -8.11 -11.35 -31.03
N LEU B 288 -7.24 -10.45 -31.48
CA LEU B 288 -7.67 -9.42 -32.40
C LEU B 288 -7.91 -9.95 -33.79
N THR B 289 -7.41 -11.15 -34.10
CA THR B 289 -7.61 -11.68 -35.46
C THR B 289 -8.25 -13.00 -35.56
N GLU B 290 -8.87 -13.48 -34.49
CA GLU B 290 -9.52 -14.78 -34.54
C GLU B 290 -10.92 -14.56 -34.01
N THR B 291 -11.89 -15.14 -34.63
CA THR B 291 -13.20 -15.08 -34.04
C THR B 291 -13.38 -16.26 -33.12
N VAL B 292 -13.75 -16.03 -31.88
CA VAL B 292 -13.91 -17.13 -30.92
C VAL B 292 -15.36 -17.24 -30.57
N TYR B 293 -16.00 -18.37 -30.81
CA TYR B 293 -17.42 -18.45 -30.50
C TYR B 293 -17.59 -18.73 -29.01
N LYS C 2 25.33 -66.67 -8.55
CA LYS C 2 24.27 -66.87 -9.59
C LYS C 2 22.91 -66.67 -8.95
N ARG C 3 22.24 -65.55 -9.25
CA ARG C 3 20.96 -65.31 -8.63
C ARG C 3 19.82 -65.33 -9.62
N LYS C 4 18.78 -66.04 -9.26
CA LYS C 4 17.58 -66.05 -10.07
C LYS C 4 16.56 -65.02 -9.46
N GLY C 5 15.71 -64.45 -10.31
CA GLY C 5 14.72 -63.50 -9.83
C GLY C 5 13.28 -63.88 -10.09
N ILE C 6 12.41 -63.31 -9.28
CA ILE C 6 11.00 -63.60 -9.36
C ILE C 6 10.19 -62.35 -9.33
N ILE C 7 9.21 -62.21 -10.22
CA ILE C 7 8.31 -61.05 -10.18
C ILE C 7 6.96 -61.59 -9.84
N LEU C 8 6.45 -61.17 -8.72
CA LEU C 8 5.16 -61.59 -8.26
C LEU C 8 4.17 -60.61 -8.90
N ALA C 9 3.48 -60.98 -9.96
CA ALA C 9 2.64 -59.98 -10.62
C ALA C 9 1.21 -60.51 -10.74
N GLY C 10 0.70 -60.89 -9.60
CA GLY C 10 -0.66 -61.36 -9.56
C GLY C 10 -1.46 -60.41 -8.75
N GLY C 11 -2.25 -61.01 -7.88
CA GLY C 11 -3.14 -60.30 -7.00
C GLY C 11 -4.53 -60.08 -7.60
N SER C 12 -5.47 -59.64 -6.76
CA SER C 12 -6.83 -59.34 -7.18
C SER C 12 -6.96 -57.89 -7.72
N GLY C 13 -6.26 -56.92 -7.20
CA GLY C 13 -6.41 -55.58 -7.79
C GLY C 13 -7.48 -54.61 -7.24
N THR C 14 -8.32 -55.15 -6.36
CA THR C 14 -9.46 -54.42 -5.82
C THR C 14 -9.30 -52.92 -5.52
N ARG C 15 -8.30 -52.52 -4.79
CA ARG C 15 -8.26 -51.09 -4.52
C ARG C 15 -8.55 -50.27 -5.79
N LEU C 16 -8.20 -50.86 -6.91
CA LEU C 16 -8.32 -50.22 -8.18
C LEU C 16 -9.57 -50.54 -8.95
N HIS C 17 -10.44 -51.42 -8.45
CA HIS C 17 -11.70 -51.60 -9.17
C HIS C 17 -12.32 -50.26 -9.47
N PRO C 18 -12.98 -50.14 -10.59
CA PRO C 18 -13.09 -51.16 -11.62
C PRO C 18 -12.03 -51.08 -12.71
N ALA C 19 -11.04 -50.23 -12.59
CA ALA C 19 -10.01 -50.17 -13.60
C ALA C 19 -9.46 -51.54 -13.91
N THR C 20 -9.18 -52.32 -12.88
CA THR C 20 -8.50 -53.63 -13.00
C THR C 20 -9.44 -54.81 -13.10
N LEU C 21 -10.70 -54.58 -13.43
CA LEU C 21 -11.51 -55.73 -13.78
C LEU C 21 -11.24 -55.93 -15.25
N ALA C 22 -10.72 -54.86 -15.87
CA ALA C 22 -10.42 -54.76 -17.32
C ALA C 22 -9.07 -55.45 -17.63
N ILE C 23 -8.07 -55.19 -16.78
CA ILE C 23 -6.78 -55.82 -16.94
C ILE C 23 -5.99 -55.92 -15.61
N SER C 24 -5.19 -56.96 -15.43
CA SER C 24 -4.33 -57.03 -14.29
C SER C 24 -3.59 -55.68 -14.06
N LYS C 25 -3.50 -55.27 -12.80
CA LYS C 25 -2.84 -54.05 -12.46
C LYS C 25 -1.46 -54.02 -13.14
N GLN C 26 -0.75 -55.13 -13.14
CA GLN C 26 0.57 -55.08 -13.69
C GLN C 26 0.68 -54.92 -15.20
N LEU C 27 -0.43 -54.85 -15.90
CA LEU C 27 -0.37 -54.50 -17.33
C LEU C 27 -0.70 -53.06 -17.61
N LEU C 28 -1.25 -52.33 -16.65
CA LEU C 28 -1.51 -50.94 -16.85
C LEU C 28 -0.23 -50.16 -17.01
N PRO C 29 -0.33 -49.07 -17.74
CA PRO C 29 0.81 -48.21 -17.97
C PRO C 29 1.08 -47.38 -16.80
N VAL C 30 2.37 -47.13 -16.55
CA VAL C 30 2.81 -46.00 -15.70
C VAL C 30 3.42 -45.01 -16.69
N TYR C 31 2.66 -43.98 -17.01
CA TYR C 31 2.98 -42.97 -18.04
C TYR C 31 3.07 -43.59 -19.40
N ASP C 32 4.22 -44.17 -19.75
CA ASP C 32 4.41 -44.60 -21.11
C ASP C 32 4.72 -46.04 -21.35
N LYS C 33 4.74 -46.88 -20.34
CA LYS C 33 5.06 -48.28 -20.59
C LYS C 33 4.40 -49.19 -19.53
N PRO C 34 4.20 -50.47 -19.80
CA PRO C 34 3.47 -51.32 -18.88
C PRO C 34 4.18 -51.40 -17.57
N MET C 35 3.37 -51.38 -16.52
CA MET C 35 3.87 -51.33 -15.17
C MET C 35 4.97 -52.35 -14.97
N ILE C 36 4.81 -53.54 -15.51
CA ILE C 36 5.75 -54.56 -15.18
C ILE C 36 7.12 -54.29 -15.69
N TYR C 37 7.27 -53.33 -16.58
CA TYR C 37 8.61 -53.05 -17.07
C TYR C 37 9.47 -52.52 -15.96
N TYR C 38 8.84 -51.86 -15.02
CA TYR C 38 9.64 -51.23 -13.94
C TYR C 38 10.44 -52.27 -13.11
N PRO C 39 9.73 -53.13 -12.42
CA PRO C 39 10.39 -54.16 -11.61
C PRO C 39 11.21 -55.04 -12.47
N LEU C 40 10.74 -55.34 -13.67
CA LEU C 40 11.61 -56.08 -14.55
C LEU C 40 12.95 -55.35 -14.67
N SER C 41 12.93 -54.08 -14.95
CA SER C 41 14.19 -53.38 -15.07
C SER C 41 14.94 -53.37 -13.75
N THR C 42 14.23 -53.45 -12.63
CA THR C 42 14.94 -53.50 -11.39
C THR C 42 15.75 -54.74 -11.26
N LEU C 43 15.16 -55.90 -11.48
CA LEU C 43 15.98 -57.12 -11.49
C LEU C 43 17.13 -57.01 -12.50
N MET C 44 16.81 -56.47 -13.68
CA MET C 44 17.82 -56.42 -14.72
C MET C 44 18.99 -55.61 -14.19
N LEU C 45 18.72 -54.46 -13.56
CA LEU C 45 19.86 -53.69 -13.07
C LEU C 45 20.56 -54.37 -11.87
N ALA C 46 19.96 -55.34 -11.21
CA ALA C 46 20.73 -56.07 -10.21
C ALA C 46 21.51 -57.18 -10.85
N GLY C 47 21.55 -57.17 -12.19
CA GLY C 47 22.30 -58.13 -12.97
C GLY C 47 21.65 -59.50 -13.13
N ILE C 48 20.36 -59.64 -12.84
CA ILE C 48 19.70 -60.92 -12.95
C ILE C 48 19.08 -61.04 -14.31
N ARG C 49 19.33 -62.17 -14.97
CA ARG C 49 18.89 -62.34 -16.34
C ARG C 49 17.89 -63.40 -16.53
N GLU C 50 17.72 -64.21 -15.49
CA GLU C 50 16.89 -65.37 -15.58
C GLU C 50 15.76 -65.21 -14.53
N ILE C 51 14.52 -65.07 -15.01
CA ILE C 51 13.44 -64.55 -14.18
C ILE C 51 12.13 -65.23 -14.39
N LEU C 52 11.41 -65.38 -13.27
CA LEU C 52 10.15 -66.10 -13.27
C LEU C 52 9.03 -65.14 -12.94
N ILE C 53 8.04 -65.08 -13.81
CA ILE C 53 6.95 -64.15 -13.63
C ILE C 53 5.71 -64.88 -13.22
N ILE C 54 5.19 -64.49 -12.07
CA ILE C 54 4.04 -65.15 -11.52
C ILE C 54 2.83 -64.28 -11.66
N SER C 55 1.72 -64.86 -12.03
CA SER C 55 0.54 -64.05 -12.07
C SER C 55 -0.68 -64.90 -11.97
N THR C 56 -1.85 -64.30 -12.03
CA THR C 56 -3.11 -65.09 -12.02
C THR C 56 -3.19 -66.05 -13.21
N PRO C 57 -4.04 -67.02 -13.11
CA PRO C 57 -4.28 -67.91 -14.24
C PRO C 57 -4.75 -67.15 -15.48
N GLN C 58 -5.65 -66.20 -15.28
CA GLN C 58 -6.11 -65.49 -16.44
C GLN C 58 -5.09 -64.56 -17.03
N ASP C 59 -4.21 -63.95 -16.22
CA ASP C 59 -3.28 -62.91 -16.76
C ASP C 59 -1.92 -63.43 -17.25
N THR C 60 -1.53 -64.60 -16.78
CA THR C 60 -0.25 -65.16 -17.16
C THR C 60 -0.02 -65.21 -18.67
N PRO C 61 -0.98 -65.71 -19.43
CA PRO C 61 -0.85 -65.68 -20.88
C PRO C 61 -0.61 -64.31 -21.36
N ARG C 62 -1.21 -63.30 -20.76
CA ARG C 62 -1.07 -61.97 -21.28
C ARG C 62 0.36 -61.48 -21.07
N PHE C 63 0.95 -61.83 -19.94
CA PHE C 63 2.32 -61.37 -19.72
C PHE C 63 3.22 -62.04 -20.72
N GLN C 64 2.89 -63.29 -21.02
CA GLN C 64 3.68 -64.05 -21.96
C GLN C 64 3.61 -63.40 -23.31
N GLN C 65 2.40 -62.99 -23.68
CA GLN C 65 2.18 -62.37 -24.96
C GLN C 65 2.97 -61.06 -25.02
N LEU C 66 3.16 -60.39 -23.90
CA LEU C 66 3.79 -59.10 -23.90
C LEU C 66 5.27 -59.29 -23.88
N LEU C 67 5.77 -60.22 -23.08
CA LEU C 67 7.21 -60.30 -22.88
C LEU C 67 7.93 -61.43 -23.60
N GLY C 68 7.18 -62.42 -24.05
CA GLY C 68 7.78 -63.55 -24.70
C GLY C 68 8.76 -64.28 -23.78
N ASP C 69 9.78 -64.88 -24.35
CA ASP C 69 10.68 -65.66 -23.52
C ASP C 69 11.87 -64.84 -23.10
N GLY C 70 11.90 -63.58 -23.48
CA GLY C 70 12.98 -62.73 -23.00
C GLY C 70 14.21 -62.73 -23.85
N SER C 71 14.32 -63.69 -24.77
CA SER C 71 15.53 -63.77 -25.60
C SER C 71 15.78 -62.47 -26.37
N ASN C 72 14.74 -61.79 -26.80
CA ASN C 72 14.99 -60.59 -27.58
C ASN C 72 15.67 -59.54 -26.71
N TRP C 73 15.61 -59.70 -25.40
CA TRP C 73 16.24 -58.71 -24.50
C TRP C 73 17.42 -59.30 -23.79
N GLY C 74 17.92 -60.44 -24.27
CA GLY C 74 18.99 -61.11 -23.59
C GLY C 74 18.53 -61.78 -22.30
N LEU C 75 17.24 -61.85 -22.04
CA LEU C 75 16.78 -62.47 -20.84
C LEU C 75 16.29 -63.89 -21.04
N ASP C 76 16.04 -64.61 -19.97
CA ASP C 76 15.44 -65.93 -20.04
C ASP C 76 14.23 -65.89 -19.14
N LEU C 77 13.07 -65.60 -19.70
CA LEU C 77 11.90 -65.47 -18.91
C LEU C 77 11.09 -66.72 -18.88
N GLN C 78 10.50 -67.02 -17.73
CA GLN C 78 9.58 -68.11 -17.57
C GLN C 78 8.34 -67.69 -16.77
N TYR C 79 7.32 -68.51 -16.78
CA TYR C 79 6.09 -68.16 -16.20
C TYR C 79 5.48 -69.21 -15.36
N ALA C 80 4.73 -68.79 -14.32
CA ALA C 80 3.99 -69.75 -13.50
C ALA C 80 2.77 -69.01 -12.99
N VAL C 81 1.74 -69.80 -12.70
CA VAL C 81 0.51 -69.27 -12.20
C VAL C 81 0.41 -69.39 -10.70
N GLN C 82 -0.22 -68.40 -10.05
CA GLN C 82 -0.57 -68.48 -8.64
C GLN C 82 -2.06 -68.55 -8.62
N PRO C 83 -2.63 -69.71 -8.35
CA PRO C 83 -4.08 -69.95 -8.37
C PRO C 83 -4.93 -68.98 -7.58
N SER C 84 -4.31 -68.42 -6.55
CA SER C 84 -5.03 -67.56 -5.62
C SER C 84 -4.07 -66.69 -4.85
N PRO C 85 -4.43 -65.44 -4.59
CA PRO C 85 -3.47 -64.49 -3.99
C PRO C 85 -3.30 -64.74 -2.51
N ASP C 86 -2.68 -65.84 -2.17
CA ASP C 86 -2.59 -66.27 -0.81
C ASP C 86 -1.37 -65.83 -0.08
N GLY C 87 -0.58 -64.92 -0.62
CA GLY C 87 0.53 -64.36 0.13
C GLY C 87 1.83 -64.26 -0.67
N LEU C 88 2.64 -63.24 -0.37
CA LEU C 88 3.87 -63.03 -1.12
C LEU C 88 4.79 -64.22 -0.97
N ALA C 89 4.73 -64.90 0.16
CA ALA C 89 5.64 -66.02 0.39
C ALA C 89 5.36 -67.11 -0.59
N GLN C 90 4.14 -67.20 -1.09
CA GLN C 90 3.83 -68.32 -1.95
C GLN C 90 4.76 -68.29 -3.11
N ALA C 91 5.29 -67.11 -3.38
CA ALA C 91 6.21 -67.00 -4.50
C ALA C 91 7.24 -68.08 -4.41
N PHE C 92 7.68 -68.38 -3.20
CA PHE C 92 8.79 -69.33 -3.07
C PHE C 92 8.33 -70.75 -3.22
N LEU C 93 7.08 -71.01 -2.87
CA LEU C 93 6.55 -72.34 -3.11
C LEU C 93 6.32 -72.50 -4.63
N ILE C 94 5.59 -71.60 -5.23
CA ILE C 94 5.37 -71.75 -6.66
C ILE C 94 6.67 -71.79 -7.39
N GLY C 95 7.66 -71.07 -6.87
CA GLY C 95 8.91 -70.88 -7.59
C GLY C 95 10.00 -71.84 -7.17
N GLU C 96 9.61 -72.81 -6.38
CA GLU C 96 10.59 -73.73 -5.85
C GLU C 96 11.50 -74.36 -6.92
N SER C 97 10.93 -75.03 -7.87
CA SER C 97 11.79 -75.72 -8.82
C SER C 97 12.47 -74.77 -9.74
N PHE C 98 11.90 -73.58 -9.94
CA PHE C 98 12.57 -72.62 -10.75
C PHE C 98 13.85 -72.24 -10.08
N ILE C 99 13.82 -72.08 -8.76
CA ILE C 99 15.00 -71.61 -8.02
C ILE C 99 16.08 -72.68 -7.91
N GLY C 100 15.67 -73.90 -7.63
CA GLY C 100 16.62 -74.99 -7.46
C GLY C 100 17.49 -74.67 -6.27
N ASN C 101 18.79 -74.80 -6.44
CA ASN C 101 19.75 -74.46 -5.43
C ASN C 101 20.41 -73.11 -5.58
N ASP C 102 19.79 -72.13 -6.22
CA ASP C 102 20.45 -70.83 -6.41
C ASP C 102 20.03 -69.74 -5.44
N LEU C 103 20.75 -68.64 -5.49
CA LEU C 103 20.41 -67.46 -4.77
C LEU C 103 19.18 -66.94 -5.47
N SER C 104 18.37 -66.13 -4.79
CA SER C 104 17.18 -65.63 -5.45
C SER C 104 16.83 -64.25 -5.04
N ALA C 105 15.91 -63.64 -5.76
CA ALA C 105 15.45 -62.32 -5.46
C ALA C 105 14.01 -62.17 -5.88
N LEU C 106 13.23 -61.44 -5.08
CA LEU C 106 11.82 -61.31 -5.33
C LEU C 106 11.49 -59.86 -5.42
N VAL C 107 10.75 -59.46 -6.46
CA VAL C 107 10.28 -58.08 -6.55
C VAL C 107 8.82 -58.04 -6.83
N LEU C 108 8.11 -57.10 -6.21
CA LEU C 108 6.68 -57.04 -6.44
C LEU C 108 6.36 -56.32 -7.70
N GLY C 109 5.43 -56.88 -8.43
CA GLY C 109 5.07 -56.30 -9.71
C GLY C 109 4.58 -54.87 -9.72
N ASP C 110 4.10 -54.32 -8.61
CA ASP C 110 3.59 -52.95 -8.65
C ASP C 110 4.47 -51.96 -7.95
N ASN C 111 5.76 -52.30 -7.82
CA ASN C 111 6.73 -51.49 -7.13
C ASN C 111 7.65 -50.93 -8.14
N LEU C 112 7.97 -49.68 -7.94
CA LEU C 112 8.70 -48.87 -8.85
C LEU C 112 9.79 -48.14 -8.15
N TYR C 113 11.06 -48.36 -8.51
CA TYR C 113 12.20 -47.75 -7.83
C TYR C 113 12.89 -46.75 -8.74
N TYR C 114 13.46 -45.69 -8.16
CA TYR C 114 14.24 -44.80 -8.96
C TYR C 114 15.20 -44.00 -8.15
N GLY C 115 16.44 -43.92 -8.62
CA GLY C 115 17.42 -43.08 -7.99
C GLY C 115 18.88 -43.28 -8.35
N HIS C 116 19.64 -42.24 -8.11
CA HIS C 116 21.04 -42.19 -8.38
C HIS C 116 21.76 -43.22 -7.55
N ASP C 117 22.66 -43.94 -8.22
CA ASP C 117 23.35 -45.08 -7.70
C ASP C 117 22.44 -46.21 -7.27
N PHE C 118 21.26 -46.27 -7.82
CA PHE C 118 20.39 -47.32 -7.39
C PHE C 118 21.17 -48.60 -7.71
N HIS C 119 21.73 -48.64 -8.89
CA HIS C 119 22.32 -49.94 -9.26
C HIS C 119 23.50 -50.37 -8.42
N GLU C 120 24.10 -49.48 -7.68
CA GLU C 120 25.18 -49.88 -6.84
C GLU C 120 24.53 -50.43 -5.56
N LEU C 121 23.42 -49.87 -5.15
CA LEU C 121 22.69 -50.44 -3.97
C LEU C 121 22.22 -51.87 -4.24
N LEU C 122 21.76 -52.12 -5.46
CA LEU C 122 21.34 -53.45 -5.79
C LEU C 122 22.60 -54.33 -5.73
N GLY C 123 23.64 -53.88 -6.41
CA GLY C 123 24.85 -54.67 -6.51
C GLY C 123 25.32 -55.16 -5.16
N SER C 124 25.28 -54.31 -4.20
CA SER C 124 25.82 -54.75 -2.93
C SER C 124 24.93 -55.81 -2.36
N ALA C 125 23.64 -55.76 -2.57
CA ALA C 125 22.89 -56.85 -2.01
C ALA C 125 23.00 -58.11 -2.85
N SER C 126 23.03 -58.00 -4.17
CA SER C 126 23.07 -59.21 -4.97
C SER C 126 24.31 -60.01 -4.58
N GLN C 127 25.28 -59.36 -3.97
CA GLN C 127 26.57 -60.01 -3.84
C GLN C 127 26.80 -60.64 -2.50
N ARG C 128 25.95 -60.33 -1.54
CA ARG C 128 26.04 -61.18 -0.37
C ARG C 128 25.55 -62.54 -0.75
N GLN C 129 26.36 -63.56 -0.50
CA GLN C 129 25.94 -64.92 -0.87
C GLN C 129 25.30 -65.69 0.27
N THR C 130 25.00 -64.96 1.34
CA THR C 130 24.45 -65.59 2.52
C THR C 130 23.45 -64.72 3.25
N GLY C 131 22.47 -65.33 3.89
CA GLY C 131 21.42 -64.60 4.58
C GLY C 131 20.47 -63.88 3.60
N ALA C 132 19.81 -62.85 4.06
CA ALA C 132 18.86 -62.16 3.23
C ALA C 132 19.05 -60.67 3.35
N SER C 133 18.61 -59.97 2.33
CA SER C 133 18.72 -58.52 2.35
C SER C 133 17.44 -57.89 1.98
N VAL C 134 17.04 -56.82 2.67
CA VAL C 134 15.86 -56.04 2.34
C VAL C 134 16.14 -54.55 2.54
N PHE C 135 15.23 -53.67 2.23
CA PHE C 135 15.47 -52.26 2.30
C PHE C 135 14.42 -51.50 3.02
N ALA C 136 14.82 -50.51 3.83
CA ALA C 136 13.88 -49.77 4.66
C ALA C 136 13.78 -48.39 4.10
N TYR C 137 12.56 -47.84 4.01
CA TYR C 137 12.30 -46.52 3.41
C TYR C 137 11.30 -45.75 4.21
N HIS C 138 11.66 -44.55 4.57
CA HIS C 138 10.75 -43.70 5.32
C HIS C 138 9.47 -43.41 4.58
N VAL C 139 8.33 -43.70 5.13
CA VAL C 139 7.09 -43.34 4.42
C VAL C 139 6.10 -42.66 5.33
N LEU C 140 5.07 -42.11 4.75
CA LEU C 140 4.03 -41.40 5.51
C LEU C 140 3.08 -42.35 6.24
N ASP C 141 2.72 -43.47 5.59
CA ASP C 141 1.76 -44.44 6.12
C ASP C 141 2.40 -45.87 6.36
N PRO C 142 3.31 -46.00 7.31
CA PRO C 142 3.97 -47.29 7.59
C PRO C 142 2.94 -48.39 7.86
N GLU C 143 1.81 -48.01 8.40
CA GLU C 143 0.83 -49.01 8.71
C GLU C 143 0.38 -49.75 7.50
N ARG C 144 0.65 -49.30 6.30
CA ARG C 144 0.21 -50.04 5.16
C ARG C 144 1.19 -51.11 4.74
N TYR C 145 2.35 -51.23 5.38
CA TYR C 145 3.40 -52.20 4.99
C TYR C 145 3.99 -53.01 6.12
N GLY C 146 4.99 -53.80 5.82
CA GLY C 146 5.77 -54.45 6.85
C GLY C 146 6.63 -53.31 7.41
N VAL C 147 6.68 -53.15 8.72
CA VAL C 147 7.42 -52.05 9.30
C VAL C 147 8.54 -52.63 10.08
N VAL C 148 9.69 -51.98 10.02
CA VAL C 148 10.91 -52.42 10.71
C VAL C 148 11.32 -51.38 11.71
N GLU C 149 11.62 -51.80 12.95
CA GLU C 149 11.96 -50.96 14.08
C GLU C 149 13.47 -50.96 14.29
N PHE C 150 14.07 -49.82 14.60
CA PHE C 150 15.51 -49.83 14.81
C PHE C 150 15.78 -49.48 16.25
N ASP C 151 16.86 -50.03 16.81
CA ASP C 151 17.29 -49.56 18.14
C ASP C 151 18.13 -48.30 17.93
N GLN C 152 18.45 -47.65 19.02
CA GLN C 152 19.17 -46.39 18.95
C GLN C 152 20.49 -46.54 18.26
N GLY C 153 21.02 -47.75 18.21
CA GLY C 153 22.27 -47.92 17.48
C GLY C 153 22.01 -48.07 16.01
N GLY C 154 20.75 -48.03 15.58
CA GLY C 154 20.52 -48.20 14.15
C GLY C 154 20.38 -49.64 13.70
N LYS C 155 20.33 -50.60 14.62
CA LYS C 155 20.15 -52.00 14.24
C LYS C 155 18.68 -52.40 14.19
N ALA C 156 18.33 -53.13 13.18
CA ALA C 156 16.99 -53.64 13.08
C ALA C 156 16.69 -54.63 14.19
N ILE C 157 15.60 -54.44 14.93
CA ILE C 157 15.25 -55.37 15.98
C ILE C 157 13.87 -56.03 15.93
N SER C 158 12.99 -55.59 15.06
CA SER C 158 11.69 -56.25 14.98
C SER C 158 11.00 -55.93 13.66
N LEU C 159 10.04 -56.75 13.28
CA LEU C 159 9.31 -56.59 12.02
C LEU C 159 7.86 -56.88 12.31
N GLU C 160 6.95 -56.07 11.77
CA GLU C 160 5.53 -56.26 11.86
C GLU C 160 4.78 -55.93 10.60
N GLU C 161 3.81 -56.75 10.27
CA GLU C 161 3.10 -56.58 9.03
C GLU C 161 1.85 -55.79 9.27
N LYS C 162 1.70 -54.65 8.63
CA LYS C 162 0.50 -53.85 8.79
C LYS C 162 0.02 -53.72 10.23
N PRO C 163 0.88 -53.21 11.10
CA PRO C 163 0.58 -52.94 12.50
C PRO C 163 -0.29 -51.70 12.68
N LEU C 164 -1.27 -51.84 13.55
CA LEU C 164 -2.16 -50.75 13.87
C LEU C 164 -1.40 -49.58 14.50
N GLU C 165 -0.30 -49.93 15.18
CA GLU C 165 0.54 -48.96 15.86
C GLU C 165 1.99 -49.16 15.46
N PRO C 166 2.31 -48.69 14.27
CA PRO C 166 3.63 -48.90 13.73
C PRO C 166 4.67 -48.43 14.70
N LYS C 167 5.76 -49.16 14.82
CA LYS C 167 6.85 -48.82 15.73
C LYS C 167 7.84 -47.86 15.13
N SER C 168 7.73 -47.56 13.86
CA SER C 168 8.57 -46.53 13.21
C SER C 168 7.94 -46.19 11.93
N ASN C 169 8.55 -45.30 11.21
CA ASN C 169 8.02 -44.95 9.92
C ASN C 169 8.81 -45.60 8.79
N TYR C 170 9.61 -46.62 9.07
CA TYR C 170 10.36 -47.30 7.99
C TYR C 170 9.57 -48.51 7.51
N ALA C 171 9.18 -48.50 6.25
CA ALA C 171 8.57 -49.67 5.63
C ALA C 171 9.65 -50.47 4.92
N VAL C 172 9.45 -51.81 4.88
CA VAL C 172 10.37 -52.70 4.19
C VAL C 172 9.85 -52.67 2.81
N THR C 173 10.62 -52.33 1.81
CA THR C 173 10.01 -52.23 0.48
C THR C 173 9.83 -53.59 -0.19
N GLY C 174 9.30 -53.58 -1.40
CA GLY C 174 9.02 -54.82 -2.09
C GLY C 174 10.14 -55.38 -2.89
N LEU C 175 11.30 -55.52 -2.32
CA LEU C 175 12.44 -56.01 -3.10
C LEU C 175 13.19 -56.83 -2.12
N TYR C 176 13.40 -58.12 -2.39
CA TYR C 176 13.97 -58.99 -1.37
C TYR C 176 15.00 -59.92 -1.94
N PHE C 177 16.18 -60.04 -1.31
CA PHE C 177 17.25 -60.93 -1.80
C PHE C 177 17.47 -62.11 -0.84
N TYR C 178 17.47 -63.33 -1.33
CA TYR C 178 17.55 -64.48 -0.41
C TYR C 178 18.62 -65.47 -0.78
N ASP C 179 19.10 -66.22 0.20
CA ASP C 179 20.09 -67.26 -0.07
C ASP C 179 19.32 -68.57 -0.15
N GLN C 180 19.95 -69.69 0.03
CA GLN C 180 19.21 -70.94 -0.20
C GLN C 180 18.28 -71.44 0.91
N GLN C 181 18.13 -70.67 1.98
CA GLN C 181 17.27 -71.05 3.05
C GLN C 181 15.82 -70.73 2.72
N VAL C 182 15.57 -69.82 1.78
CA VAL C 182 14.23 -69.28 1.64
C VAL C 182 13.17 -70.29 1.34
N VAL C 183 13.46 -71.22 0.48
CA VAL C 183 12.43 -72.15 0.12
C VAL C 183 12.00 -72.90 1.34
N ASP C 184 12.92 -73.42 2.13
CA ASP C 184 12.50 -74.23 3.28
C ASP C 184 11.80 -73.31 4.30
N ILE C 185 12.25 -72.06 4.42
CA ILE C 185 11.62 -71.21 5.37
C ILE C 185 10.19 -71.10 4.94
N ALA C 186 9.96 -70.85 3.67
CA ALA C 186 8.55 -70.71 3.21
C ALA C 186 7.72 -71.95 3.32
N ARG C 187 8.31 -73.12 3.13
CA ARG C 187 7.55 -74.35 3.26
C ARG C 187 6.91 -74.44 4.61
N ASP C 188 7.60 -74.02 5.67
CA ASP C 188 7.12 -74.29 7.02
C ASP C 188 6.21 -73.17 7.56
N LEU C 189 5.93 -72.13 6.77
CA LEU C 189 5.06 -71.06 7.25
C LEU C 189 3.64 -71.49 7.36
N LYS C 190 2.91 -70.82 8.24
CA LYS C 190 1.49 -71.06 8.42
C LYS C 190 0.83 -69.75 8.14
N PRO C 191 -0.39 -69.78 7.62
CA PRO C 191 -1.10 -68.55 7.33
C PRO C 191 -1.16 -67.71 8.56
N SER C 192 -1.12 -66.44 8.30
CA SER C 192 -1.25 -65.54 9.36
C SER C 192 -2.71 -65.38 9.70
N PRO C 193 -3.00 -64.56 10.70
CA PRO C 193 -4.38 -64.16 11.00
C PRO C 193 -5.04 -63.62 9.74
N ARG C 194 -4.39 -62.72 9.06
CA ARG C 194 -4.97 -62.25 7.82
C ARG C 194 -5.21 -63.38 6.87
N GLY C 195 -4.67 -64.55 7.15
CA GLY C 195 -4.72 -65.61 6.15
C GLY C 195 -3.76 -65.51 4.96
N GLU C 196 -2.56 -64.98 5.13
CA GLU C 196 -1.63 -64.97 4.02
C GLU C 196 -0.35 -65.69 4.45
N LEU C 197 0.42 -66.17 3.49
CA LEU C 197 1.73 -66.64 3.80
C LEU C 197 2.56 -65.35 3.55
N GLU C 198 2.99 -64.79 4.65
CA GLU C 198 3.60 -63.49 4.68
C GLU C 198 5.07 -63.50 4.52
N ILE C 199 5.52 -62.65 3.60
CA ILE C 199 6.93 -62.46 3.37
C ILE C 199 7.57 -61.85 4.64
N THR C 200 6.79 -61.19 5.44
CA THR C 200 7.34 -60.65 6.63
C THR C 200 7.76 -61.77 7.53
N ASP C 201 7.02 -62.87 7.54
CA ASP C 201 7.43 -63.98 8.45
C ASP C 201 8.72 -64.58 7.91
N VAL C 202 8.86 -64.52 6.61
CA VAL C 202 10.02 -65.09 6.05
C VAL C 202 11.18 -64.28 6.51
N ASN C 203 11.04 -62.96 6.45
CA ASN C 203 12.10 -62.06 6.84
C ASN C 203 12.33 -62.10 8.34
N ARG C 204 11.28 -62.30 9.12
CA ARG C 204 11.48 -62.46 10.52
C ARG C 204 12.31 -63.71 10.84
N ALA C 205 12.18 -64.75 10.03
CA ALA C 205 12.92 -65.96 10.31
C ALA C 205 14.41 -65.70 10.19
N TYR C 206 14.78 -64.94 9.18
CA TYR C 206 16.18 -64.68 9.00
C TYR C 206 16.68 -63.79 10.14
N LEU C 207 15.80 -62.90 10.61
CA LEU C 207 16.18 -61.92 11.62
C LEU C 207 16.46 -62.62 12.92
N GLU C 208 15.64 -63.62 13.21
CA GLU C 208 15.72 -64.34 14.44
C GLU C 208 16.97 -65.16 14.42
N ARG C 209 17.62 -65.27 13.27
CA ARG C 209 18.89 -66.02 13.20
C ARG C 209 20.03 -65.06 13.03
N GLY C 210 19.73 -63.79 13.13
CA GLY C 210 20.74 -62.78 12.99
C GLY C 210 21.24 -62.70 11.56
N GLN C 211 20.44 -63.11 10.58
CA GLN C 211 20.94 -63.18 9.22
C GLN C 211 20.23 -62.31 8.22
N LEU C 212 19.46 -61.37 8.71
CA LEU C 212 18.73 -60.45 7.90
C LEU C 212 19.47 -59.13 7.85
N SER C 213 19.78 -58.66 6.69
CA SER C 213 20.44 -57.40 6.61
C SER C 213 19.40 -56.37 6.13
N VAL C 214 19.38 -55.24 6.79
CA VAL C 214 18.40 -54.22 6.50
C VAL C 214 19.10 -52.96 6.13
N GLU C 215 19.17 -52.64 4.85
CA GLU C 215 19.85 -51.42 4.44
C GLU C 215 18.84 -50.31 4.30
N ILE C 216 19.22 -49.12 4.71
CA ILE C 216 18.34 -47.98 4.47
C ILE C 216 18.38 -47.49 3.05
N MET C 217 17.22 -47.23 2.45
CA MET C 217 17.10 -46.65 1.14
C MET C 217 16.70 -45.27 1.51
N GLY C 218 17.61 -44.33 1.31
CA GLY C 218 17.42 -42.94 1.68
C GLY C 218 16.36 -42.10 0.94
N ARG C 219 15.98 -41.00 1.60
CA ARG C 219 15.00 -40.08 1.14
C ARG C 219 15.32 -39.63 -0.23
N GLY C 220 16.53 -39.87 -0.68
CA GLY C 220 16.90 -39.45 -2.02
C GLY C 220 16.46 -40.36 -3.13
N TYR C 221 16.16 -41.61 -2.85
CA TYR C 221 15.63 -42.41 -3.88
C TYR C 221 14.11 -42.19 -3.89
N ALA C 222 13.46 -42.63 -4.96
CA ALA C 222 12.00 -42.67 -5.00
C ALA C 222 11.52 -44.10 -4.91
N TRP C 223 10.64 -44.40 -3.97
CA TRP C 223 10.06 -45.72 -3.92
C TRP C 223 8.54 -45.51 -3.94
N LEU C 224 7.89 -45.72 -5.11
CA LEU C 224 6.44 -45.51 -5.26
C LEU C 224 5.70 -46.80 -5.44
N ASP C 225 4.44 -46.79 -5.06
CA ASP C 225 3.70 -48.02 -5.35
C ASP C 225 2.39 -47.69 -6.01
N THR C 226 1.98 -48.55 -6.93
CA THR C 226 0.87 -48.22 -7.74
C THR C 226 -0.35 -48.85 -7.15
N GLY C 227 -0.46 -48.91 -5.86
CA GLY C 227 -1.63 -49.54 -5.27
C GLY C 227 -2.99 -48.84 -5.38
N THR C 228 -3.03 -47.52 -5.39
CA THR C 228 -4.27 -46.80 -5.43
C THR C 228 -4.39 -45.91 -6.64
N HIS C 229 -5.61 -45.60 -7.01
CA HIS C 229 -5.81 -44.73 -8.15
C HIS C 229 -4.91 -43.45 -7.98
N ASP C 230 -4.85 -42.85 -6.80
CA ASP C 230 -4.01 -41.65 -6.68
C ASP C 230 -2.54 -41.98 -6.81
N SER C 231 -2.05 -42.95 -6.08
CA SER C 231 -0.64 -43.22 -6.25
C SER C 231 -0.30 -43.60 -7.69
N LEU C 232 -1.19 -44.25 -8.41
CA LEU C 232 -0.85 -44.67 -9.78
C LEU C 232 -0.66 -43.46 -10.67
N LEU C 233 -1.54 -42.51 -10.44
CA LEU C 233 -1.48 -41.28 -11.14
C LEU C 233 -0.23 -40.48 -10.79
N GLU C 234 0.15 -40.43 -9.55
CA GLU C 234 1.33 -39.69 -9.19
C GLU C 234 2.57 -40.32 -9.73
N ALA C 235 2.64 -41.63 -9.75
CA ALA C 235 3.83 -42.25 -10.28
C ALA C 235 3.88 -41.93 -11.76
N GLY C 236 2.73 -41.94 -12.42
CA GLY C 236 2.67 -41.56 -13.82
C GLY C 236 3.23 -40.19 -14.10
N GLN C 237 2.94 -39.23 -13.23
CA GLN C 237 3.38 -37.83 -13.47
C GLN C 237 4.85 -37.73 -13.12
N PHE C 238 5.28 -38.55 -12.21
CA PHE C 238 6.64 -38.53 -11.69
C PHE C 238 7.52 -38.98 -12.80
N ILE C 239 7.21 -40.12 -13.42
CA ILE C 239 7.99 -40.57 -14.54
C ILE C 239 7.94 -39.54 -15.67
N ALA C 240 6.77 -39.00 -16.00
CA ALA C 240 6.74 -38.14 -17.15
C ALA C 240 7.62 -36.95 -16.98
N THR C 241 7.69 -36.46 -15.76
CA THR C 241 8.50 -35.29 -15.52
C THR C 241 9.96 -35.59 -15.72
N LEU C 242 10.41 -36.71 -15.22
CA LEU C 242 11.77 -37.05 -15.41
C LEU C 242 12.03 -37.22 -16.91
N GLU C 243 11.12 -37.88 -17.64
CA GLU C 243 11.43 -38.29 -19.01
C GLU C 243 11.45 -37.06 -19.88
N ASN C 244 10.52 -36.15 -19.65
CA ASN C 244 10.47 -34.96 -20.50
C ASN C 244 11.51 -33.95 -20.20
N ARG C 245 12.09 -34.01 -18.99
CA ARG C 245 13.18 -33.11 -18.69
C ARG C 245 14.48 -33.64 -19.27
N GLN C 246 14.72 -34.95 -19.16
CA GLN C 246 16.04 -35.51 -19.50
C GLN C 246 16.15 -35.95 -20.96
N GLY C 247 15.04 -36.33 -21.57
CA GLY C 247 15.09 -36.94 -22.89
C GLY C 247 15.63 -38.35 -22.77
N LEU C 248 15.59 -38.91 -21.55
CA LEU C 248 15.98 -40.26 -21.33
C LEU C 248 14.83 -40.97 -20.72
N LYS C 249 14.70 -42.25 -20.95
CA LYS C 249 13.48 -42.93 -20.52
C LYS C 249 13.75 -43.83 -19.37
N VAL C 250 12.81 -43.95 -18.45
CA VAL C 250 13.06 -44.78 -17.25
C VAL C 250 12.62 -46.22 -17.48
N ALA C 251 13.43 -47.17 -17.05
CA ALA C 251 13.05 -48.59 -17.11
C ALA C 251 12.56 -49.05 -18.52
N CYS C 252 13.40 -48.81 -19.49
CA CYS C 252 13.16 -49.27 -20.81
C CYS C 252 14.10 -50.44 -20.95
N PRO C 253 13.57 -51.65 -20.94
CA PRO C 253 14.39 -52.85 -20.92
C PRO C 253 15.38 -52.98 -22.06
N GLU C 254 15.02 -52.58 -23.26
CA GLU C 254 15.91 -52.69 -24.40
C GLU C 254 17.19 -51.94 -24.09
N GLU C 255 17.01 -50.72 -23.56
CA GLU C 255 18.14 -49.87 -23.26
C GLU C 255 19.01 -50.57 -22.27
N ILE C 256 18.39 -51.07 -21.21
CA ILE C 256 19.19 -51.62 -20.12
C ILE C 256 19.94 -52.80 -20.61
N ALA C 257 19.25 -53.65 -21.37
CA ALA C 257 19.91 -54.79 -21.97
C ALA C 257 21.17 -54.31 -22.74
N TYR C 258 20.93 -53.36 -23.63
CA TYR C 258 22.02 -52.91 -24.48
C TYR C 258 23.13 -52.30 -23.61
N ARG C 259 22.82 -51.59 -22.54
CA ARG C 259 23.92 -51.01 -21.75
C ARG C 259 24.67 -52.10 -20.99
N GLN C 260 23.98 -53.12 -20.51
CA GLN C 260 24.65 -54.25 -19.86
C GLN C 260 25.34 -55.19 -20.86
N LYS C 261 25.15 -54.98 -22.14
CA LYS C 261 25.81 -55.84 -23.13
C LYS C 261 25.14 -57.19 -23.24
N TRP C 262 23.89 -57.29 -22.83
CA TRP C 262 23.13 -58.52 -23.04
C TRP C 262 22.65 -58.67 -24.47
N ILE C 263 22.60 -57.55 -25.18
CA ILE C 263 22.31 -57.57 -26.58
C ILE C 263 23.27 -56.58 -27.24
N ASP C 264 23.51 -56.69 -28.53
CA ASP C 264 24.40 -55.75 -29.17
C ASP C 264 23.66 -54.75 -30.04
N ALA C 265 24.42 -53.86 -30.66
CA ALA C 265 23.84 -52.80 -31.48
C ALA C 265 22.95 -53.31 -32.54
N ALA C 266 23.33 -54.38 -33.22
CA ALA C 266 22.46 -54.91 -34.27
C ALA C 266 21.12 -55.34 -33.70
N GLN C 267 21.13 -55.97 -32.51
CA GLN C 267 19.89 -56.44 -31.89
C GLN C 267 18.99 -55.32 -31.49
N LEU C 268 19.58 -54.27 -31.00
CA LEU C 268 18.84 -53.13 -30.58
C LEU C 268 18.25 -52.50 -31.82
N GLU C 269 19.03 -52.44 -32.88
CA GLU C 269 18.50 -51.80 -34.09
C GLU C 269 17.21 -52.54 -34.46
N LYS C 270 17.34 -53.84 -34.45
CA LYS C 270 16.25 -54.69 -34.83
C LYS C 270 15.10 -54.62 -33.83
N LEU C 271 15.34 -54.28 -32.57
CA LEU C 271 14.13 -54.08 -31.71
C LEU C 271 13.42 -52.78 -32.07
N ALA C 272 14.19 -51.84 -32.59
CA ALA C 272 13.67 -50.53 -32.88
C ALA C 272 12.69 -50.49 -34.02
N ALA C 273 13.11 -51.06 -35.12
CA ALA C 273 12.33 -50.97 -36.35
C ALA C 273 10.79 -51.00 -36.12
N PRO C 274 10.23 -52.10 -35.59
CA PRO C 274 8.76 -52.25 -35.44
C PRO C 274 8.14 -51.18 -34.65
N LEU C 275 8.97 -50.56 -33.85
CA LEU C 275 8.50 -49.54 -32.98
C LEU C 275 8.92 -48.18 -33.54
N ALA C 276 9.46 -48.12 -34.77
CA ALA C 276 10.01 -46.82 -35.27
C ALA C 276 9.06 -45.68 -35.55
N LYS C 277 7.77 -45.99 -35.73
CA LYS C 277 6.82 -44.95 -36.08
C LYS C 277 6.53 -44.10 -34.88
N ASN C 278 6.76 -44.61 -33.69
CA ASN C 278 6.48 -43.82 -32.48
C ASN C 278 7.70 -43.42 -31.73
N GLY C 279 7.50 -42.62 -30.69
CA GLY C 279 8.59 -42.05 -29.91
C GLY C 279 9.47 -43.06 -29.20
N TYR C 280 8.93 -44.23 -28.89
CA TYR C 280 9.70 -45.18 -28.13
C TYR C 280 10.77 -45.73 -29.03
N GLY C 281 10.38 -46.12 -30.22
CA GLY C 281 11.34 -46.68 -31.19
C GLY C 281 12.38 -45.65 -31.54
N GLN C 282 11.90 -44.44 -31.74
CA GLN C 282 12.81 -43.35 -32.06
C GLN C 282 13.86 -43.23 -30.94
N TYR C 283 13.42 -43.35 -29.70
CA TYR C 283 14.36 -43.30 -28.59
C TYR C 283 15.39 -44.47 -28.64
N LEU C 284 14.92 -45.67 -28.90
CA LEU C 284 15.84 -46.77 -29.01
C LEU C 284 16.91 -46.50 -30.10
N LYS C 285 16.49 -46.02 -31.27
CA LYS C 285 17.44 -45.73 -32.33
C LYS C 285 18.44 -44.69 -31.89
N ARG C 286 17.94 -43.65 -31.26
CA ARG C 286 18.86 -42.59 -30.88
C ARG C 286 19.95 -43.13 -29.91
N LEU C 287 19.62 -44.08 -29.07
CA LEU C 287 20.64 -44.60 -28.22
C LEU C 287 21.82 -45.17 -28.99
N LEU C 288 21.64 -45.60 -30.23
CA LEU C 288 22.75 -46.20 -30.99
C LEU C 288 23.75 -45.16 -31.41
N THR C 289 23.37 -43.88 -31.37
CA THR C 289 24.27 -42.82 -31.86
C THR C 289 24.59 -41.74 -30.86
N GLU C 290 24.20 -41.92 -29.62
CA GLU C 290 24.47 -40.91 -28.62
C GLU C 290 25.21 -41.58 -27.47
N THR C 291 26.25 -40.95 -26.97
CA THR C 291 26.89 -41.46 -25.79
C THR C 291 26.18 -40.89 -24.54
N VAL C 292 25.67 -41.73 -23.67
CA VAL C 292 25.02 -41.23 -22.50
C VAL C 292 25.82 -41.66 -21.28
N TYR C 293 26.32 -40.71 -20.50
CA TYR C 293 27.12 -41.10 -19.34
C TYR C 293 26.23 -41.59 -18.19
N LYS D 2 -35.83 -43.06 -32.21
CA LYS D 2 -35.14 -44.30 -31.67
C LYS D 2 -33.75 -44.26 -32.27
N ARG D 3 -32.75 -44.01 -31.42
CA ARG D 3 -31.46 -43.91 -31.98
C ARG D 3 -30.61 -44.95 -31.44
N LYS D 4 -29.82 -45.57 -32.29
CA LYS D 4 -28.90 -46.59 -31.88
C LYS D 4 -27.51 -45.97 -31.81
N GLY D 5 -26.63 -46.48 -30.96
CA GLY D 5 -25.30 -45.92 -30.87
C GLY D 5 -24.15 -46.89 -31.10
N ILE D 6 -23.03 -46.34 -31.50
CA ILE D 6 -21.86 -47.08 -31.81
C ILE D 6 -20.63 -46.48 -31.14
N ILE D 7 -19.80 -47.32 -30.57
CA ILE D 7 -18.55 -46.87 -29.98
C ILE D 7 -17.46 -47.58 -30.76
N LEU D 8 -16.62 -46.79 -31.37
CA LEU D 8 -15.58 -47.27 -32.22
C LEU D 8 -14.38 -47.40 -31.29
N ALA D 9 -14.12 -48.59 -30.81
CA ALA D 9 -13.02 -48.73 -29.84
C ALA D 9 -11.94 -49.70 -30.33
N GLY D 10 -11.46 -49.41 -31.52
CA GLY D 10 -10.43 -50.18 -32.11
C GLY D 10 -9.19 -49.34 -32.16
N GLY D 11 -8.53 -49.50 -33.29
CA GLY D 11 -7.36 -48.75 -33.55
C GLY D 11 -6.17 -49.61 -33.20
N SER D 12 -5.01 -49.30 -33.75
CA SER D 12 -3.77 -49.99 -33.39
C SER D 12 -3.17 -49.28 -32.20
N GLY D 13 -3.52 -48.03 -31.96
CA GLY D 13 -3.03 -47.33 -30.76
C GLY D 13 -1.55 -47.10 -30.60
N THR D 14 -0.81 -46.98 -31.72
CA THR D 14 0.66 -46.80 -31.74
C THR D 14 1.27 -45.55 -31.04
N ARG D 15 0.64 -44.40 -31.07
CA ARG D 15 1.32 -43.25 -30.39
C ARG D 15 1.65 -43.60 -28.90
N LEU D 16 0.83 -44.47 -28.30
CA LEU D 16 1.01 -44.90 -26.93
C LEU D 16 1.95 -46.06 -26.77
N HIS D 17 2.50 -46.63 -27.82
CA HIS D 17 3.51 -47.67 -27.51
C HIS D 17 4.59 -47.19 -26.60
N PRO D 18 5.13 -48.15 -25.84
CA PRO D 18 4.70 -49.54 -25.78
C PRO D 18 3.59 -49.83 -24.80
N ALA D 19 3.05 -48.81 -24.14
CA ALA D 19 1.96 -49.00 -23.19
C ALA D 19 0.81 -49.81 -23.75
N THR D 20 0.48 -49.63 -25.03
CA THR D 20 -0.67 -50.35 -25.59
C THR D 20 -0.36 -51.64 -26.26
N LEU D 21 0.79 -52.25 -25.96
CA LEU D 21 1.16 -53.56 -26.56
C LEU D 21 0.56 -54.66 -25.71
N ALA D 22 0.39 -54.37 -24.44
CA ALA D 22 -0.19 -55.35 -23.52
C ALA D 22 -1.69 -55.36 -23.69
N ILE D 23 -2.19 -54.30 -24.33
CA ILE D 23 -3.64 -54.13 -24.64
C ILE D 23 -4.16 -52.75 -25.17
N SER D 24 -5.43 -52.78 -25.59
CA SER D 24 -6.07 -51.68 -26.24
C SER D 24 -6.24 -50.40 -25.37
N LYS D 25 -5.92 -49.28 -25.97
CA LYS D 25 -6.06 -47.97 -25.36
C LYS D 25 -7.35 -47.83 -24.60
N GLN D 26 -8.46 -48.27 -25.21
CA GLN D 26 -9.78 -48.10 -24.61
C GLN D 26 -10.05 -48.91 -23.36
N LEU D 27 -9.13 -49.79 -22.99
CA LEU D 27 -9.23 -50.50 -21.73
C LEU D 27 -8.37 -49.85 -20.60
N LEU D 28 -7.45 -48.97 -20.92
CA LEU D 28 -6.68 -48.29 -19.94
C LEU D 28 -7.58 -47.40 -19.13
N PRO D 29 -7.15 -47.19 -17.92
CA PRO D 29 -7.87 -46.32 -17.01
C PRO D 29 -7.64 -44.86 -17.27
N VAL D 30 -8.72 -44.10 -17.14
CA VAL D 30 -8.59 -42.66 -16.98
C VAL D 30 -8.93 -42.44 -15.51
N TYR D 31 -7.86 -42.23 -14.74
CA TYR D 31 -7.91 -42.08 -13.31
C TYR D 31 -8.38 -43.29 -12.65
N ASP D 32 -9.70 -43.50 -12.61
CA ASP D 32 -10.22 -44.60 -11.80
C ASP D 32 -11.14 -45.58 -12.49
N LYS D 33 -11.37 -45.45 -13.78
CA LYS D 33 -12.23 -46.44 -14.46
C LYS D 33 -11.78 -46.61 -15.91
N PRO D 34 -12.12 -47.71 -16.57
CA PRO D 34 -11.64 -47.94 -17.92
C PRO D 34 -12.14 -46.85 -18.85
N MET D 35 -11.23 -46.41 -19.72
CA MET D 35 -11.51 -45.38 -20.64
C MET D 35 -12.90 -45.50 -21.29
N ILE D 36 -13.27 -46.69 -21.74
CA ILE D 36 -14.48 -46.83 -22.49
C ILE D 36 -15.69 -46.53 -21.72
N TYR D 37 -15.58 -46.46 -20.41
CA TYR D 37 -16.74 -46.00 -19.63
C TYR D 37 -17.14 -44.60 -20.04
N TYR D 38 -16.15 -43.76 -20.34
CA TYR D 38 -16.51 -42.33 -20.64
C TYR D 38 -17.52 -42.15 -21.81
N PRO D 39 -17.13 -42.57 -23.00
CA PRO D 39 -17.99 -42.50 -24.20
C PRO D 39 -19.24 -43.31 -24.00
N LEU D 40 -19.14 -44.46 -23.37
CA LEU D 40 -20.35 -45.21 -23.06
C LEU D 40 -21.30 -44.31 -22.31
N SER D 41 -20.85 -43.65 -21.27
CA SER D 41 -21.74 -42.78 -20.50
C SER D 41 -22.19 -41.60 -21.36
N THR D 42 -21.38 -41.19 -22.33
CA THR D 42 -21.87 -40.16 -23.24
C THR D 42 -23.10 -40.63 -24.03
N LEU D 43 -23.03 -41.79 -24.68
CA LEU D 43 -24.24 -42.27 -25.35
C LEU D 43 -25.37 -42.39 -24.32
N MET D 44 -25.05 -42.94 -23.15
CA MET D 44 -26.13 -43.19 -22.18
C MET D 44 -26.82 -41.86 -21.89
N LEU D 45 -26.04 -40.79 -21.71
CA LEU D 45 -26.71 -39.49 -21.42
C LEU D 45 -27.42 -38.91 -22.62
N ALA D 46 -27.20 -39.40 -23.84
CA ALA D 46 -28.02 -38.94 -24.95
C ALA D 46 -29.25 -39.75 -25.02
N GLY D 47 -29.48 -40.56 -24.01
CA GLY D 47 -30.64 -41.42 -23.94
C GLY D 47 -30.58 -42.66 -24.83
N ILE D 48 -29.39 -43.08 -25.26
CA ILE D 48 -29.28 -44.25 -26.09
C ILE D 48 -29.00 -45.47 -25.25
N ARG D 49 -29.76 -46.54 -25.44
CA ARG D 49 -29.62 -47.74 -24.59
C ARG D 49 -29.17 -49.00 -25.33
N GLU D 50 -29.18 -48.91 -26.65
CA GLU D 50 -28.84 -50.02 -27.45
C GLU D 50 -27.62 -49.64 -28.24
N ILE D 51 -26.50 -50.38 -28.01
CA ILE D 51 -25.17 -49.90 -28.42
C ILE D 51 -24.23 -50.95 -28.94
N LEU D 52 -23.59 -50.59 -30.03
CA LEU D 52 -22.67 -51.50 -30.65
C LEU D 52 -21.22 -51.17 -30.30
N ILE D 53 -20.46 -52.12 -29.83
CA ILE D 53 -19.08 -51.82 -29.56
C ILE D 53 -18.18 -52.47 -30.58
N ILE D 54 -17.38 -51.66 -31.27
CA ILE D 54 -16.48 -52.19 -32.24
C ILE D 54 -15.07 -52.15 -31.76
N SER D 55 -14.36 -53.22 -31.99
CA SER D 55 -12.95 -53.23 -31.69
C SER D 55 -12.18 -54.20 -32.51
N THR D 56 -10.85 -54.26 -32.28
CA THR D 56 -10.03 -55.26 -32.99
C THR D 56 -10.56 -56.65 -32.64
N PRO D 57 -10.26 -57.58 -33.44
CA PRO D 57 -10.63 -58.96 -33.14
C PRO D 57 -10.02 -59.43 -31.81
N GLN D 58 -8.74 -59.13 -31.52
CA GLN D 58 -8.17 -59.64 -30.28
C GLN D 58 -8.82 -58.89 -29.09
N ASP D 59 -9.24 -57.61 -29.19
CA ASP D 59 -9.73 -56.91 -27.96
C ASP D 59 -11.23 -57.17 -27.70
N THR D 60 -11.91 -57.55 -28.74
CA THR D 60 -13.35 -57.73 -28.64
C THR D 60 -13.82 -58.56 -27.47
N PRO D 61 -13.28 -59.71 -27.33
CA PRO D 61 -13.56 -60.52 -26.18
C PRO D 61 -13.26 -59.86 -24.86
N ARG D 62 -12.27 -58.99 -24.79
CA ARG D 62 -11.97 -58.31 -23.52
C ARG D 62 -12.97 -57.25 -23.18
N PHE D 63 -13.50 -56.56 -24.20
CA PHE D 63 -14.59 -55.64 -23.93
C PHE D 63 -15.77 -56.42 -23.40
N GLN D 64 -16.00 -57.56 -23.98
CA GLN D 64 -17.20 -58.30 -23.63
C GLN D 64 -17.10 -58.69 -22.18
N GLN D 65 -15.92 -59.14 -21.86
CA GLN D 65 -15.64 -59.57 -20.51
C GLN D 65 -15.87 -58.47 -19.49
N LEU D 66 -15.67 -57.25 -19.93
CA LEU D 66 -15.76 -56.15 -19.04
C LEU D 66 -17.22 -55.62 -19.02
N LEU D 67 -17.89 -55.60 -20.14
CA LEU D 67 -19.20 -55.02 -20.15
C LEU D 67 -20.38 -56.01 -20.24
N GLY D 68 -20.07 -57.25 -20.52
CA GLY D 68 -21.15 -58.18 -20.81
C GLY D 68 -22.16 -57.67 -21.83
N ASP D 69 -23.41 -58.02 -21.62
CA ASP D 69 -24.41 -57.66 -22.63
C ASP D 69 -25.12 -56.39 -22.22
N GLY D 70 -24.76 -55.84 -21.09
CA GLY D 70 -25.30 -54.57 -20.71
C GLY D 70 -26.56 -54.64 -19.87
N SER D 71 -27.15 -55.84 -19.83
CA SER D 71 -28.41 -56.02 -19.11
C SER D 71 -28.29 -55.52 -17.64
N ASN D 72 -27.15 -55.70 -17.03
CA ASN D 72 -27.01 -55.30 -15.62
C ASN D 72 -27.08 -53.76 -15.46
N TRP D 73 -26.91 -53.03 -16.54
CA TRP D 73 -26.99 -51.56 -16.49
C TRP D 73 -28.19 -51.08 -17.27
N GLY D 74 -29.12 -51.99 -17.57
CA GLY D 74 -30.27 -51.67 -18.38
C GLY D 74 -29.93 -51.32 -19.82
N LEU D 75 -28.74 -51.70 -20.27
CA LEU D 75 -28.39 -51.43 -21.64
C LEU D 75 -28.59 -52.68 -22.48
N ASP D 76 -28.45 -52.57 -23.79
CA ASP D 76 -28.42 -53.75 -24.64
C ASP D 76 -27.17 -53.64 -25.47
N LEU D 77 -26.07 -54.23 -25.05
CA LEU D 77 -24.81 -54.09 -25.77
C LEU D 77 -24.55 -55.22 -26.70
N GLN D 78 -24.03 -54.89 -27.86
CA GLN D 78 -23.56 -55.88 -28.79
C GLN D 78 -22.16 -55.55 -29.29
N TYR D 79 -21.52 -56.53 -29.93
CA TYR D 79 -20.14 -56.40 -30.34
C TYR D 79 -19.88 -56.71 -31.81
N ALA D 80 -18.89 -56.05 -32.35
CA ALA D 80 -18.43 -56.31 -33.69
C ALA D 80 -16.98 -56.01 -33.83
N VAL D 81 -16.36 -56.66 -34.78
CA VAL D 81 -14.95 -56.54 -34.99
C VAL D 81 -14.58 -55.69 -36.18
N GLN D 82 -13.48 -54.98 -36.09
CA GLN D 82 -13.00 -54.22 -37.22
C GLN D 82 -11.65 -54.85 -37.48
N PRO D 83 -11.61 -55.71 -38.51
CA PRO D 83 -10.44 -56.51 -38.87
C PRO D 83 -9.24 -55.69 -38.92
N SER D 84 -9.37 -54.37 -39.26
CA SER D 84 -8.22 -53.45 -39.44
C SER D 84 -8.68 -51.98 -39.31
N PRO D 85 -7.84 -51.07 -38.88
CA PRO D 85 -8.31 -49.69 -38.61
C PRO D 85 -8.38 -48.85 -39.87
N ASP D 86 -9.28 -49.15 -40.73
CA ASP D 86 -9.27 -48.52 -42.02
C ASP D 86 -10.11 -47.28 -42.15
N GLY D 87 -10.57 -46.70 -41.04
CA GLY D 87 -11.29 -45.46 -41.12
C GLY D 87 -12.54 -45.37 -40.25
N LEU D 88 -12.81 -44.20 -39.71
CA LEU D 88 -13.95 -44.12 -38.81
C LEU D 88 -15.26 -44.39 -39.51
N ALA D 89 -15.33 -44.12 -40.81
CA ALA D 89 -16.56 -44.42 -41.54
C ALA D 89 -16.83 -45.89 -41.61
N GLN D 90 -15.80 -46.72 -41.48
CA GLN D 90 -16.08 -48.16 -41.49
C GLN D 90 -17.10 -48.50 -40.45
N ALA D 91 -17.20 -47.71 -39.40
CA ALA D 91 -18.17 -48.03 -38.37
C ALA D 91 -19.59 -48.24 -38.98
N PHE D 92 -19.90 -47.55 -40.06
CA PHE D 92 -21.21 -47.65 -40.60
C PHE D 92 -21.36 -48.87 -41.49
N LEU D 93 -20.26 -49.36 -42.03
CA LEU D 93 -20.30 -50.54 -42.81
C LEU D 93 -20.44 -51.64 -41.82
N ILE D 94 -19.52 -51.73 -40.86
CA ILE D 94 -19.51 -52.80 -39.87
C ILE D 94 -20.78 -52.82 -39.11
N GLY D 95 -21.29 -51.62 -38.84
CA GLY D 95 -22.54 -51.44 -38.10
C GLY D 95 -23.82 -51.46 -38.90
N GLU D 96 -23.75 -51.69 -40.21
CA GLU D 96 -24.93 -51.63 -41.03
C GLU D 96 -26.16 -52.38 -40.47
N SER D 97 -26.00 -53.68 -40.19
CA SER D 97 -27.11 -54.50 -39.77
C SER D 97 -27.52 -54.18 -38.42
N PHE D 98 -26.61 -53.71 -37.64
CA PHE D 98 -26.98 -53.31 -36.29
C PHE D 98 -27.93 -52.11 -36.40
N ILE D 99 -27.65 -51.18 -37.30
CA ILE D 99 -28.43 -49.99 -37.39
C ILE D 99 -29.82 -50.21 -37.98
N GLY D 100 -29.88 -51.02 -39.02
CA GLY D 100 -31.14 -51.26 -39.68
C GLY D 100 -31.62 -49.95 -40.25
N ASN D 101 -32.88 -49.64 -39.99
CA ASN D 101 -33.48 -48.39 -40.40
C ASN D 101 -33.60 -47.32 -39.30
N ASP D 102 -32.75 -47.33 -38.27
CA ASP D 102 -32.88 -46.32 -37.21
C ASP D 102 -31.92 -45.13 -37.34
N LEU D 103 -32.16 -44.12 -36.54
CA LEU D 103 -31.24 -43.01 -36.36
C LEU D 103 -30.06 -43.61 -35.65
N SER D 104 -28.90 -42.97 -35.75
CA SER D 104 -27.70 -43.53 -35.09
C SER D 104 -26.78 -42.47 -34.62
N ALA D 105 -25.81 -42.86 -33.83
CA ALA D 105 -24.87 -41.97 -33.23
C ALA D 105 -23.55 -42.71 -33.04
N LEU D 106 -22.46 -42.02 -33.34
CA LEU D 106 -21.17 -42.65 -33.29
C LEU D 106 -20.32 -41.86 -32.33
N VAL D 107 -19.65 -42.54 -31.39
CA VAL D 107 -18.69 -41.87 -30.51
C VAL D 107 -17.35 -42.60 -30.52
N LEU D 108 -16.24 -41.86 -30.53
CA LEU D 108 -14.94 -42.52 -30.52
C LEU D 108 -14.61 -42.96 -29.10
N GLY D 109 -14.07 -44.15 -29.00
CA GLY D 109 -13.79 -44.73 -27.70
C GLY D 109 -12.73 -44.07 -26.87
N ASP D 110 -11.94 -43.16 -27.43
CA ASP D 110 -10.91 -42.50 -26.65
C ASP D 110 -11.23 -41.00 -26.45
N ASN D 111 -12.50 -40.68 -26.65
CA ASN D 111 -13.00 -39.35 -26.48
C ASN D 111 -13.76 -39.22 -25.16
N LEU D 112 -13.46 -38.13 -24.46
CA LEU D 112 -13.95 -37.86 -23.15
C LEU D 112 -14.54 -36.46 -23.10
N TYR D 113 -15.82 -36.33 -22.74
CA TYR D 113 -16.53 -35.08 -22.65
C TYR D 113 -16.99 -34.78 -21.24
N TYR D 114 -16.98 -33.50 -20.87
CA TYR D 114 -17.48 -33.11 -19.59
C TYR D 114 -17.94 -31.67 -19.48
N GLY D 115 -19.09 -31.44 -18.87
CA GLY D 115 -19.57 -30.11 -18.74
C GLY D 115 -21.04 -29.88 -18.44
N HIS D 116 -21.30 -28.74 -17.82
CA HIS D 116 -22.63 -28.37 -17.41
C HIS D 116 -23.56 -28.32 -18.56
N ASP D 117 -24.74 -28.92 -18.39
CA ASP D 117 -25.75 -29.02 -19.43
C ASP D 117 -25.28 -29.85 -20.60
N PHE D 118 -24.34 -30.72 -20.38
CA PHE D 118 -23.89 -31.50 -21.47
C PHE D 118 -25.09 -32.22 -21.94
N HIS D 119 -25.84 -32.80 -21.01
CA HIS D 119 -26.91 -33.64 -21.50
C HIS D 119 -28.03 -32.89 -22.15
N GLU D 120 -28.11 -31.60 -22.03
CA GLU D 120 -29.12 -30.93 -22.79
C GLU D 120 -28.52 -30.80 -24.19
N LEU D 121 -27.23 -30.64 -24.27
CA LEU D 121 -26.58 -30.49 -25.60
C LEU D 121 -26.75 -31.73 -26.47
N LEU D 122 -26.65 -32.87 -25.80
CA LEU D 122 -26.83 -34.12 -26.46
C LEU D 122 -28.28 -34.16 -26.90
N GLY D 123 -29.18 -33.90 -25.95
CA GLY D 123 -30.61 -34.06 -26.22
C GLY D 123 -31.00 -33.29 -27.47
N SER D 124 -30.50 -32.11 -27.59
CA SER D 124 -30.95 -31.37 -28.71
C SER D 124 -30.46 -32.04 -29.97
N ALA D 125 -29.34 -32.70 -29.95
CA ALA D 125 -28.99 -33.33 -31.23
C ALA D 125 -29.71 -34.66 -31.41
N SER D 126 -29.94 -35.38 -30.34
CA SER D 126 -30.52 -36.68 -30.50
C SER D 126 -31.88 -36.51 -31.15
N GLN D 127 -32.47 -35.36 -30.96
CA GLN D 127 -33.85 -35.26 -31.34
C GLN D 127 -34.07 -34.69 -32.70
N ARG D 128 -33.07 -34.14 -33.33
CA ARG D 128 -33.31 -33.93 -34.77
C ARG D 128 -33.50 -35.26 -35.47
N GLN D 129 -34.57 -35.40 -36.22
CA GLN D 129 -34.80 -36.67 -36.88
C GLN D 129 -34.32 -36.74 -38.29
N THR D 130 -33.58 -35.70 -38.68
CA THR D 130 -33.16 -35.62 -40.07
C THR D 130 -31.81 -34.95 -40.19
N GLY D 131 -31.06 -35.26 -41.21
CA GLY D 131 -29.74 -34.66 -41.35
C GLY D 131 -28.77 -35.23 -40.34
N ALA D 132 -27.62 -34.60 -40.22
CA ALA D 132 -26.63 -35.04 -39.24
C ALA D 132 -26.24 -33.87 -38.33
N SER D 133 -25.75 -34.20 -37.15
CA SER D 133 -25.26 -33.15 -36.25
C SER D 133 -23.92 -33.45 -35.71
N VAL D 134 -23.00 -32.49 -35.74
CA VAL D 134 -21.67 -32.62 -35.15
C VAL D 134 -21.34 -31.42 -34.26
N PHE D 135 -20.18 -31.40 -33.65
CA PHE D 135 -19.84 -30.35 -32.69
C PHE D 135 -18.45 -29.78 -32.94
N ALA D 136 -18.32 -28.46 -32.82
CA ALA D 136 -17.06 -27.83 -33.06
C ALA D 136 -16.49 -27.33 -31.80
N TYR D 137 -15.19 -27.52 -31.58
CA TYR D 137 -14.54 -27.14 -30.30
C TYR D 137 -13.22 -26.44 -30.56
N HIS D 138 -13.03 -25.29 -29.97
CA HIS D 138 -11.81 -24.56 -30.20
C HIS D 138 -10.63 -25.33 -29.60
N VAL D 139 -9.59 -25.56 -30.37
CA VAL D 139 -8.44 -26.24 -29.80
C VAL D 139 -7.15 -25.61 -30.20
N LEU D 140 -6.08 -26.05 -29.57
CA LEU D 140 -4.75 -25.51 -29.87
C LEU D 140 -4.16 -26.03 -31.19
N ASP D 141 -4.38 -27.31 -31.46
CA ASP D 141 -3.78 -27.98 -32.63
C ASP D 141 -4.85 -28.50 -33.68
N PRO D 142 -5.61 -27.61 -34.30
CA PRO D 142 -6.66 -28.05 -35.21
C PRO D 142 -6.16 -29.04 -36.24
N GLU D 143 -4.90 -28.91 -36.59
CA GLU D 143 -4.32 -29.71 -37.64
C GLU D 143 -4.35 -31.19 -37.32
N ARG D 144 -4.65 -31.57 -36.11
CA ARG D 144 -4.64 -32.96 -35.76
C ARG D 144 -6.02 -33.57 -35.98
N TYR D 145 -7.00 -32.75 -36.34
CA TYR D 145 -8.39 -33.20 -36.51
C TYR D 145 -9.06 -32.78 -37.81
N GLY D 146 -10.33 -33.12 -37.87
CA GLY D 146 -11.15 -32.62 -38.96
C GLY D 146 -11.45 -31.21 -38.54
N VAL D 147 -11.22 -30.22 -39.41
CA VAL D 147 -11.38 -28.82 -39.05
C VAL D 147 -12.54 -28.26 -39.82
N VAL D 148 -13.31 -27.41 -39.17
CA VAL D 148 -14.47 -26.81 -39.78
C VAL D 148 -14.32 -25.30 -39.81
N GLU D 149 -14.59 -24.69 -40.96
CA GLU D 149 -14.44 -23.27 -41.24
C GLU D 149 -15.80 -22.59 -41.18
N PHE D 150 -15.88 -21.42 -40.58
CA PHE D 150 -17.13 -20.71 -40.57
C PHE D 150 -17.00 -19.45 -41.39
N ASP D 151 -18.11 -19.01 -42.02
CA ASP D 151 -18.14 -17.69 -42.62
C ASP D 151 -18.42 -16.65 -41.50
N GLN D 152 -18.32 -15.39 -41.84
CA GLN D 152 -18.49 -14.35 -40.85
C GLN D 152 -19.87 -14.38 -40.24
N GLY D 153 -20.83 -14.95 -40.94
CA GLY D 153 -22.12 -15.10 -40.31
C GLY D 153 -22.08 -16.19 -39.28
N GLY D 154 -21.01 -16.97 -39.22
CA GLY D 154 -21.03 -18.07 -38.26
C GLY D 154 -21.56 -19.37 -38.82
N LYS D 155 -21.75 -19.44 -40.14
CA LYS D 155 -22.22 -20.69 -40.74
C LYS D 155 -21.04 -21.54 -41.13
N ALA D 156 -21.15 -22.83 -40.90
CA ALA D 156 -20.16 -23.76 -41.40
C ALA D 156 -20.15 -23.74 -42.92
N ILE D 157 -18.97 -23.63 -43.53
CA ILE D 157 -18.86 -23.67 -44.99
C ILE D 157 -17.85 -24.64 -45.59
N SER D 158 -16.98 -25.23 -44.78
CA SER D 158 -16.12 -26.29 -45.35
C SER D 158 -15.54 -27.17 -44.26
N LEU D 159 -15.07 -28.36 -44.64
CA LEU D 159 -14.49 -29.34 -43.70
C LEU D 159 -13.26 -29.91 -44.32
N GLU D 160 -12.18 -30.02 -43.58
CA GLU D 160 -10.99 -30.70 -44.05
C GLU D 160 -10.38 -31.60 -42.97
N GLU D 161 -9.84 -32.74 -43.38
CA GLU D 161 -9.32 -33.64 -42.43
C GLU D 161 -7.84 -33.40 -42.32
N LYS D 162 -7.31 -33.24 -41.12
CA LYS D 162 -5.86 -33.05 -40.91
C LYS D 162 -5.21 -32.15 -41.97
N PRO D 163 -5.66 -30.95 -42.15
CA PRO D 163 -5.05 -30.02 -43.07
C PRO D 163 -3.76 -29.39 -42.54
N LEU D 164 -2.82 -29.24 -43.45
CA LEU D 164 -1.54 -28.66 -43.16
C LEU D 164 -1.67 -27.19 -42.79
N GLU D 165 -2.72 -26.57 -43.32
CA GLU D 165 -3.01 -25.16 -43.03
C GLU D 165 -4.46 -25.01 -42.64
N PRO D 166 -4.75 -25.32 -41.39
CA PRO D 166 -6.11 -25.26 -40.89
C PRO D 166 -6.70 -23.93 -41.17
N LYS D 167 -7.96 -23.91 -41.58
CA LYS D 167 -8.68 -22.70 -41.89
C LYS D 167 -9.33 -22.09 -40.68
N SER D 168 -9.27 -22.79 -39.54
CA SER D 168 -9.73 -22.19 -38.29
C SER D 168 -9.23 -22.99 -37.19
N ASN D 169 -9.58 -22.63 -35.98
CA ASN D 169 -9.18 -23.44 -34.85
C ASN D 169 -10.27 -24.32 -34.29
N TYR D 170 -11.35 -24.54 -35.03
CA TYR D 170 -12.44 -25.39 -34.59
C TYR D 170 -12.29 -26.84 -35.15
N ALA D 171 -12.12 -27.80 -34.24
CA ALA D 171 -12.13 -29.19 -34.64
C ALA D 171 -13.52 -29.75 -34.48
N VAL D 172 -13.83 -30.72 -35.31
CA VAL D 172 -15.07 -31.41 -35.20
C VAL D 172 -14.76 -32.49 -34.20
N THR D 173 -15.51 -32.63 -33.12
CA THR D 173 -15.12 -33.63 -32.13
C THR D 173 -15.58 -35.00 -32.55
N GLY D 174 -15.28 -36.01 -31.74
CA GLY D 174 -15.60 -37.37 -32.05
C GLY D 174 -16.95 -37.86 -31.62
N LEU D 175 -17.99 -37.11 -31.92
CA LEU D 175 -19.31 -37.48 -31.50
C LEU D 175 -20.19 -37.11 -32.68
N TYR D 176 -20.88 -38.06 -33.26
CA TYR D 176 -21.63 -37.75 -34.46
C TYR D 176 -23.02 -38.30 -34.43
N PHE D 177 -24.02 -37.49 -34.82
CA PHE D 177 -25.39 -37.95 -34.90
C PHE D 177 -25.87 -38.05 -36.36
N TYR D 178 -26.45 -39.19 -36.77
CA TYR D 178 -26.88 -39.35 -38.16
C TYR D 178 -28.31 -39.80 -38.33
N ASP D 179 -28.90 -39.50 -39.48
CA ASP D 179 -30.24 -40.00 -39.78
C ASP D 179 -30.03 -41.25 -40.66
N GLN D 180 -31.00 -41.68 -41.40
CA GLN D 180 -30.86 -42.92 -42.16
C GLN D 180 -30.06 -42.89 -43.45
N GLN D 181 -29.54 -41.75 -43.84
CA GLN D 181 -28.72 -41.67 -45.04
C GLN D 181 -27.26 -42.13 -44.83
N VAL D 182 -26.78 -42.29 -43.59
CA VAL D 182 -25.38 -42.50 -43.34
C VAL D 182 -24.84 -43.81 -43.86
N VAL D 183 -25.61 -44.88 -43.78
CA VAL D 183 -25.08 -46.10 -44.28
C VAL D 183 -24.81 -45.93 -45.73
N ASP D 184 -25.75 -45.38 -46.49
CA ASP D 184 -25.53 -45.28 -47.95
C ASP D 184 -24.43 -44.32 -48.29
N ILE D 185 -24.33 -43.26 -47.50
CA ILE D 185 -23.25 -42.35 -47.74
C ILE D 185 -21.92 -43.08 -47.52
N ALA D 186 -21.81 -43.85 -46.44
CA ALA D 186 -20.58 -44.58 -46.19
C ALA D 186 -20.30 -45.70 -47.18
N ARG D 187 -21.33 -46.34 -47.77
CA ARG D 187 -21.06 -47.36 -48.77
C ARG D 187 -20.41 -46.77 -50.05
N ASP D 188 -20.76 -45.55 -50.42
CA ASP D 188 -20.15 -44.98 -51.63
C ASP D 188 -18.84 -44.24 -51.38
N LEU D 189 -18.23 -44.34 -50.20
CA LEU D 189 -16.91 -43.67 -50.03
C LEU D 189 -15.82 -44.48 -50.65
N LYS D 190 -14.73 -43.82 -50.95
CA LYS D 190 -13.51 -44.45 -51.42
C LYS D 190 -12.45 -43.98 -50.49
N PRO D 191 -11.43 -44.77 -50.26
CA PRO D 191 -10.36 -44.36 -49.36
C PRO D 191 -9.74 -43.08 -49.83
N SER D 192 -9.39 -42.29 -48.86
CA SER D 192 -8.75 -41.04 -49.09
C SER D 192 -7.28 -41.30 -49.45
N PRO D 193 -6.55 -40.25 -49.77
CA PRO D 193 -5.09 -40.33 -49.93
C PRO D 193 -4.43 -40.97 -48.69
N ARG D 194 -4.84 -40.59 -47.48
CA ARG D 194 -4.34 -41.27 -46.29
C ARG D 194 -4.72 -42.73 -46.30
N GLY D 195 -5.63 -43.14 -47.16
CA GLY D 195 -6.06 -44.53 -47.13
C GLY D 195 -7.14 -44.89 -46.08
N GLU D 196 -7.98 -43.94 -45.67
CA GLU D 196 -9.01 -44.26 -44.72
C GLU D 196 -10.34 -43.94 -45.34
N LEU D 197 -11.40 -44.61 -44.85
CA LEU D 197 -12.75 -44.24 -45.15
C LEU D 197 -13.13 -43.22 -44.05
N GLU D 198 -13.05 -41.95 -44.42
CA GLU D 198 -13.11 -40.80 -43.57
C GLU D 198 -14.46 -40.30 -43.18
N ILE D 199 -14.73 -40.30 -41.89
CA ILE D 199 -15.95 -39.70 -41.38
C ILE D 199 -16.07 -38.27 -41.87
N THR D 200 -14.93 -37.61 -42.11
CA THR D 200 -15.03 -36.26 -42.62
C THR D 200 -15.74 -36.26 -43.96
N ASP D 201 -15.47 -37.23 -44.81
CA ASP D 201 -16.19 -37.25 -46.07
C ASP D 201 -17.68 -37.45 -45.82
N VAL D 202 -17.99 -38.22 -44.79
CA VAL D 202 -19.38 -38.48 -44.55
C VAL D 202 -19.99 -37.17 -44.19
N ASN D 203 -19.32 -36.45 -43.31
CA ASN D 203 -19.85 -35.16 -42.88
C ASN D 203 -19.94 -34.14 -44.05
N ARG D 204 -18.97 -34.20 -44.93
CA ARG D 204 -19.06 -33.31 -46.06
C ARG D 204 -20.27 -33.64 -46.95
N ALA D 205 -20.62 -34.91 -47.06
CA ALA D 205 -21.73 -35.23 -47.92
C ALA D 205 -22.98 -34.52 -47.36
N TYR D 206 -23.16 -34.60 -46.10
CA TYR D 206 -24.36 -33.97 -45.59
C TYR D 206 -24.28 -32.45 -45.78
N LEU D 207 -23.06 -31.91 -45.69
CA LEU D 207 -22.84 -30.46 -45.78
C LEU D 207 -23.14 -29.99 -47.18
N GLU D 208 -22.68 -30.74 -48.16
CA GLU D 208 -22.96 -30.40 -49.55
C GLU D 208 -24.47 -30.48 -49.87
N ARG D 209 -25.25 -31.13 -49.01
CA ARG D 209 -26.69 -31.18 -49.22
C ARG D 209 -27.37 -30.19 -48.34
N GLY D 210 -26.61 -29.42 -47.59
CA GLY D 210 -27.26 -28.44 -46.74
C GLY D 210 -27.89 -29.11 -45.53
N GLN D 211 -27.46 -30.33 -45.19
CA GLN D 211 -28.12 -31.02 -44.07
C GLN D 211 -27.24 -31.35 -42.83
N LEU D 212 -26.10 -30.68 -42.70
CA LEU D 212 -25.19 -30.89 -41.64
C LEU D 212 -25.42 -29.76 -40.67
N SER D 213 -25.61 -30.09 -39.43
CA SER D 213 -25.72 -29.07 -38.46
C SER D 213 -24.46 -29.09 -37.58
N VAL D 214 -23.91 -27.93 -37.32
CA VAL D 214 -22.64 -27.83 -36.62
C VAL D 214 -22.90 -26.92 -35.47
N GLU D 215 -23.01 -27.46 -34.28
CA GLU D 215 -23.20 -26.66 -33.10
C GLU D 215 -21.85 -26.45 -32.42
N ILE D 216 -21.69 -25.28 -31.86
CA ILE D 216 -20.50 -25.02 -31.10
C ILE D 216 -20.54 -25.65 -29.72
N MET D 217 -19.49 -26.30 -29.33
CA MET D 217 -19.35 -26.78 -27.99
C MET D 217 -18.38 -25.81 -27.41
N GLY D 218 -18.85 -24.88 -26.60
CA GLY D 218 -18.04 -23.82 -26.05
C GLY D 218 -16.92 -24.17 -25.09
N ARG D 219 -16.06 -23.19 -24.92
CA ARG D 219 -14.90 -23.25 -24.11
C ARG D 219 -15.21 -23.77 -22.73
N GLY D 220 -16.46 -23.68 -22.35
CA GLY D 220 -16.87 -24.12 -21.04
C GLY D 220 -16.90 -25.61 -20.83
N TYR D 221 -17.08 -26.37 -21.89
CA TYR D 221 -17.08 -27.77 -21.75
C TYR D 221 -15.61 -28.22 -21.84
N ALA D 222 -15.33 -29.42 -21.36
CA ALA D 222 -14.04 -30.01 -21.58
C ALA D 222 -14.17 -31.13 -22.64
N TRP D 223 -13.34 -31.08 -23.68
CA TRP D 223 -13.28 -32.14 -24.66
C TRP D 223 -11.86 -32.57 -24.70
N LEU D 224 -11.53 -33.71 -24.09
CA LEU D 224 -10.14 -34.17 -24.01
C LEU D 224 -9.94 -35.42 -24.80
N ASP D 225 -8.73 -35.63 -25.29
CA ASP D 225 -8.54 -36.95 -25.97
C ASP D 225 -7.32 -37.72 -25.41
N THR D 226 -7.46 -39.01 -25.32
CA THR D 226 -6.46 -39.71 -24.70
C THR D 226 -5.47 -40.16 -25.72
N GLY D 227 -5.20 -39.34 -26.70
CA GLY D 227 -4.33 -39.79 -27.78
C GLY D 227 -2.82 -40.05 -27.50
N THR D 228 -2.23 -39.20 -26.66
CA THR D 228 -0.84 -39.31 -26.33
C THR D 228 -0.60 -39.51 -24.87
N HIS D 229 0.56 -40.04 -24.54
CA HIS D 229 0.86 -40.27 -23.15
C HIS D 229 0.58 -39.04 -22.29
N ASP D 230 1.01 -37.84 -22.69
CA ASP D 230 0.70 -36.64 -21.93
C ASP D 230 -0.81 -36.38 -21.86
N SER D 231 -1.52 -36.35 -22.97
CA SER D 231 -2.93 -36.01 -22.83
C SER D 231 -3.63 -37.02 -21.95
N LEU D 232 -3.22 -38.27 -22.01
CA LEU D 232 -3.86 -39.33 -21.20
C LEU D 232 -3.68 -39.03 -19.74
N LEU D 233 -2.48 -38.59 -19.41
CA LEU D 233 -2.14 -38.24 -18.09
C LEU D 233 -2.93 -37.02 -17.59
N GLU D 234 -3.02 -35.97 -18.40
CA GLU D 234 -3.83 -34.81 -18.05
C GLU D 234 -5.29 -35.22 -17.88
N ALA D 235 -5.82 -36.13 -18.67
CA ALA D 235 -7.22 -36.43 -18.53
C ALA D 235 -7.40 -37.07 -17.18
N GLY D 236 -6.46 -37.93 -16.82
CA GLY D 236 -6.56 -38.58 -15.53
C GLY D 236 -6.57 -37.60 -14.37
N GLN D 237 -5.70 -36.58 -14.45
CA GLN D 237 -5.58 -35.63 -13.37
C GLN D 237 -6.87 -34.75 -13.38
N PHE D 238 -7.40 -34.48 -14.56
CA PHE D 238 -8.58 -33.65 -14.70
C PHE D 238 -9.71 -34.32 -13.98
N ILE D 239 -9.95 -35.60 -14.25
CA ILE D 239 -11.01 -36.32 -13.59
C ILE D 239 -10.72 -36.41 -12.10
N ALA D 240 -9.51 -36.74 -11.71
CA ALA D 240 -9.34 -36.93 -10.27
C ALA D 240 -9.62 -35.67 -9.53
N THR D 241 -9.34 -34.51 -10.13
CA THR D 241 -9.58 -33.24 -9.45
C THR D 241 -11.10 -33.02 -9.26
N LEU D 242 -11.87 -33.26 -10.29
CA LEU D 242 -13.28 -33.14 -10.17
C LEU D 242 -13.81 -34.09 -9.13
N GLU D 243 -13.37 -35.34 -9.21
CA GLU D 243 -13.94 -36.33 -8.31
C GLU D 243 -13.55 -36.02 -6.85
N ASN D 244 -12.32 -35.62 -6.60
CA ASN D 244 -12.02 -35.44 -5.20
C ASN D 244 -12.58 -34.14 -4.60
N ARG D 245 -12.89 -33.19 -5.42
CA ARG D 245 -13.50 -31.99 -4.92
C ARG D 245 -15.01 -32.27 -4.62
N GLN D 246 -15.68 -32.94 -5.54
CA GLN D 246 -17.15 -33.06 -5.45
C GLN D 246 -17.65 -34.21 -4.59
N GLY D 247 -16.82 -35.23 -4.47
CA GLY D 247 -17.27 -36.51 -3.94
C GLY D 247 -18.30 -37.15 -4.89
N LEU D 248 -18.29 -36.77 -6.17
CA LEU D 248 -19.18 -37.36 -7.15
C LEU D 248 -18.32 -37.98 -8.23
N LYS D 249 -18.81 -38.97 -8.91
CA LYS D 249 -17.92 -39.62 -9.85
C LYS D 249 -18.32 -39.35 -11.21
N VAL D 250 -17.37 -39.29 -12.13
CA VAL D 250 -17.71 -38.94 -13.55
C VAL D 250 -17.88 -40.20 -14.35
N ALA D 251 -18.88 -40.24 -15.18
CA ALA D 251 -19.07 -41.38 -16.08
C ALA D 251 -19.04 -42.72 -15.35
N CYS D 252 -19.87 -42.83 -14.37
CA CYS D 252 -20.05 -44.07 -13.71
C CYS D 252 -21.41 -44.62 -14.20
N PRO D 253 -21.37 -45.56 -15.13
CA PRO D 253 -22.59 -46.03 -15.79
C PRO D 253 -23.71 -46.49 -14.87
N GLU D 254 -23.35 -47.12 -13.74
CA GLU D 254 -24.37 -47.62 -12.84
C GLU D 254 -25.18 -46.42 -12.36
N GLU D 255 -24.48 -45.36 -12.00
CA GLU D 255 -25.16 -44.17 -11.53
C GLU D 255 -26.05 -43.67 -12.62
N ILE D 256 -25.51 -43.57 -13.82
CA ILE D 256 -26.29 -42.95 -14.89
C ILE D 256 -27.50 -43.76 -15.11
N ALA D 257 -27.31 -45.09 -15.14
CA ALA D 257 -28.48 -45.97 -15.39
C ALA D 257 -29.53 -45.70 -14.34
N TYR D 258 -29.09 -45.64 -13.11
CA TYR D 258 -30.02 -45.47 -12.02
C TYR D 258 -30.71 -44.10 -12.20
N ARG D 259 -29.97 -43.06 -12.51
CA ARG D 259 -30.65 -41.77 -12.54
C ARG D 259 -31.63 -41.72 -13.67
N GLN D 260 -31.36 -42.39 -14.78
CA GLN D 260 -32.30 -42.39 -15.91
C GLN D 260 -33.44 -43.39 -15.67
N LYS D 261 -33.39 -44.09 -14.57
CA LYS D 261 -34.42 -45.08 -14.31
C LYS D 261 -34.29 -46.30 -15.21
N TRP D 262 -33.10 -46.57 -15.76
CA TRP D 262 -32.96 -47.80 -16.52
C TRP D 262 -32.80 -49.01 -15.63
N ILE D 263 -32.46 -48.77 -14.36
CA ILE D 263 -32.38 -49.84 -13.37
C ILE D 263 -32.97 -49.22 -12.11
N ASP D 264 -33.44 -50.01 -11.14
CA ASP D 264 -33.99 -49.42 -9.94
C ASP D 264 -33.04 -49.59 -8.79
N ALA D 265 -33.43 -49.08 -7.64
CA ALA D 265 -32.65 -49.16 -6.42
C ALA D 265 -32.20 -50.57 -6.07
N ALA D 266 -33.07 -51.56 -6.18
CA ALA D 266 -32.65 -52.93 -5.85
C ALA D 266 -31.52 -53.34 -6.77
N GLN D 267 -31.66 -53.08 -8.08
CA GLN D 267 -30.58 -53.43 -8.99
C GLN D 267 -29.24 -52.78 -8.62
N LEU D 268 -29.31 -51.54 -8.25
CA LEU D 268 -28.11 -50.78 -8.01
C LEU D 268 -27.46 -51.32 -6.73
N GLU D 269 -28.30 -51.68 -5.78
CA GLU D 269 -27.77 -52.27 -4.57
C GLU D 269 -27.01 -53.50 -4.94
N LYS D 270 -27.61 -54.30 -5.78
CA LYS D 270 -26.98 -55.52 -6.20
C LYS D 270 -25.72 -55.29 -6.99
N LEU D 271 -25.63 -54.23 -7.75
CA LEU D 271 -24.38 -54.00 -8.50
C LEU D 271 -23.26 -53.61 -7.55
N ALA D 272 -23.67 -53.05 -6.40
CA ALA D 272 -22.74 -52.54 -5.43
C ALA D 272 -22.06 -53.61 -4.63
N ALA D 273 -22.82 -54.55 -4.18
CA ALA D 273 -22.27 -55.58 -3.32
C ALA D 273 -20.82 -56.04 -3.68
N PRO D 274 -20.62 -56.64 -4.86
CA PRO D 274 -19.33 -57.21 -5.26
C PRO D 274 -18.22 -56.21 -5.29
N LEU D 275 -18.60 -54.95 -5.38
CA LEU D 275 -17.64 -53.87 -5.43
C LEU D 275 -17.60 -53.15 -4.08
N ALA D 276 -18.27 -53.71 -3.07
CA ALA D 276 -18.37 -53.02 -1.76
C ALA D 276 -17.12 -52.77 -0.95
N LYS D 277 -16.07 -53.57 -1.15
CA LYS D 277 -14.85 -53.45 -0.35
C LYS D 277 -14.04 -52.29 -0.79
N ASN D 278 -14.32 -51.75 -1.97
CA ASN D 278 -13.56 -50.58 -2.45
C ASN D 278 -14.42 -49.40 -2.65
N GLY D 279 -13.78 -48.28 -2.87
CA GLY D 279 -14.47 -47.00 -2.95
C GLY D 279 -15.56 -46.96 -3.96
N TYR D 280 -15.40 -47.66 -5.07
CA TYR D 280 -16.39 -47.53 -6.18
C TYR D 280 -17.73 -48.09 -5.72
N GLY D 281 -17.70 -49.20 -5.03
CA GLY D 281 -18.92 -49.81 -4.54
C GLY D 281 -19.50 -48.87 -3.53
N GLN D 282 -18.65 -48.40 -2.62
CA GLN D 282 -19.12 -47.55 -1.54
C GLN D 282 -19.87 -46.34 -2.16
N TYR D 283 -19.30 -45.79 -3.21
CA TYR D 283 -19.95 -44.71 -3.88
C TYR D 283 -21.31 -45.14 -4.41
N LEU D 284 -21.38 -46.31 -5.04
CA LEU D 284 -22.67 -46.72 -5.53
C LEU D 284 -23.70 -46.82 -4.42
N LYS D 285 -23.31 -47.36 -3.27
CA LYS D 285 -24.24 -47.50 -2.16
C LYS D 285 -24.66 -46.14 -1.69
N ARG D 286 -23.72 -45.25 -1.56
CA ARG D 286 -24.09 -43.98 -1.02
C ARG D 286 -25.14 -43.31 -1.90
N LEU D 287 -25.09 -43.50 -3.21
CA LEU D 287 -26.13 -42.93 -4.05
C LEU D 287 -27.56 -43.39 -3.70
N LEU D 288 -27.72 -44.52 -3.00
CA LEU D 288 -29.06 -44.99 -2.63
C LEU D 288 -29.63 -44.19 -1.49
N THR D 289 -28.82 -43.41 -0.80
CA THR D 289 -29.30 -42.66 0.36
C THR D 289 -28.97 -41.18 0.36
N GLU D 290 -28.58 -40.64 -0.74
CA GLU D 290 -28.30 -39.23 -0.77
C GLU D 290 -29.09 -38.67 -1.94
N THR D 291 -29.75 -37.56 -1.78
CA THR D 291 -30.32 -36.92 -2.94
C THR D 291 -29.23 -36.04 -3.58
N VAL D 292 -28.94 -36.24 -4.87
CA VAL D 292 -27.95 -35.40 -5.56
C VAL D 292 -28.67 -34.62 -6.65
N TYR D 293 -28.69 -33.30 -6.55
CA TYR D 293 -29.40 -32.50 -7.56
C TYR D 293 -28.56 -32.45 -8.83
N LYS E 2 36.98 44.11 28.58
CA LYS E 2 36.05 45.29 28.59
C LYS E 2 35.68 45.81 27.22
N ARG E 3 34.49 45.49 26.72
CA ARG E 3 33.97 46.04 25.45
C ARG E 3 32.78 46.88 25.70
N LYS E 4 32.67 48.01 25.01
CA LYS E 4 31.51 48.89 25.13
C LYS E 4 30.58 48.63 23.92
N GLY E 5 29.27 48.66 24.13
CA GLY E 5 28.31 48.43 23.08
C GLY E 5 27.51 49.63 22.64
N ILE E 6 27.07 49.57 21.39
CA ILE E 6 26.26 50.65 20.81
C ILE E 6 25.03 50.06 20.13
N ILE E 7 23.87 50.68 20.36
CA ILE E 7 22.66 50.23 19.69
C ILE E 7 22.18 51.39 18.83
N LEU E 8 22.12 51.17 17.53
CA LEU E 8 21.78 52.25 16.67
C LEU E 8 20.30 52.13 16.48
N ALA E 9 19.53 52.99 17.11
CA ALA E 9 18.10 52.84 17.07
C ALA E 9 17.42 54.05 16.59
N GLY E 10 17.90 54.57 15.48
CA GLY E 10 17.28 55.71 14.89
C GLY E 10 16.66 55.26 13.61
N GLY E 11 16.94 55.96 12.54
CA GLY E 11 16.34 55.69 11.26
C GLY E 11 15.04 56.45 11.17
N SER E 12 14.42 56.42 10.01
CA SER E 12 13.13 57.03 9.87
C SER E 12 12.00 56.02 9.70
N GLY E 13 12.35 54.80 9.32
CA GLY E 13 11.44 53.71 9.15
C GLY E 13 10.30 53.90 8.15
N THR E 14 10.61 54.43 6.98
CA THR E 14 9.55 54.80 6.06
C THR E 14 8.87 53.54 5.58
N ARG E 15 9.66 52.49 5.54
CA ARG E 15 9.11 51.19 5.19
C ARG E 15 7.95 50.77 6.13
N LEU E 16 7.96 51.27 7.39
CA LEU E 16 6.82 51.01 8.27
C LEU E 16 5.73 52.14 8.28
N HIS E 17 5.88 53.15 7.46
CA HIS E 17 4.80 54.11 7.38
C HIS E 17 3.49 53.45 7.12
N PRO E 18 2.42 54.01 7.70
CA PRO E 18 2.45 55.15 8.61
C PRO E 18 2.67 54.76 10.09
N ALA E 19 2.71 53.47 10.34
CA ALA E 19 2.97 53.08 11.72
C ALA E 19 4.10 53.88 12.41
N THR E 20 5.08 54.43 11.69
CA THR E 20 6.17 55.08 12.43
C THR E 20 6.22 56.54 12.21
N LEU E 21 5.14 57.10 11.72
CA LEU E 21 5.21 58.52 11.53
C LEU E 21 5.39 59.10 12.93
N ALA E 22 4.63 58.59 13.88
CA ALA E 22 4.56 59.18 15.19
C ALA E 22 5.63 58.63 16.09
N ILE E 23 6.06 57.41 15.92
CA ILE E 23 7.09 56.94 16.78
C ILE E 23 8.12 56.01 16.08
N SER E 24 9.29 55.94 16.69
CA SER E 24 10.34 55.12 16.12
C SER E 24 10.05 53.63 16.05
N LYS E 25 10.50 53.00 15.01
CA LYS E 25 10.33 51.57 14.88
C LYS E 25 10.81 50.89 16.14
N GLN E 26 11.94 51.31 16.70
CA GLN E 26 12.51 50.53 17.78
C GLN E 26 11.69 50.59 19.08
N LEU E 27 10.58 51.30 19.11
CA LEU E 27 9.70 51.22 20.29
C LEU E 27 8.46 50.37 20.08
N LEU E 28 8.15 49.95 18.85
CA LEU E 28 7.04 49.06 18.66
C LEU E 28 7.40 47.71 19.24
N PRO E 29 6.37 46.96 19.58
CA PRO E 29 6.52 45.63 20.18
C PRO E 29 6.91 44.55 19.21
N VAL E 30 7.69 43.56 19.66
CA VAL E 30 7.73 42.29 18.98
C VAL E 30 7.07 41.31 19.93
N TYR E 31 5.80 41.02 19.65
CA TYR E 31 4.95 40.17 20.45
C TYR E 31 4.70 40.83 21.76
N ASP E 32 5.57 40.65 22.73
CA ASP E 32 5.21 41.12 24.05
C ASP E 32 6.10 42.22 24.64
N LYS E 33 7.15 42.64 23.98
CA LYS E 33 8.02 43.62 24.60
C LYS E 33 8.59 44.63 23.55
N PRO E 34 9.13 45.74 23.95
CA PRO E 34 9.61 46.67 22.96
C PRO E 34 10.74 46.10 22.16
N MET E 35 10.67 46.30 20.87
CA MET E 35 11.70 45.83 19.99
C MET E 35 13.09 46.03 20.59
N ILE E 36 13.38 47.20 21.09
CA ILE E 36 14.77 47.41 21.47
C ILE E 36 15.21 46.50 22.61
N TYR E 37 14.29 45.82 23.26
CA TYR E 37 14.75 44.87 24.26
C TYR E 37 15.56 43.83 23.62
N TYR E 38 15.24 43.47 22.39
CA TYR E 38 15.95 42.35 21.78
C TYR E 38 17.48 42.53 21.65
N PRO E 39 17.91 43.54 20.88
CA PRO E 39 19.33 43.84 20.68
C PRO E 39 19.95 44.26 21.95
N LEU E 40 19.21 44.91 22.84
CA LEU E 40 19.77 45.19 24.16
C LEU E 40 20.15 43.85 24.78
N SER E 41 19.28 42.86 24.70
CA SER E 41 19.59 41.59 25.31
C SER E 41 20.77 40.90 24.63
N THR E 42 20.95 41.20 23.36
CA THR E 42 22.07 40.62 22.62
C THR E 42 23.40 41.10 23.14
N LEU E 43 23.53 42.40 23.36
CA LEU E 43 24.73 42.94 23.90
C LEU E 43 24.90 42.40 25.28
N MET E 44 23.82 42.33 26.03
CA MET E 44 24.00 41.89 27.42
C MET E 44 24.52 40.45 27.38
N LEU E 45 24.05 39.62 26.45
CA LEU E 45 24.57 38.28 26.48
C LEU E 45 25.99 38.21 26.00
N ALA E 46 26.52 39.26 25.41
CA ALA E 46 27.89 39.20 25.01
C ALA E 46 28.78 39.72 26.10
N GLY E 47 28.18 39.84 27.27
CA GLY E 47 28.89 40.36 28.40
C GLY E 47 29.13 41.86 28.41
N ILE E 48 28.34 42.63 27.67
CA ILE E 48 28.58 44.07 27.66
C ILE E 48 27.58 44.76 28.53
N ARG E 49 28.05 45.57 29.46
CA ARG E 49 27.18 46.23 30.41
C ARG E 49 27.09 47.72 30.27
N GLU E 50 27.98 48.29 29.48
CA GLU E 50 28.01 49.69 29.31
C GLU E 50 27.66 50.02 27.84
N ILE E 51 26.57 50.75 27.64
CA ILE E 51 25.99 50.79 26.31
C ILE E 51 25.45 52.13 25.88
N LEU E 52 25.72 52.50 24.65
CA LEU E 52 25.27 53.78 24.18
C LEU E 52 24.07 53.58 23.25
N ILE E 53 22.94 54.23 23.53
CA ILE E 53 21.78 54.10 22.67
C ILE E 53 21.66 55.34 21.82
N ILE E 54 21.66 55.18 20.51
CA ILE E 54 21.54 56.29 19.61
C ILE E 54 20.18 56.29 18.92
N SER E 55 19.57 57.46 18.88
CA SER E 55 18.32 57.59 18.17
C SER E 55 18.06 58.97 17.53
N THR E 56 16.92 59.16 16.89
CA THR E 56 16.63 60.48 16.38
C THR E 56 16.52 61.48 17.56
N PRO E 57 16.56 62.73 17.27
CA PRO E 57 16.34 63.75 18.28
C PRO E 57 14.98 63.67 18.98
N GLN E 58 13.92 63.38 18.23
CA GLN E 58 12.67 63.26 18.90
C GLN E 58 12.53 61.93 19.68
N ASP E 59 13.12 60.83 19.29
CA ASP E 59 12.84 59.59 20.02
C ASP E 59 13.78 59.27 21.17
N THR E 60 14.91 59.94 21.20
CA THR E 60 15.89 59.62 22.22
C THR E 60 15.32 59.77 23.62
N PRO E 61 14.67 60.90 23.91
CA PRO E 61 14.00 61.04 25.19
C PRO E 61 13.13 59.88 25.47
N ARG E 62 12.43 59.31 24.49
CA ARG E 62 11.52 58.24 24.82
C ARG E 62 12.26 57.01 25.26
N PHE E 63 13.42 56.74 24.64
CA PHE E 63 14.22 55.57 25.02
C PHE E 63 14.76 55.80 26.43
N GLN E 64 15.02 57.05 26.73
CA GLN E 64 15.52 57.34 28.04
C GLN E 64 14.43 57.12 29.09
N GLN E 65 13.23 57.58 28.78
CA GLN E 65 12.10 57.31 29.64
C GLN E 65 11.90 55.80 29.76
N LEU E 66 12.21 55.03 28.74
CA LEU E 66 11.88 53.64 28.79
C LEU E 66 12.93 52.92 29.58
N LEU E 67 14.18 53.24 29.29
CA LEU E 67 15.28 52.46 29.84
C LEU E 67 16.01 53.06 31.03
N GLY E 68 15.86 54.35 31.19
CA GLY E 68 16.55 55.04 32.24
C GLY E 68 18.03 54.87 32.06
N ASP E 69 18.76 54.84 33.17
CA ASP E 69 20.22 54.79 33.11
C ASP E 69 20.70 53.40 33.21
N GLY E 70 19.81 52.43 33.36
CA GLY E 70 20.22 51.03 33.28
C GLY E 70 20.62 50.48 34.63
N SER E 71 20.69 51.36 35.61
CA SER E 71 21.09 50.93 36.95
C SER E 71 20.21 49.86 37.52
N ASN E 72 18.92 50.01 37.39
CA ASN E 72 18.05 48.93 37.85
C ASN E 72 18.32 47.54 37.20
N TRP E 73 18.95 47.47 36.03
CA TRP E 73 19.27 46.15 35.44
C TRP E 73 20.76 45.86 35.53
N GLY E 74 21.46 46.54 36.42
CA GLY E 74 22.90 46.37 36.44
C GLY E 74 23.64 46.86 35.20
N LEU E 75 23.01 47.67 34.35
CA LEU E 75 23.67 48.23 33.17
C LEU E 75 24.01 49.72 33.39
N ASP E 76 24.82 50.26 32.49
CA ASP E 76 25.16 51.66 32.51
C ASP E 76 24.76 52.13 31.16
N LEU E 77 23.54 52.66 31.03
CA LEU E 77 23.10 53.14 29.72
C LEU E 77 23.33 54.61 29.51
N GLN E 78 23.78 54.99 28.33
CA GLN E 78 23.91 56.38 27.96
C GLN E 78 23.26 56.64 26.57
N TYR E 79 23.01 57.90 26.23
CA TYR E 79 22.25 58.25 25.10
C TYR E 79 22.92 59.33 24.25
N ALA E 80 22.69 59.26 22.94
CA ALA E 80 23.12 60.32 22.03
C ALA E 80 22.20 60.34 20.83
N VAL E 81 22.09 61.51 20.24
CA VAL E 81 21.24 61.72 19.10
C VAL E 81 21.94 61.62 17.77
N GLN E 82 21.25 61.04 16.79
CA GLN E 82 21.76 61.07 15.41
C GLN E 82 20.86 62.02 14.70
N PRO E 83 21.33 63.24 14.44
CA PRO E 83 20.50 64.30 13.81
C PRO E 83 19.85 63.88 12.53
N SER E 84 20.46 62.98 11.78
CA SER E 84 19.90 62.59 10.53
C SER E 84 20.43 61.18 10.21
N PRO E 85 19.65 60.35 9.54
CA PRO E 85 20.05 58.94 9.32
C PRO E 85 21.00 58.81 8.18
N ASP E 86 22.25 59.22 8.39
CA ASP E 86 23.20 59.29 7.33
C ASP E 86 24.17 58.10 7.21
N GLY E 87 23.84 57.01 7.90
CA GLY E 87 24.62 55.79 7.79
C GLY E 87 24.98 55.13 9.11
N LEU E 88 25.06 53.81 9.07
CA LEU E 88 25.34 53.09 10.24
C LEU E 88 26.72 53.44 10.77
N ALA E 89 27.68 53.72 9.89
CA ALA E 89 28.99 54.08 10.33
C ALA E 89 29.00 55.30 11.23
N GLN E 90 27.98 56.16 11.10
CA GLN E 90 27.98 57.37 11.89
C GLN E 90 27.98 56.96 13.35
N ALA E 91 27.55 55.76 13.64
CA ALA E 91 27.53 55.32 15.03
C ALA E 91 28.91 55.56 15.66
N PHE E 92 29.95 55.35 14.86
CA PHE E 92 31.28 55.48 15.37
C PHE E 92 31.77 56.90 15.51
N LEU E 93 31.19 57.83 14.77
CA LEU E 93 31.51 59.23 14.98
C LEU E 93 30.74 59.71 16.19
N ILE E 94 29.43 59.61 16.13
CA ILE E 94 28.65 60.03 17.28
C ILE E 94 29.17 59.35 18.50
N GLY E 95 29.61 58.09 18.40
CA GLY E 95 29.98 57.35 19.59
C GLY E 95 31.46 57.47 19.99
N GLU E 96 32.18 58.29 19.26
CA GLU E 96 33.59 58.37 19.48
C GLU E 96 34.06 58.47 20.93
N SER E 97 33.61 59.49 21.57
CA SER E 97 34.06 59.76 22.88
C SER E 97 33.46 58.71 23.82
N PHE E 98 32.27 58.21 23.57
CA PHE E 98 31.77 57.13 24.42
C PHE E 98 32.74 55.95 24.38
N ILE E 99 33.28 55.62 23.21
CA ILE E 99 34.13 54.51 23.07
C ILE E 99 35.50 54.72 23.70
N GLY E 100 36.03 55.94 23.58
CA GLY E 100 37.36 56.22 24.03
C GLY E 100 38.28 55.25 23.38
N ASN E 101 39.09 54.55 24.17
CA ASN E 101 40.04 53.59 23.70
C ASN E 101 39.66 52.15 23.92
N ASP E 102 38.40 51.85 23.98
CA ASP E 102 38.00 50.50 24.23
C ASP E 102 37.56 49.73 22.98
N LEU E 103 37.48 48.42 23.11
CA LEU E 103 36.91 47.59 22.13
C LEU E 103 35.45 47.97 22.10
N SER E 104 34.76 47.78 20.98
CA SER E 104 33.37 48.14 20.93
C SER E 104 32.57 47.14 20.14
N ALA E 105 31.23 47.24 20.24
CA ALA E 105 30.31 46.41 19.46
C ALA E 105 29.13 47.25 19.06
N LEU E 106 28.62 46.99 17.85
CA LEU E 106 27.50 47.76 17.35
C LEU E 106 26.39 46.82 17.04
N VAL E 107 25.15 47.11 17.45
CA VAL E 107 24.03 46.21 17.06
C VAL E 107 22.89 47.01 16.56
N LEU E 108 22.27 46.64 15.49
CA LEU E 108 21.17 47.48 14.95
C LEU E 108 19.97 47.27 15.77
N GLY E 109 19.22 48.30 15.98
CA GLY E 109 18.03 48.21 16.80
C GLY E 109 16.86 47.43 16.30
N ASP E 110 16.79 47.11 15.02
CA ASP E 110 15.65 46.29 14.59
C ASP E 110 16.06 44.86 14.25
N ASN E 111 17.22 44.48 14.72
CA ASN E 111 17.69 43.11 14.55
C ASN E 111 17.44 42.29 15.75
N LEU E 112 17.05 41.07 15.49
CA LEU E 112 16.59 40.15 16.49
C LEU E 112 17.18 38.80 16.19
N TYR E 113 17.97 38.29 17.14
CA TYR E 113 18.60 36.96 17.02
C TYR E 113 18.05 35.96 18.05
N TYR E 114 18.11 34.69 17.70
CA TYR E 114 17.77 33.66 18.61
C TYR E 114 18.37 32.34 18.26
N GLY E 115 18.88 31.64 19.27
CA GLY E 115 19.40 30.32 18.97
C GLY E 115 20.27 29.68 20.03
N HIS E 116 20.31 28.34 19.96
CA HIS E 116 21.05 27.53 20.91
C HIS E 116 22.52 27.84 20.80
N ASP E 117 23.14 28.12 21.94
CA ASP E 117 24.54 28.44 22.00
C ASP E 117 24.83 29.79 21.43
N PHE E 118 23.81 30.62 21.30
CA PHE E 118 23.99 31.94 20.71
C PHE E 118 24.93 32.74 21.62
N HIS E 119 24.85 32.46 22.91
CA HIS E 119 25.72 33.16 23.78
C HIS E 119 27.14 32.66 23.79
N GLU E 120 27.40 31.44 23.31
CA GLU E 120 28.80 31.07 23.13
C GLU E 120 29.37 31.78 21.88
N LEU E 121 28.55 31.94 20.82
CA LEU E 121 28.97 32.57 19.61
C LEU E 121 29.33 33.97 19.91
N LEU E 122 28.50 34.63 20.69
CA LEU E 122 28.80 36.00 21.06
C LEU E 122 30.10 36.12 21.84
N GLY E 123 30.28 35.22 22.81
CA GLY E 123 31.44 35.25 23.67
C GLY E 123 32.72 35.13 22.86
N SER E 124 32.73 34.18 21.92
CA SER E 124 33.90 34.00 21.12
C SER E 124 34.26 35.34 20.55
N ALA E 125 33.31 36.08 20.04
CA ALA E 125 33.69 37.25 19.27
C ALA E 125 34.08 38.44 20.16
N SER E 126 33.34 38.57 21.24
CA SER E 126 33.55 39.63 22.17
C SER E 126 34.92 39.49 22.81
N GLN E 127 35.55 38.31 22.73
CA GLN E 127 36.84 38.17 23.38
C GLN E 127 38.00 38.33 22.44
N ARG E 128 37.82 38.32 21.15
CA ARG E 128 38.94 38.60 20.32
C ARG E 128 39.31 39.97 20.82
N GLN E 129 40.59 40.26 20.92
CA GLN E 129 40.97 41.60 21.27
C GLN E 129 41.60 42.35 20.09
N THR E 130 41.26 41.96 18.88
CA THR E 130 41.89 42.54 17.72
C THR E 130 41.02 42.35 16.47
N GLY E 131 41.15 43.24 15.50
CA GLY E 131 40.45 43.06 14.25
C GLY E 131 38.97 43.25 14.45
N ALA E 132 38.21 42.75 13.50
CA ALA E 132 36.80 42.90 13.56
C ALA E 132 36.10 41.60 13.36
N SER E 133 34.94 41.42 13.97
CA SER E 133 34.18 40.19 13.69
C SER E 133 32.76 40.49 13.26
N VAL E 134 32.34 39.78 12.22
CA VAL E 134 30.94 39.85 11.80
C VAL E 134 30.44 38.45 11.46
N PHE E 135 29.16 38.36 11.20
CA PHE E 135 28.49 37.10 11.02
C PHE E 135 27.76 37.03 9.68
N ALA E 136 27.86 35.90 9.01
CA ALA E 136 27.22 35.72 7.70
C ALA E 136 26.10 34.71 7.84
N TYR E 137 24.95 35.05 7.27
CA TYR E 137 23.74 34.23 7.41
C TYR E 137 23.07 34.03 6.04
N HIS E 138 22.85 32.77 5.70
CA HIS E 138 22.21 32.44 4.47
C HIS E 138 20.77 32.99 4.48
N VAL E 139 20.37 33.76 3.46
CA VAL E 139 19.03 34.36 3.39
C VAL E 139 18.48 34.36 1.96
N LEU E 140 17.18 34.50 1.80
CA LEU E 140 16.52 34.48 0.50
C LEU E 140 16.84 35.69 -0.35
N ASP E 141 16.98 36.86 0.28
CA ASP E 141 17.14 38.14 -0.44
C ASP E 141 18.40 38.92 -0.05
N PRO E 142 19.55 38.32 -0.27
CA PRO E 142 20.82 38.94 0.05
C PRO E 142 20.92 40.35 -0.50
N GLU E 143 20.21 40.63 -1.60
CA GLU E 143 20.26 41.98 -2.20
C GLU E 143 19.85 43.08 -1.23
N ARG E 144 19.17 42.73 -0.17
CA ARG E 144 18.74 43.74 0.76
C ARG E 144 19.79 44.07 1.80
N TYR E 145 20.98 43.48 1.75
CA TYR E 145 21.98 43.70 2.80
C TYR E 145 23.37 43.83 2.28
N GLY E 146 24.32 43.83 3.19
CA GLY E 146 25.73 43.76 2.86
C GLY E 146 25.91 42.28 2.52
N VAL E 147 26.51 41.95 1.37
CA VAL E 147 26.69 40.56 1.00
C VAL E 147 28.15 40.18 1.01
N VAL E 148 28.47 38.99 1.47
CA VAL E 148 29.88 38.60 1.55
C VAL E 148 30.05 37.42 0.69
N GLU E 149 31.05 37.42 -0.16
CA GLU E 149 31.38 36.32 -1.06
C GLU E 149 32.53 35.48 -0.48
N PHE E 150 32.48 34.18 -0.62
CA PHE E 150 33.60 33.36 -0.15
C PHE E 150 34.24 32.67 -1.32
N ASP E 151 35.53 32.37 -1.21
CA ASP E 151 36.19 31.51 -2.19
C ASP E 151 35.98 30.07 -1.80
N GLN E 152 36.43 29.14 -2.64
CA GLN E 152 36.16 27.71 -2.48
C GLN E 152 36.73 27.17 -1.22
N GLY E 153 37.76 27.82 -0.74
CA GLY E 153 38.29 27.50 0.58
C GLY E 153 37.41 28.06 1.70
N GLY E 154 36.32 28.74 1.39
CA GLY E 154 35.42 29.28 2.42
C GLY E 154 35.92 30.56 3.05
N LYS E 155 36.93 31.15 2.45
CA LYS E 155 37.44 32.39 2.92
C LYS E 155 36.75 33.60 2.31
N ALA E 156 36.36 34.54 3.14
CA ALA E 156 35.71 35.76 2.73
C ALA E 156 36.58 36.57 1.82
N ILE E 157 36.12 36.94 0.62
CA ILE E 157 37.01 37.72 -0.24
C ILE E 157 36.48 38.93 -0.84
N SER E 158 35.19 39.21 -0.65
CA SER E 158 34.61 40.48 -1.07
C SER E 158 33.32 40.81 -0.27
N LEU E 159 33.01 42.12 -0.22
CA LEU E 159 31.84 42.59 0.46
C LEU E 159 31.15 43.70 -0.39
N GLU E 160 29.86 43.56 -0.67
CA GLU E 160 29.10 44.59 -1.35
C GLU E 160 27.78 44.95 -0.66
N GLU E 161 27.48 46.22 -0.59
CA GLU E 161 26.28 46.67 0.02
C GLU E 161 25.17 46.78 -0.98
N LYS E 162 24.07 46.08 -0.75
CA LYS E 162 22.89 46.06 -1.60
C LYS E 162 23.17 45.91 -3.07
N PRO E 163 23.87 44.90 -3.45
CA PRO E 163 24.16 44.69 -4.85
C PRO E 163 22.91 44.24 -5.59
N LEU E 164 22.71 44.76 -6.80
CA LEU E 164 21.66 44.20 -7.67
C LEU E 164 21.87 42.70 -7.94
N GLU E 165 23.14 42.29 -8.10
CA GLU E 165 23.46 40.90 -8.44
C GLU E 165 24.40 40.34 -7.36
N PRO E 166 23.80 39.94 -6.25
CA PRO E 166 24.55 39.37 -5.12
C PRO E 166 25.46 38.27 -5.56
N LYS E 167 26.68 38.25 -5.06
CA LYS E 167 27.65 37.19 -5.37
C LYS E 167 27.49 35.96 -4.50
N SER E 168 26.64 36.02 -3.48
CA SER E 168 26.29 34.84 -2.73
C SER E 168 25.01 35.08 -2.02
N ASN E 169 24.54 34.08 -1.29
CA ASN E 169 23.36 34.28 -0.50
C ASN E 169 23.70 34.64 0.94
N TYR E 170 24.93 34.94 1.26
CA TYR E 170 25.26 35.24 2.66
C TYR E 170 25.26 36.72 2.99
N ALA E 171 24.37 37.11 3.87
CA ALA E 171 24.30 38.47 4.28
C ALA E 171 25.08 38.65 5.57
N VAL E 172 25.73 39.79 5.70
CA VAL E 172 26.44 40.10 6.93
C VAL E 172 25.35 40.57 7.84
N THR E 173 25.19 40.05 9.04
CA THR E 173 24.05 40.56 9.82
C THR E 173 24.35 41.87 10.54
N GLY E 174 23.43 42.34 11.33
CA GLY E 174 23.64 43.64 11.96
C GLY E 174 24.19 43.58 13.36
N LEU E 175 25.29 42.86 13.52
CA LEU E 175 25.97 42.74 14.77
C LEU E 175 27.44 42.89 14.47
N TYR E 176 28.15 43.79 15.07
CA TYR E 176 29.51 43.98 14.65
C TYR E 176 30.44 44.18 15.83
N PHE E 177 31.61 43.53 15.85
CA PHE E 177 32.60 43.65 16.93
C PHE E 177 33.90 44.29 16.38
N TYR E 178 34.36 45.37 17.05
CA TYR E 178 35.49 46.17 16.57
C TYR E 178 36.58 46.39 17.64
N ASP E 179 37.81 46.57 17.18
CA ASP E 179 38.97 46.78 18.03
C ASP E 179 39.21 48.30 17.93
N GLN E 180 40.34 48.83 18.30
CA GLN E 180 40.51 50.30 18.37
C GLN E 180 40.74 51.02 17.05
N GLN E 181 40.64 50.30 15.95
CA GLN E 181 40.84 50.91 14.67
C GLN E 181 39.54 51.55 14.14
N VAL E 182 38.39 51.20 14.66
CA VAL E 182 37.17 51.55 13.99
C VAL E 182 36.87 53.05 13.95
N VAL E 183 37.11 53.78 15.01
CA VAL E 183 36.83 55.19 14.99
C VAL E 183 37.63 55.83 13.88
N ASP E 184 38.91 55.51 13.72
CA ASP E 184 39.69 56.15 12.65
C ASP E 184 39.29 55.64 11.32
N ILE E 185 38.85 54.41 11.22
CA ILE E 185 38.39 54.01 9.90
C ILE E 185 37.13 54.80 9.55
N ALA E 186 36.28 55.06 10.51
CA ALA E 186 35.06 55.72 10.18
C ALA E 186 35.29 57.19 9.88
N ARG E 187 36.30 57.78 10.48
CA ARG E 187 36.52 59.21 10.29
C ARG E 187 36.85 59.50 8.86
N ASP E 188 37.53 58.56 8.21
CA ASP E 188 37.99 58.82 6.85
C ASP E 188 36.99 58.36 5.80
N LEU E 189 35.82 57.91 6.20
CA LEU E 189 34.86 57.47 5.19
C LEU E 189 34.24 58.66 4.48
N LYS E 190 33.83 58.41 3.23
CA LYS E 190 33.11 59.38 2.42
C LYS E 190 31.82 58.75 2.06
N PRO E 191 30.80 59.56 1.87
CA PRO E 191 29.49 59.04 1.53
C PRO E 191 29.52 58.27 0.27
N SER E 192 28.80 57.16 0.28
CA SER E 192 28.63 56.30 -0.84
C SER E 192 27.74 56.95 -1.89
N PRO E 193 27.66 56.31 -3.04
CA PRO E 193 26.72 56.77 -4.08
C PRO E 193 25.31 56.84 -3.47
N ARG E 194 25.02 55.87 -2.61
CA ARG E 194 23.76 55.82 -1.93
C ARG E 194 23.69 56.97 -0.89
N GLY E 195 24.75 57.71 -0.69
CA GLY E 195 24.69 58.80 0.26
C GLY E 195 24.75 58.39 1.75
N GLU E 196 25.41 57.29 2.10
CA GLU E 196 25.51 56.91 3.49
C GLU E 196 26.98 56.65 3.85
N LEU E 197 27.30 56.80 5.11
CA LEU E 197 28.56 56.36 5.58
C LEU E 197 28.29 54.88 6.02
N GLU E 198 28.70 54.00 5.15
CA GLU E 198 28.40 52.62 5.19
C GLU E 198 29.33 51.80 6.04
N ILE E 199 28.76 51.04 6.95
CA ILE E 199 29.50 50.12 7.75
C ILE E 199 30.12 49.11 6.89
N THR E 200 29.55 48.84 5.72
CA THR E 200 30.18 47.88 4.83
C THR E 200 31.52 48.39 4.43
N ASP E 201 31.69 49.70 4.30
CA ASP E 201 33.04 50.23 3.99
C ASP E 201 33.96 50.01 5.15
N VAL E 202 33.39 50.05 6.32
CA VAL E 202 34.21 49.88 7.52
C VAL E 202 34.72 48.47 7.47
N ASN E 203 33.82 47.54 7.17
CA ASN E 203 34.16 46.14 7.19
C ASN E 203 35.12 45.81 6.09
N ARG E 204 34.93 46.48 4.99
CA ARG E 204 35.88 46.25 3.87
C ARG E 204 37.23 46.72 4.25
N ALA E 205 37.33 47.78 5.02
CA ALA E 205 38.67 48.27 5.39
C ALA E 205 39.43 47.24 6.20
N TYR E 206 38.75 46.63 7.14
CA TYR E 206 39.39 45.57 7.90
C TYR E 206 39.74 44.38 7.00
N LEU E 207 38.89 44.11 6.00
CA LEU E 207 39.13 42.97 5.13
C LEU E 207 40.38 43.21 4.35
N GLU E 208 40.48 44.40 3.80
CA GLU E 208 41.66 44.73 2.98
C GLU E 208 42.94 44.61 3.76
N ARG E 209 42.90 44.73 5.08
CA ARG E 209 44.12 44.52 5.89
C ARG E 209 44.20 43.13 6.42
N GLY E 210 43.31 42.24 5.97
CA GLY E 210 43.36 40.85 6.46
C GLY E 210 42.96 40.71 7.92
N GLN E 211 42.17 41.62 8.45
CA GLN E 211 41.81 41.52 9.85
C GLN E 211 40.33 41.50 10.13
N LEU E 212 39.56 41.08 9.14
CA LEU E 212 38.13 40.95 9.30
C LEU E 212 37.81 39.47 9.44
N SER E 213 37.22 39.09 10.55
CA SER E 213 36.84 37.70 10.77
C SER E 213 35.35 37.50 10.53
N VAL E 214 34.99 36.62 9.61
CA VAL E 214 33.63 36.39 9.21
C VAL E 214 33.28 35.00 9.60
N GLU E 215 32.42 34.87 10.62
CA GLU E 215 31.97 33.56 11.05
C GLU E 215 30.60 33.31 10.52
N ILE E 216 30.35 32.07 10.19
CA ILE E 216 29.03 31.68 9.77
C ILE E 216 28.07 31.57 10.92
N MET E 217 26.85 32.06 10.72
CA MET E 217 25.80 31.90 11.71
C MET E 217 24.92 30.95 10.96
N GLY E 218 24.94 29.69 11.35
CA GLY E 218 24.23 28.65 10.66
C GLY E 218 22.72 28.70 10.64
N ARG E 219 22.14 27.81 9.83
CA ARG E 219 20.73 27.75 9.57
C ARG E 219 19.93 27.44 10.83
N GLY E 220 20.63 26.91 11.81
CA GLY E 220 20.10 26.64 13.15
C GLY E 220 19.79 27.85 13.98
N TYR E 221 20.40 29.00 13.71
CA TYR E 221 19.98 30.16 14.42
C TYR E 221 18.87 30.88 13.67
N ALA E 222 18.13 31.72 14.38
CA ALA E 222 17.17 32.59 13.73
C ALA E 222 17.76 33.99 13.72
N TRP E 223 17.75 34.63 12.56
CA TRP E 223 18.14 36.03 12.43
C TRP E 223 17.02 36.72 11.66
N LEU E 224 16.20 37.48 12.37
CA LEU E 224 15.07 38.15 11.76
C LEU E 224 15.23 39.63 11.73
N ASP E 225 14.69 40.32 10.72
CA ASP E 225 14.77 41.77 10.81
C ASP E 225 13.42 42.41 10.69
N THR E 226 13.15 43.41 11.54
CA THR E 226 11.81 43.87 11.65
C THR E 226 11.58 44.99 10.72
N GLY E 227 12.12 44.93 9.53
CA GLY E 227 12.05 46.06 8.62
C GLY E 227 10.72 46.32 7.92
N THR E 228 9.93 45.28 7.64
CA THR E 228 8.71 45.47 6.93
C THR E 228 7.54 45.03 7.72
N HIS E 229 6.38 45.54 7.41
CA HIS E 229 5.22 45.07 8.09
C HIS E 229 5.17 43.53 8.22
N ASP E 230 5.42 42.81 7.15
CA ASP E 230 5.33 41.36 7.19
C ASP E 230 6.37 40.82 8.09
N SER E 231 7.60 41.25 7.91
CA SER E 231 8.63 40.55 8.69
C SER E 231 8.43 40.82 10.16
N LEU E 232 7.85 41.97 10.50
CA LEU E 232 7.62 42.39 11.89
C LEU E 232 6.55 41.53 12.49
N LEU E 233 5.56 41.20 11.65
CA LEU E 233 4.45 40.35 12.06
C LEU E 233 5.00 38.90 12.25
N GLU E 234 5.82 38.46 11.32
CA GLU E 234 6.40 37.14 11.46
C GLU E 234 7.29 37.03 12.65
N ALA E 235 8.09 38.04 12.93
CA ALA E 235 8.92 37.95 14.11
C ALA E 235 8.08 37.85 15.37
N GLY E 236 6.95 38.53 15.35
CA GLY E 236 6.09 38.52 16.52
C GLY E 236 5.56 37.10 16.75
N GLN E 237 5.09 36.43 15.70
CA GLN E 237 4.53 35.11 15.82
C GLN E 237 5.61 34.08 16.20
N PHE E 238 6.82 34.33 15.77
CA PHE E 238 7.92 33.45 16.09
C PHE E 238 8.25 33.50 17.57
N ILE E 239 8.41 34.70 18.11
CA ILE E 239 8.60 34.78 19.55
C ILE E 239 7.43 34.17 20.33
N ALA E 240 6.21 34.50 19.95
CA ALA E 240 5.11 33.98 20.76
C ALA E 240 5.13 32.43 20.79
N THR E 241 5.45 31.80 19.67
CA THR E 241 5.48 30.39 19.61
C THR E 241 6.51 29.88 20.57
N LEU E 242 7.71 30.40 20.51
CA LEU E 242 8.66 29.93 21.50
C LEU E 242 8.17 30.19 22.91
N GLU E 243 7.63 31.37 23.16
CA GLU E 243 7.31 31.68 24.54
C GLU E 243 6.12 30.85 25.01
N ASN E 244 5.15 30.64 24.19
CA ASN E 244 4.04 29.83 24.64
C ASN E 244 4.29 28.34 24.72
N ARG E 245 5.35 27.87 24.11
CA ARG E 245 5.64 26.48 24.23
C ARG E 245 6.52 26.22 25.45
N GLN E 246 7.46 27.10 25.71
CA GLN E 246 8.43 26.84 26.72
C GLN E 246 8.08 27.35 28.11
N GLY E 247 7.27 28.42 28.16
CA GLY E 247 6.99 29.14 29.38
C GLY E 247 8.24 29.90 29.76
N LEU E 248 9.17 30.10 28.83
CA LEU E 248 10.29 31.01 29.10
C LEU E 248 10.17 32.21 28.17
N LYS E 249 10.74 33.34 28.54
CA LYS E 249 10.54 34.50 27.73
C LYS E 249 11.80 34.84 27.07
N VAL E 250 11.73 35.36 25.84
CA VAL E 250 12.92 35.70 25.09
C VAL E 250 13.26 37.17 25.27
N ALA E 251 14.57 37.42 25.46
CA ALA E 251 15.09 38.74 25.60
C ALA E 251 14.38 39.59 26.68
N CYS E 252 14.36 39.05 27.86
CA CYS E 252 13.81 39.75 28.99
C CYS E 252 15.06 40.22 29.77
N PRO E 253 15.37 41.49 29.70
CA PRO E 253 16.61 42.01 30.33
C PRO E 253 16.78 41.69 31.80
N GLU E 254 15.70 41.74 32.55
CA GLU E 254 15.78 41.47 33.99
C GLU E 254 16.36 40.07 34.23
N GLU E 255 15.78 39.10 33.53
CA GLU E 255 16.21 37.72 33.68
C GLU E 255 17.66 37.58 33.32
N ILE E 256 18.08 38.30 32.29
CA ILE E 256 19.42 38.07 31.79
C ILE E 256 20.32 38.75 32.75
N ALA E 257 19.92 39.91 33.21
CA ALA E 257 20.76 40.54 34.19
C ALA E 257 20.87 39.58 35.37
N TYR E 258 19.77 39.05 35.85
CA TYR E 258 19.83 38.22 37.06
C TYR E 258 20.74 37.01 36.78
N ARG E 259 20.61 36.39 35.62
CA ARG E 259 21.35 35.15 35.40
C ARG E 259 22.83 35.46 35.28
N GLN E 260 23.17 36.66 34.82
CA GLN E 260 24.58 37.02 34.78
C GLN E 260 25.09 37.51 36.14
N LYS E 261 24.23 37.51 37.13
CA LYS E 261 24.61 38.05 38.40
C LYS E 261 24.86 39.57 38.41
N TRP E 262 24.36 40.32 37.43
CA TRP E 262 24.52 41.76 37.47
C TRP E 262 23.55 42.44 38.45
N ILE E 263 22.53 41.68 38.87
CA ILE E 263 21.63 42.11 39.92
C ILE E 263 21.33 40.89 40.77
N ASP E 264 20.91 41.05 42.00
CA ASP E 264 20.62 39.85 42.76
C ASP E 264 19.12 39.55 42.89
N ALA E 265 18.81 38.58 43.73
CA ALA E 265 17.43 38.18 43.94
C ALA E 265 16.58 39.30 44.44
N ALA E 266 17.07 39.99 45.45
CA ALA E 266 16.31 41.10 46.00
C ALA E 266 15.98 42.13 44.91
N GLN E 267 16.94 42.44 44.04
CA GLN E 267 16.68 43.45 43.02
C GLN E 267 15.66 42.98 42.06
N LEU E 268 15.77 41.73 41.70
CA LEU E 268 14.81 41.21 40.75
C LEU E 268 13.44 41.20 41.42
N GLU E 269 13.41 40.85 42.69
CA GLU E 269 12.14 40.81 43.36
C GLU E 269 11.54 42.20 43.20
N LYS E 270 12.36 43.20 43.45
CA LYS E 270 11.87 44.56 43.41
C LYS E 270 11.46 44.97 41.99
N LEU E 271 12.12 44.44 40.95
CA LEU E 271 11.73 44.83 39.62
C LEU E 271 10.41 44.26 39.26
N ALA E 272 10.04 43.18 39.95
CA ALA E 272 8.81 42.47 39.65
C ALA E 272 7.57 43.15 40.23
N ALA E 273 7.67 43.68 41.41
CA ALA E 273 6.50 44.17 42.08
C ALA E 273 5.56 45.04 41.21
N PRO E 274 6.09 46.09 40.67
CA PRO E 274 5.30 47.05 39.88
C PRO E 274 4.67 46.41 38.63
N LEU E 275 5.26 45.30 38.23
CA LEU E 275 4.81 44.59 37.06
C LEU E 275 4.01 43.37 37.48
N ALA E 276 3.78 43.16 38.78
CA ALA E 276 3.11 41.94 39.30
C ALA E 276 1.69 41.63 38.87
N LYS E 277 0.91 42.63 38.48
CA LYS E 277 -0.49 42.39 38.08
C LYS E 277 -0.58 41.65 36.76
N ASN E 278 0.49 41.66 35.96
CA ASN E 278 0.44 41.07 34.63
C ASN E 278 1.48 39.98 34.42
N GLY E 279 1.32 39.25 33.32
CA GLY E 279 2.13 38.06 33.05
C GLY E 279 3.65 38.28 33.15
N TYR E 280 4.11 39.45 32.78
CA TYR E 280 5.55 39.69 32.70
C TYR E 280 6.13 39.71 34.07
N GLY E 281 5.49 40.40 35.00
CA GLY E 281 5.95 40.45 36.37
C GLY E 281 5.87 39.05 36.92
N GLN E 282 4.74 38.39 36.72
CA GLN E 282 4.54 37.06 37.25
C GLN E 282 5.70 36.18 36.81
N TYR E 283 6.11 36.30 35.55
CA TYR E 283 7.26 35.53 35.09
C TYR E 283 8.51 35.93 35.90
N LEU E 284 8.77 37.21 36.06
CA LEU E 284 9.96 37.59 36.81
C LEU E 284 9.93 36.97 38.16
N LYS E 285 8.77 36.90 38.82
CA LYS E 285 8.77 36.32 40.15
C LYS E 285 9.11 34.86 40.08
N ARG E 286 8.51 34.18 39.12
CA ARG E 286 8.64 32.77 39.06
C ARG E 286 10.12 32.38 38.89
N LEU E 287 10.89 33.26 38.24
CA LEU E 287 12.30 32.93 38.10
C LEU E 287 13.04 32.84 39.44
N LEU E 288 12.50 33.42 40.50
CA LEU E 288 13.20 33.42 41.77
C LEU E 288 13.05 32.08 42.44
N THR E 289 12.10 31.29 41.96
CA THR E 289 11.87 30.00 42.61
C THR E 289 11.98 28.80 41.79
N GLU E 290 12.47 28.95 40.58
CA GLU E 290 12.57 27.82 39.69
C GLU E 290 13.99 27.74 39.20
N THR E 291 14.56 26.57 39.15
CA THR E 291 15.85 26.52 38.55
C THR E 291 15.65 26.21 37.08
N VAL E 292 16.28 26.99 36.21
CA VAL E 292 16.15 26.81 34.77
C VAL E 292 17.51 26.45 34.23
N TYR E 293 17.64 25.33 33.59
CA TYR E 293 18.94 25.00 33.07
C TYR E 293 19.22 25.67 31.69
N LYS F 2 -26.68 64.93 12.00
CA LYS F 2 -25.35 65.26 12.57
C LYS F 2 -25.02 64.56 13.88
N ARG F 3 -24.04 63.69 13.88
CA ARG F 3 -23.57 63.04 15.08
C ARG F 3 -22.10 63.28 15.28
N LYS F 4 -21.68 63.62 16.49
CA LYS F 4 -20.26 63.79 16.80
C LYS F 4 -19.73 62.52 17.42
N GLY F 5 -18.48 62.19 17.18
CA GLY F 5 -17.95 60.94 17.71
C GLY F 5 -16.79 61.17 18.60
N ILE F 6 -16.55 60.14 19.41
CA ILE F 6 -15.46 60.15 20.35
C ILE F 6 -14.67 58.81 20.28
N ILE F 7 -13.34 58.90 20.31
CA ILE F 7 -12.48 57.70 20.33
C ILE F 7 -11.73 57.79 21.65
N LEU F 8 -11.90 56.78 22.48
CA LEU F 8 -11.35 56.80 23.78
C LEU F 8 -10.08 56.02 23.70
N ALA F 9 -8.96 56.69 23.53
CA ALA F 9 -7.74 55.99 23.27
C ALA F 9 -6.70 56.23 24.37
N GLY F 10 -7.12 56.15 25.62
CA GLY F 10 -6.21 56.23 26.73
C GLY F 10 -5.97 54.81 27.26
N GLY F 11 -6.12 54.70 28.55
CA GLY F 11 -5.90 53.47 29.26
C GLY F 11 -4.44 53.40 29.67
N SER F 12 -4.12 52.40 30.47
CA SER F 12 -2.75 52.15 30.78
C SER F 12 -2.26 50.88 30.11
N GLY F 13 -3.15 50.04 29.61
CA GLY F 13 -2.74 48.86 28.84
C GLY F 13 -1.75 47.93 29.51
N THR F 14 -2.03 47.62 30.78
CA THR F 14 -1.07 46.88 31.62
C THR F 14 -1.00 45.45 31.13
N ARG F 15 -2.15 44.98 30.74
CA ARG F 15 -2.21 43.65 30.22
C ARG F 15 -1.16 43.48 29.10
N LEU F 16 -0.68 44.62 28.53
CA LEU F 16 0.30 44.58 27.44
C LEU F 16 1.74 44.91 27.91
N HIS F 17 1.96 45.16 29.17
CA HIS F 17 3.33 45.40 29.55
C HIS F 17 4.22 44.26 29.14
N PRO F 18 5.50 44.57 28.98
CA PRO F 18 6.03 45.91 29.04
C PRO F 18 5.94 46.59 27.68
N ALA F 19 5.40 45.97 26.66
CA ALA F 19 5.38 46.63 25.37
C ALA F 19 4.77 47.96 25.47
N THR F 20 3.82 48.11 26.32
CA THR F 20 3.22 49.38 26.25
C THR F 20 3.81 50.32 27.25
N LEU F 21 4.99 50.05 27.74
CA LEU F 21 5.54 51.07 28.61
C LEU F 21 6.10 52.12 27.68
N ALA F 22 6.33 51.68 26.48
CA ALA F 22 7.05 52.38 25.46
C ALA F 22 6.14 53.20 24.50
N ILE F 23 4.95 52.71 24.24
CA ILE F 23 4.03 53.34 23.34
C ILE F 23 2.55 53.02 23.74
N SER F 24 1.63 54.00 23.65
CA SER F 24 0.27 53.71 24.04
C SER F 24 -0.19 52.58 23.22
N LYS F 25 -1.04 51.77 23.78
CA LYS F 25 -1.54 50.71 22.93
C LYS F 25 -2.18 51.19 21.62
N GLN F 26 -2.78 52.37 21.62
CA GLN F 26 -3.47 52.74 20.44
C GLN F 26 -2.55 53.22 19.34
N LEU F 27 -1.22 53.32 19.58
CA LEU F 27 -0.29 53.73 18.52
C LEU F 27 0.42 52.56 17.84
N LEU F 28 0.35 51.38 18.49
CA LEU F 28 1.03 50.19 17.98
C LEU F 28 0.32 49.78 16.75
N PRO F 29 1.06 49.15 15.87
CA PRO F 29 0.54 48.75 14.56
C PRO F 29 -0.31 47.52 14.57
N VAL F 30 -1.41 47.49 13.82
CA VAL F 30 -2.07 46.25 13.58
C VAL F 30 -1.73 45.93 12.13
N TYR F 31 -0.76 45.07 11.99
CA TYR F 31 -0.19 44.76 10.72
C TYR F 31 0.54 45.95 10.15
N ASP F 32 -0.15 46.79 9.40
CA ASP F 32 0.54 47.81 8.64
C ASP F 32 0.16 49.21 8.95
N LYS F 33 -0.66 49.44 9.93
CA LYS F 33 -1.03 50.86 10.24
C LYS F 33 -1.35 51.02 11.72
N PRO F 34 -1.30 52.22 12.28
CA PRO F 34 -1.47 52.37 13.73
C PRO F 34 -2.88 51.96 14.12
N MET F 35 -2.97 51.29 15.22
CA MET F 35 -4.19 50.76 15.72
C MET F 35 -5.35 51.72 15.70
N ILE F 36 -5.09 52.99 15.98
CA ILE F 36 -6.18 53.91 16.04
C ILE F 36 -6.81 54.14 14.68
N TYR F 37 -6.11 53.78 13.61
CA TYR F 37 -6.74 54.02 12.31
C TYR F 37 -7.98 53.24 12.23
N TYR F 38 -7.98 52.07 12.88
CA TYR F 38 -9.17 51.18 12.77
C TYR F 38 -10.54 51.84 13.22
N PRO F 39 -10.63 52.20 14.50
CA PRO F 39 -11.82 52.87 15.05
C PRO F 39 -12.03 54.23 14.40
N LEU F 40 -10.98 54.95 14.12
CA LEU F 40 -11.17 56.11 13.30
C LEU F 40 -11.97 55.74 12.08
N SER F 41 -11.53 54.76 11.35
CA SER F 41 -12.29 54.42 10.13
C SER F 41 -13.70 53.96 10.44
N THR F 42 -13.94 53.46 11.62
CA THR F 42 -15.27 53.01 11.93
C THR F 42 -16.22 54.17 12.04
N LEU F 43 -15.83 55.20 12.77
CA LEU F 43 -16.63 56.39 12.86
C LEU F 43 -16.74 57.05 11.47
N MET F 44 -15.65 57.05 10.75
CA MET F 44 -15.74 57.62 9.39
C MET F 44 -16.82 56.88 8.58
N LEU F 45 -16.85 55.55 8.62
CA LEU F 45 -17.87 54.86 7.85
C LEU F 45 -19.26 55.01 8.42
N ALA F 46 -19.41 55.51 9.64
CA ALA F 46 -20.76 55.80 10.12
C ALA F 46 -21.16 57.21 9.75
N GLY F 47 -20.43 57.75 8.79
CA GLY F 47 -20.66 59.12 8.38
C GLY F 47 -20.29 60.23 9.35
N ILE F 48 -19.45 59.98 10.36
CA ILE F 48 -19.06 61.02 11.33
C ILE F 48 -17.76 61.70 10.97
N ARG F 49 -17.75 63.00 10.88
CA ARG F 49 -16.57 63.76 10.43
C ARG F 49 -15.96 64.59 11.51
N GLU F 50 -16.71 64.78 12.54
CA GLU F 50 -16.22 65.59 13.59
C GLU F 50 -15.95 64.75 14.81
N ILE F 51 -14.69 64.64 15.21
CA ILE F 51 -14.35 63.64 16.19
C ILE F 51 -13.37 64.05 17.23
N LEU F 52 -13.65 63.66 18.46
CA LEU F 52 -12.80 64.04 19.58
C LEU F 52 -11.97 62.83 20.02
N ILE F 53 -10.67 63.01 20.14
CA ILE F 53 -9.78 61.91 20.54
C ILE F 53 -9.28 62.15 21.93
N ILE F 54 -9.57 61.21 22.82
CA ILE F 54 -9.15 61.30 24.20
C ILE F 54 -8.03 60.30 24.48
N SER F 55 -7.04 60.77 25.21
CA SER F 55 -5.96 59.92 25.57
C SER F 55 -5.25 60.41 26.82
N THR F 56 -4.22 59.70 27.24
CA THR F 56 -3.47 60.09 28.42
C THR F 56 -2.77 61.42 28.15
N PRO F 57 -2.35 62.08 29.18
CA PRO F 57 -1.68 63.35 29.01
C PRO F 57 -0.45 63.14 28.14
N GLN F 58 0.32 62.10 28.49
CA GLN F 58 1.54 61.88 27.75
C GLN F 58 1.33 61.43 26.30
N ASP F 59 0.27 60.68 26.00
CA ASP F 59 0.15 60.22 24.63
C ASP F 59 -0.63 61.17 23.67
N THR F 60 -1.43 62.06 24.22
CA THR F 60 -2.21 62.90 23.41
C THR F 60 -1.37 63.59 22.36
N PRO F 61 -0.29 64.19 22.76
CA PRO F 61 0.53 64.90 21.81
C PRO F 61 0.85 64.03 20.64
N ARG F 62 1.11 62.77 20.91
CA ARG F 62 1.57 61.91 19.84
C ARG F 62 0.47 61.56 18.86
N PHE F 63 -0.75 61.42 19.34
CA PHE F 63 -1.85 61.25 18.41
C PHE F 63 -1.95 62.53 17.57
N GLN F 64 -1.73 63.72 18.18
CA GLN F 64 -1.84 64.99 17.47
C GLN F 64 -0.88 64.91 16.31
N GLN F 65 0.33 64.46 16.60
CA GLN F 65 1.39 64.44 15.61
C GLN F 65 1.03 63.48 14.51
N LEU F 66 0.33 62.43 14.89
CA LEU F 66 -0.02 61.45 13.90
C LEU F 66 -1.16 61.88 13.01
N LEU F 67 -2.20 62.46 13.61
CA LEU F 67 -3.41 62.71 12.88
C LEU F 67 -3.65 64.16 12.52
N GLY F 68 -2.94 65.09 13.13
CA GLY F 68 -3.19 66.50 12.88
C GLY F 68 -4.63 66.82 13.18
N ASP F 69 -5.13 67.91 12.57
CA ASP F 69 -6.48 68.37 12.84
C ASP F 69 -7.48 67.64 11.95
N GLY F 70 -7.01 66.79 11.09
CA GLY F 70 -7.98 66.04 10.27
C GLY F 70 -8.29 66.70 8.92
N SER F 71 -7.89 67.94 8.74
CA SER F 71 -8.31 68.64 7.56
C SER F 71 -7.89 67.93 6.28
N ASN F 72 -6.69 67.35 6.29
CA ASN F 72 -6.18 66.72 5.08
C ASN F 72 -7.04 65.52 4.69
N TRP F 73 -7.84 64.99 5.62
CA TRP F 73 -8.67 63.86 5.29
C TRP F 73 -10.11 64.23 5.26
N GLY F 74 -10.39 65.52 5.16
CA GLY F 74 -11.76 65.98 5.25
C GLY F 74 -12.38 65.83 6.67
N LEU F 75 -11.59 65.55 7.71
CA LEU F 75 -12.17 65.43 9.07
C LEU F 75 -11.91 66.70 9.89
N ASP F 76 -12.56 66.79 11.03
CA ASP F 76 -12.32 67.82 11.97
C ASP F 76 -11.99 67.11 13.24
N LEU F 77 -10.71 66.80 13.46
CA LEU F 77 -10.27 66.16 14.70
C LEU F 77 -9.94 67.13 15.81
N GLN F 78 -10.29 66.81 17.03
CA GLN F 78 -9.92 67.57 18.19
C GLN F 78 -9.44 66.59 19.26
N TYR F 79 -8.82 67.08 20.33
CA TYR F 79 -8.20 66.24 21.34
C TYR F 79 -8.48 66.73 22.72
N ALA F 80 -8.57 65.80 23.67
CA ALA F 80 -8.70 66.07 25.08
C ALA F 80 -7.96 64.97 25.88
N VAL F 81 -7.61 65.26 27.12
CA VAL F 81 -6.85 64.36 27.93
C VAL F 81 -7.66 63.80 29.01
N GLN F 82 -7.46 62.52 29.27
CA GLN F 82 -8.14 61.89 30.39
C GLN F 82 -7.01 61.72 31.31
N PRO F 83 -6.92 62.54 32.33
CA PRO F 83 -5.85 62.52 33.35
C PRO F 83 -5.57 61.15 33.96
N SER F 84 -6.59 60.31 34.12
CA SER F 84 -6.48 58.96 34.70
C SER F 84 -7.56 58.03 34.09
N PRO F 85 -7.28 56.74 34.03
CA PRO F 85 -8.24 55.82 33.41
C PRO F 85 -9.32 55.46 34.34
N ASP F 86 -10.23 56.35 34.61
CA ASP F 86 -11.24 56.07 35.59
C ASP F 86 -12.55 55.61 35.07
N GLY F 87 -12.61 55.21 33.79
CA GLY F 87 -13.80 54.56 33.26
C GLY F 87 -14.23 55.10 31.91
N LEU F 88 -14.86 54.24 31.09
CA LEU F 88 -15.21 54.66 29.77
C LEU F 88 -16.24 55.78 29.82
N ALA F 89 -17.12 55.75 30.83
CA ALA F 89 -18.13 56.77 30.88
C ALA F 89 -17.49 58.10 31.03
N GLN F 90 -16.30 58.20 31.54
CA GLN F 90 -15.72 59.55 31.64
C GLN F 90 -15.65 60.23 30.28
N ALA F 91 -15.63 59.48 29.21
CA ALA F 91 -15.56 60.10 27.92
C ALA F 91 -16.66 61.15 27.82
N PHE F 92 -17.85 60.85 28.36
CA PHE F 92 -18.96 61.76 28.27
C PHE F 92 -18.80 63.02 29.12
N LEU F 93 -18.05 62.92 30.22
CA LEU F 93 -17.79 64.14 31.05
C LEU F 93 -16.71 64.91 30.35
N ILE F 94 -15.62 64.27 30.01
CA ILE F 94 -14.57 64.97 29.33
C ILE F 94 -15.08 65.59 28.02
N GLY F 95 -16.00 64.89 27.36
CA GLY F 95 -16.43 65.36 26.06
C GLY F 95 -17.74 66.11 26.07
N GLU F 96 -18.16 66.46 27.27
CA GLU F 96 -19.40 67.17 27.37
C GLU F 96 -19.55 68.39 26.43
N SER F 97 -18.62 69.30 26.47
CA SER F 97 -18.80 70.50 25.72
C SER F 97 -18.56 70.17 24.24
N PHE F 98 -17.67 69.24 23.92
CA PHE F 98 -17.50 68.89 22.51
C PHE F 98 -18.84 68.42 21.95
N ILE F 99 -19.59 67.71 22.76
CA ILE F 99 -20.81 67.15 22.29
C ILE F 99 -21.85 68.20 22.15
N GLY F 100 -21.92 69.09 23.12
CA GLY F 100 -22.95 70.09 23.05
C GLY F 100 -24.29 69.41 23.11
N ASN F 101 -25.16 69.82 22.20
CA ASN F 101 -26.48 69.29 22.04
C ASN F 101 -26.64 68.36 20.87
N ASP F 102 -25.61 67.67 20.45
CA ASP F 102 -25.78 66.73 19.37
C ASP F 102 -25.88 65.27 19.77
N LEU F 103 -26.28 64.42 18.83
CA LEU F 103 -26.16 63.01 18.91
C LEU F 103 -24.66 62.72 18.93
N SER F 104 -24.26 61.63 19.59
CA SER F 104 -22.89 61.26 19.67
C SER F 104 -22.67 59.78 19.50
N ALA F 105 -21.40 59.42 19.38
CA ALA F 105 -21.00 58.05 19.26
C ALA F 105 -19.64 57.88 19.90
N LEU F 106 -19.46 56.76 20.62
CA LEU F 106 -18.23 56.48 21.29
C LEU F 106 -17.59 55.20 20.71
N VAL F 107 -16.30 55.18 20.42
CA VAL F 107 -15.70 53.93 20.05
C VAL F 107 -14.42 53.76 20.83
N LEU F 108 -14.14 52.53 21.28
CA LEU F 108 -12.88 52.29 21.99
C LEU F 108 -11.74 52.20 21.03
N GLY F 109 -10.64 52.77 21.43
CA GLY F 109 -9.47 52.80 20.58
C GLY F 109 -8.85 51.47 20.21
N ASP F 110 -9.11 50.41 20.94
CA ASP F 110 -8.38 49.20 20.62
C ASP F 110 -9.30 48.18 20.08
N ASN F 111 -10.45 48.64 19.60
CA ASN F 111 -11.42 47.78 18.94
C ASN F 111 -11.34 47.93 17.45
N LEU F 112 -11.44 46.78 16.81
CA LEU F 112 -11.28 46.64 15.40
C LEU F 112 -12.41 45.81 14.86
N TYR F 113 -13.17 46.37 13.91
CA TYR F 113 -14.31 45.73 13.27
C TYR F 113 -14.07 45.44 11.81
N TYR F 114 -14.70 44.42 11.29
CA TYR F 114 -14.58 44.16 9.87
C TYR F 114 -15.66 43.26 9.36
N GLY F 115 -16.22 43.61 8.21
CA GLY F 115 -17.27 42.78 7.62
C GLY F 115 -18.18 43.38 6.55
N HIS F 116 -18.66 42.50 5.72
CA HIS F 116 -19.54 42.89 4.67
C HIS F 116 -20.78 43.58 5.21
N ASP F 117 -21.13 44.69 4.57
CA ASP F 117 -22.25 45.50 4.95
C ASP F 117 -22.07 46.16 6.29
N PHE F 118 -20.85 46.21 6.79
CA PHE F 118 -20.66 46.79 8.07
C PHE F 118 -21.12 48.21 8.02
N HIS F 119 -20.93 48.82 6.87
CA HIS F 119 -21.25 50.20 6.79
C HIS F 119 -22.76 50.44 6.73
N GLU F 120 -23.56 49.41 6.41
CA GLU F 120 -25.00 49.55 6.48
C GLU F 120 -25.47 49.38 7.91
N LEU F 121 -24.80 48.50 8.67
CA LEU F 121 -25.10 48.30 10.07
C LEU F 121 -24.81 49.58 10.86
N LEU F 122 -23.74 50.26 10.51
CA LEU F 122 -23.41 51.51 11.15
C LEU F 122 -24.45 52.57 10.80
N GLY F 123 -24.80 52.65 9.52
CA GLY F 123 -25.76 53.62 9.03
C GLY F 123 -27.07 53.51 9.80
N SER F 124 -27.58 52.30 9.93
CA SER F 124 -28.84 52.17 10.60
C SER F 124 -28.75 52.81 11.94
N ALA F 125 -27.67 52.57 12.67
CA ALA F 125 -27.61 52.97 14.04
C ALA F 125 -27.41 54.47 14.14
N SER F 126 -26.55 54.98 13.29
CA SER F 126 -26.20 56.36 13.33
C SER F 126 -27.39 57.19 12.96
N GLN F 127 -28.41 56.61 12.38
CA GLN F 127 -29.56 57.43 12.00
C GLN F 127 -30.72 57.34 12.97
N ARG F 128 -30.71 56.46 13.93
CA ARG F 128 -31.73 56.63 14.92
C ARG F 128 -31.53 58.01 15.47
N GLN F 129 -32.58 58.75 15.74
CA GLN F 129 -32.36 60.00 16.43
C GLN F 129 -32.78 59.97 17.88
N THR F 130 -32.80 58.79 18.50
CA THR F 130 -33.29 58.68 19.85
C THR F 130 -32.78 57.47 20.53
N GLY F 131 -32.75 57.47 21.85
CA GLY F 131 -32.31 56.31 22.62
C GLY F 131 -30.84 55.98 22.39
N ALA F 132 -30.48 54.74 22.67
CA ALA F 132 -29.10 54.31 22.49
C ALA F 132 -28.99 53.09 21.70
N SER F 133 -27.94 52.91 20.94
CA SER F 133 -27.79 51.64 20.22
C SER F 133 -26.42 51.02 20.50
N VAL F 134 -26.42 49.71 20.78
CA VAL F 134 -25.20 48.93 20.93
C VAL F 134 -25.35 47.59 20.21
N PHE F 135 -24.26 46.86 20.19
CA PHE F 135 -24.16 45.62 19.43
C PHE F 135 -23.66 44.46 20.26
N ALA F 136 -24.29 43.31 20.09
CA ALA F 136 -23.98 42.13 20.85
C ALA F 136 -23.27 41.16 19.95
N TYR F 137 -22.20 40.54 20.43
CA TYR F 137 -21.40 39.68 19.58
C TYR F 137 -21.02 38.43 20.37
N HIS F 138 -21.32 37.27 19.80
CA HIS F 138 -21.06 36.05 20.48
C HIS F 138 -19.55 35.85 20.65
N VAL F 139 -19.08 35.54 21.86
CA VAL F 139 -17.62 35.36 22.03
C VAL F 139 -17.34 34.24 22.94
N LEU F 140 -16.11 33.77 22.94
CA LEU F 140 -15.69 32.65 23.81
C LEU F 140 -15.62 33.06 25.28
N ASP F 141 -15.20 34.26 25.57
CA ASP F 141 -14.98 34.73 26.94
C ASP F 141 -15.84 35.91 27.41
N PRO F 142 -17.16 35.76 27.42
CA PRO F 142 -18.03 36.88 27.77
C PRO F 142 -17.63 37.56 29.09
N GLU F 143 -17.05 36.77 29.99
CA GLU F 143 -16.66 37.27 31.30
C GLU F 143 -15.68 38.42 31.23
N ARG F 144 -15.07 38.66 30.09
CA ARG F 144 -14.15 39.76 30.02
C ARG F 144 -14.82 41.08 29.60
N TYR F 145 -16.13 41.08 29.35
CA TYR F 145 -16.83 42.27 28.86
C TYR F 145 -18.16 42.55 29.53
N GLY F 146 -18.87 43.56 29.04
CA GLY F 146 -20.24 43.84 29.43
C GLY F 146 -21.03 42.70 28.79
N VAL F 147 -21.87 41.99 29.53
CA VAL F 147 -22.61 40.87 28.91
C VAL F 147 -24.08 41.16 28.91
N VAL F 148 -24.75 40.83 27.83
CA VAL F 148 -26.17 41.13 27.71
C VAL F 148 -26.94 39.84 27.62
N GLU F 149 -27.96 39.70 28.42
CA GLU F 149 -28.80 38.51 28.45
C GLU F 149 -30.06 38.76 27.64
N PHE F 150 -30.52 37.77 26.91
CA PHE F 150 -31.80 37.93 26.21
C PHE F 150 -32.84 36.98 26.79
N ASP F 151 -34.12 37.35 26.65
CA ASP F 151 -35.19 36.40 26.94
C ASP F 151 -35.43 35.55 25.72
N GLN F 152 -36.38 34.66 25.80
CA GLN F 152 -36.66 33.69 24.73
C GLN F 152 -37.16 34.35 23.51
N GLY F 153 -37.77 35.48 23.70
CA GLY F 153 -38.19 36.31 22.60
C GLY F 153 -37.05 37.10 21.99
N GLY F 154 -35.83 36.96 22.49
CA GLY F 154 -34.69 37.63 21.90
C GLY F 154 -34.57 39.08 22.30
N LYS F 155 -35.30 39.45 23.33
CA LYS F 155 -35.27 40.79 23.84
C LYS F 155 -34.28 41.03 25.00
N ALA F 156 -33.50 42.09 24.91
CA ALA F 156 -32.49 42.32 25.92
C ALA F 156 -33.11 42.57 27.26
N ILE F 157 -32.67 41.89 28.32
CA ILE F 157 -33.31 42.13 29.64
C ILE F 157 -32.35 42.34 30.80
N SER F 158 -31.06 42.20 30.56
CA SER F 158 -30.11 42.57 31.59
C SER F 158 -28.71 42.77 31.02
N LEU F 159 -27.92 43.54 31.76
CA LEU F 159 -26.57 43.84 31.41
C LEU F 159 -25.66 43.77 32.66
N GLU F 160 -24.54 43.06 32.59
CA GLU F 160 -23.56 42.99 33.68
C GLU F 160 -22.14 43.19 33.16
N GLU F 161 -21.34 43.92 33.91
CA GLU F 161 -19.97 44.14 33.51
C GLU F 161 -19.04 43.16 34.14
N LYS F 162 -18.26 42.45 33.33
CA LYS F 162 -17.35 41.36 33.77
C LYS F 162 -17.90 40.43 34.82
N PRO F 163 -19.00 39.76 34.57
CA PRO F 163 -19.53 38.81 35.55
C PRO F 163 -18.69 37.57 35.64
N LEU F 164 -18.44 37.09 36.83
CA LEU F 164 -17.82 35.80 36.99
C LEU F 164 -18.65 34.72 36.35
N GLU F 165 -19.99 34.85 36.34
CA GLU F 165 -20.89 33.83 35.76
C GLU F 165 -21.81 34.51 34.69
N PRO F 166 -21.24 34.73 33.54
CA PRO F 166 -21.99 35.38 32.45
C PRO F 166 -23.30 34.67 32.24
N LYS F 167 -24.34 35.43 32.00
CA LYS F 167 -25.68 34.90 31.72
C LYS F 167 -25.87 34.58 30.24
N SER F 168 -24.92 34.93 29.39
CA SER F 168 -24.92 34.51 28.00
C SER F 168 -23.54 34.64 27.47
N ASN F 169 -23.38 34.34 26.20
CA ASN F 169 -22.12 34.54 25.56
C ASN F 169 -22.12 35.77 24.68
N TYR F 170 -23.06 36.68 24.82
CA TYR F 170 -23.05 37.87 23.97
C TYR F 170 -22.42 39.06 24.71
N ALA F 171 -21.27 39.48 24.24
CA ALA F 171 -20.64 40.65 24.75
C ALA F 171 -21.11 41.92 24.01
N VAL F 172 -21.25 43.03 24.72
CA VAL F 172 -21.68 44.29 24.12
C VAL F 172 -20.39 44.83 23.59
N THR F 173 -20.25 45.15 22.33
CA THR F 173 -18.93 45.56 21.87
C THR F 173 -18.62 47.00 22.18
N GLY F 174 -17.50 47.49 21.67
CA GLY F 174 -17.06 48.82 22.07
C GLY F 174 -17.40 49.87 21.08
N LEU F 175 -18.66 49.94 20.74
CA LEU F 175 -19.12 50.88 19.76
C LEU F 175 -20.44 51.28 20.31
N TYR F 176 -20.63 52.54 20.61
CA TYR F 176 -21.90 52.96 21.23
C TYR F 176 -22.49 54.22 20.62
N PHE F 177 -23.79 54.25 20.34
CA PHE F 177 -24.44 55.44 19.73
C PHE F 177 -25.43 56.00 20.73
N TYR F 178 -25.36 57.32 21.02
CA TYR F 178 -26.22 57.96 22.03
C TYR F 178 -27.00 59.23 21.52
N ASP F 179 -28.15 59.48 22.13
CA ASP F 179 -28.96 60.64 21.86
C ASP F 179 -28.53 61.63 22.93
N GLN F 180 -29.33 62.60 23.29
CA GLN F 180 -28.88 63.73 24.14
C GLN F 180 -29.06 63.47 25.60
N GLN F 181 -29.39 62.27 25.97
CA GLN F 181 -29.55 61.96 27.36
C GLN F 181 -28.20 61.48 27.97
N VAL F 182 -27.21 61.18 27.17
CA VAL F 182 -26.09 60.47 27.72
C VAL F 182 -25.28 61.32 28.67
N VAL F 183 -25.03 62.57 28.34
CA VAL F 183 -24.24 63.40 29.21
C VAL F 183 -24.89 63.38 30.57
N ASP F 184 -26.19 63.57 30.66
CA ASP F 184 -26.79 63.70 32.00
C ASP F 184 -26.79 62.36 32.69
N ILE F 185 -26.83 61.31 31.93
CA ILE F 185 -26.79 60.04 32.59
C ILE F 185 -25.41 59.79 33.17
N ALA F 186 -24.41 60.19 32.42
CA ALA F 186 -23.09 60.01 32.88
C ALA F 186 -22.76 60.93 34.06
N ARG F 187 -23.37 62.13 34.16
CA ARG F 187 -23.05 63.03 35.27
C ARG F 187 -23.49 62.46 36.61
N ASP F 188 -24.55 61.65 36.60
CA ASP F 188 -25.04 61.08 37.84
C ASP F 188 -24.39 59.74 38.20
N LEU F 189 -23.47 59.21 37.41
CA LEU F 189 -22.93 57.90 37.76
C LEU F 189 -22.02 58.04 38.97
N LYS F 190 -21.90 56.92 39.67
CA LYS F 190 -21.01 56.78 40.78
C LYS F 190 -20.10 55.64 40.48
N PRO F 191 -18.89 55.68 40.97
CA PRO F 191 -17.93 54.62 40.74
C PRO F 191 -18.45 53.31 41.20
N SER F 192 -18.15 52.32 40.40
CA SER F 192 -18.55 50.99 40.65
C SER F 192 -17.60 50.38 41.70
N PRO F 193 -17.94 49.19 42.20
CA PRO F 193 -17.02 48.44 43.08
C PRO F 193 -15.62 48.37 42.42
N ARG F 194 -15.56 48.10 41.10
CA ARG F 194 -14.25 48.15 40.45
C ARG F 194 -13.64 49.55 40.55
N GLY F 195 -14.43 50.58 40.82
CA GLY F 195 -13.87 51.93 40.86
C GLY F 195 -13.87 52.62 39.48
N GLU F 196 -14.82 52.28 38.61
CA GLU F 196 -14.83 52.95 37.32
C GLU F 196 -16.21 53.55 37.12
N LEU F 197 -16.27 54.60 36.31
CA LEU F 197 -17.53 55.10 35.84
C LEU F 197 -17.75 54.27 34.56
N GLU F 198 -18.67 53.31 34.67
CA GLU F 198 -18.90 52.29 33.72
C GLU F 198 -19.92 52.64 32.64
N ILE F 199 -19.54 52.41 31.41
CA ILE F 199 -20.48 52.54 30.32
C ILE F 199 -21.53 51.54 30.41
N THR F 200 -21.32 50.45 31.09
CA THR F 200 -22.42 49.51 31.22
C THR F 200 -23.44 50.13 32.06
N ASP F 201 -23.04 50.91 33.03
CA ASP F 201 -24.11 51.64 33.79
C ASP F 201 -24.88 52.63 32.94
N VAL F 202 -24.20 53.19 31.95
CA VAL F 202 -24.87 54.13 31.10
C VAL F 202 -25.90 53.37 30.34
N ASN F 203 -25.45 52.26 29.80
CA ASN F 203 -26.31 51.48 28.92
C ASN F 203 -27.49 50.95 29.73
N ARG F 204 -27.23 50.61 30.97
CA ARG F 204 -28.35 50.09 31.78
C ARG F 204 -29.39 51.12 32.01
N ALA F 205 -28.95 52.34 32.22
CA ALA F 205 -29.89 53.44 32.40
C ALA F 205 -30.82 53.51 31.17
N TYR F 206 -30.29 53.46 29.96
CA TYR F 206 -31.21 53.48 28.80
C TYR F 206 -32.17 52.24 28.77
N LEU F 207 -31.65 51.11 29.27
CA LEU F 207 -32.40 49.88 29.21
C LEU F 207 -33.57 49.96 30.17
N GLU F 208 -33.30 50.55 31.29
CA GLU F 208 -34.35 50.66 32.27
C GLU F 208 -35.45 51.55 31.80
N ARG F 209 -35.19 52.46 30.87
CA ARG F 209 -36.26 53.31 30.35
C ARG F 209 -36.78 52.77 29.06
N GLY F 210 -36.43 51.52 28.76
CA GLY F 210 -36.91 50.94 27.52
C GLY F 210 -36.37 51.62 26.29
N GLN F 211 -35.23 52.26 26.38
CA GLN F 211 -34.72 52.97 25.20
C GLN F 211 -33.30 52.54 24.72
N LEU F 212 -32.92 51.32 25.05
CA LEU F 212 -31.69 50.77 24.58
C LEU F 212 -31.99 49.75 23.47
N SER F 213 -31.47 50.00 22.31
CA SER F 213 -31.55 49.08 21.23
C SER F 213 -30.27 48.26 21.15
N VAL F 214 -30.43 46.96 21.05
CA VAL F 214 -29.34 46.03 21.04
C VAL F 214 -29.51 45.21 19.81
N GLU F 215 -28.68 45.46 18.83
CA GLU F 215 -28.74 44.72 17.60
C GLU F 215 -27.63 43.66 17.65
N ILE F 216 -27.91 42.50 17.10
CA ILE F 216 -26.90 41.48 16.99
C ILE F 216 -25.92 41.72 15.88
N MET F 217 -24.61 41.61 16.13
CA MET F 217 -23.58 41.65 15.11
C MET F 217 -23.24 40.19 14.93
N GLY F 218 -23.70 39.60 13.85
CA GLY F 218 -23.54 38.19 13.57
C GLY F 218 -22.16 37.63 13.40
N ARG F 219 -22.05 36.34 13.48
CA ARG F 219 -20.82 35.60 13.39
C ARG F 219 -20.08 35.92 12.12
N GLY F 220 -20.83 36.40 11.15
CA GLY F 220 -20.26 36.89 9.91
C GLY F 220 -19.32 38.09 10.02
N TYR F 221 -19.44 38.95 11.01
CA TYR F 221 -18.52 40.04 11.14
C TYR F 221 -17.37 39.63 12.03
N ALA F 222 -16.27 40.34 11.90
CA ALA F 222 -15.14 40.13 12.77
C ALA F 222 -15.09 41.26 13.78
N TRP F 223 -14.99 40.89 15.08
CA TRP F 223 -14.85 41.87 16.14
C TRP F 223 -13.69 41.44 16.94
N LEU F 224 -12.54 42.07 16.74
CA LEU F 224 -11.31 41.71 17.45
C LEU F 224 -10.91 42.75 18.42
N ASP F 225 -10.25 42.38 19.52
CA ASP F 225 -9.74 43.48 20.39
C ASP F 225 -8.31 43.29 20.72
N THR F 226 -7.57 44.37 20.77
CA THR F 226 -6.15 44.22 20.86
C THR F 226 -5.65 44.16 22.25
N GLY F 227 -6.43 43.56 23.11
CA GLY F 227 -6.18 43.54 24.53
C GLY F 227 -4.98 42.77 25.06
N THR F 228 -4.61 41.71 24.38
CA THR F 228 -3.55 40.91 24.86
C THR F 228 -2.58 40.70 23.79
N HIS F 229 -1.33 40.46 24.18
CA HIS F 229 -0.33 40.16 23.24
C HIS F 229 -0.82 39.18 22.14
N ASP F 230 -1.49 38.12 22.52
CA ASP F 230 -1.91 37.14 21.55
C ASP F 230 -3.04 37.72 20.69
N SER F 231 -4.00 38.36 21.30
CA SER F 231 -5.05 38.82 20.41
C SER F 231 -4.48 39.86 19.41
N LEU F 232 -3.52 40.69 19.87
CA LEU F 232 -2.95 41.74 19.00
C LEU F 232 -2.28 41.07 17.82
N LEU F 233 -1.61 39.98 18.11
CA LEU F 233 -0.92 39.25 17.11
C LEU F 233 -1.90 38.61 16.10
N GLU F 234 -2.96 37.99 16.61
CA GLU F 234 -4.00 37.46 15.72
C GLU F 234 -4.65 38.51 14.90
N ALA F 235 -4.89 39.70 15.47
CA ALA F 235 -5.54 40.70 14.69
C ALA F 235 -4.64 41.16 13.55
N GLY F 236 -3.34 41.25 13.86
CA GLY F 236 -2.38 41.56 12.83
C GLY F 236 -2.39 40.57 11.67
N GLN F 237 -2.47 39.28 11.96
CA GLN F 237 -2.35 38.27 10.89
C GLN F 237 -3.64 38.32 10.12
N PHE F 238 -4.73 38.65 10.80
CA PHE F 238 -6.03 38.66 10.15
C PHE F 238 -6.02 39.74 9.07
N ILE F 239 -5.63 40.93 9.45
CA ILE F 239 -5.60 41.98 8.49
C ILE F 239 -4.59 41.62 7.39
N ALA F 240 -3.44 41.10 7.72
CA ALA F 240 -2.53 40.86 6.60
C ALA F 240 -3.09 39.84 5.58
N THR F 241 -3.77 38.80 6.06
CA THR F 241 -4.37 37.86 5.14
C THR F 241 -5.35 38.57 4.23
N LEU F 242 -6.19 39.44 4.77
CA LEU F 242 -7.20 40.05 3.91
C LEU F 242 -6.46 40.91 2.95
N GLU F 243 -5.55 41.70 3.46
CA GLU F 243 -4.91 42.67 2.59
C GLU F 243 -4.03 41.99 1.54
N ASN F 244 -3.36 40.89 1.84
CA ASN F 244 -2.61 40.27 0.80
C ASN F 244 -3.39 39.44 -0.21
N ARG F 245 -4.62 39.08 0.12
CA ARG F 245 -5.37 38.37 -0.82
C ARG F 245 -6.02 39.35 -1.75
N GLN F 246 -6.56 40.44 -1.22
CA GLN F 246 -7.42 41.34 -1.98
C GLN F 246 -6.70 42.38 -2.79
N GLY F 247 -5.50 42.73 -2.36
CA GLY F 247 -4.84 43.91 -2.87
C GLY F 247 -5.57 45.18 -2.41
N LEU F 248 -6.47 45.14 -1.42
CA LEU F 248 -7.16 46.30 -0.93
C LEU F 248 -6.71 46.46 0.48
N LYS F 249 -6.81 47.66 1.07
CA LYS F 249 -6.31 47.78 2.45
C LYS F 249 -7.44 48.01 3.36
N VAL F 250 -7.38 47.57 4.61
CA VAL F 250 -8.45 47.80 5.52
C VAL F 250 -8.21 49.06 6.35
N ALA F 251 -9.28 49.84 6.59
CA ALA F 251 -9.19 51.03 7.44
C ALA F 251 -8.07 52.00 7.07
N CYS F 252 -7.99 52.34 5.82
CA CYS F 252 -7.11 53.39 5.34
C CYS F 252 -7.99 54.62 5.22
N PRO F 253 -7.83 55.59 6.13
CA PRO F 253 -8.71 56.75 6.14
C PRO F 253 -8.63 57.55 4.89
N GLU F 254 -7.49 57.65 4.22
CA GLU F 254 -7.48 58.44 2.97
C GLU F 254 -8.50 57.86 1.98
N GLU F 255 -8.48 56.54 1.84
CA GLU F 255 -9.38 55.89 0.90
C GLU F 255 -10.79 56.15 1.31
N ILE F 256 -11.06 56.07 2.59
CA ILE F 256 -12.43 56.19 3.00
C ILE F 256 -12.85 57.61 2.76
N ALA F 257 -11.96 58.52 3.06
CA ALA F 257 -12.30 59.88 2.84
C ALA F 257 -12.67 60.08 1.41
N TYR F 258 -11.83 59.59 0.53
CA TYR F 258 -12.03 59.78 -0.89
C TYR F 258 -13.30 59.04 -1.34
N ARG F 259 -13.57 57.87 -0.81
CA ARG F 259 -14.78 57.23 -1.32
C ARG F 259 -16.03 57.94 -0.86
N GLN F 260 -15.98 58.61 0.29
CA GLN F 260 -17.16 59.32 0.77
C GLN F 260 -17.22 60.68 0.13
N LYS F 261 -16.22 61.02 -0.65
CA LYS F 261 -16.18 62.37 -1.25
C LYS F 261 -15.88 63.47 -0.24
N TRP F 262 -15.25 63.15 0.87
CA TRP F 262 -14.85 64.20 1.78
C TRP F 262 -13.54 64.87 1.30
N ILE F 263 -12.88 64.22 0.36
CA ILE F 263 -11.71 64.83 -0.25
C ILE F 263 -11.80 64.47 -1.73
N ASP F 264 -11.19 65.23 -2.61
CA ASP F 264 -11.30 64.84 -4.03
C ASP F 264 -10.04 64.20 -4.54
N ALA F 265 -10.01 63.96 -5.83
CA ALA F 265 -8.87 63.28 -6.43
C ALA F 265 -7.61 64.04 -6.27
N ALA F 266 -7.67 65.33 -6.39
CA ALA F 266 -6.44 66.10 -6.29
C ALA F 266 -5.88 65.98 -4.88
N GLN F 267 -6.74 65.99 -3.87
CA GLN F 267 -6.25 65.94 -2.50
C GLN F 267 -5.61 64.60 -2.22
N LEU F 268 -6.19 63.56 -2.79
CA LEU F 268 -5.72 62.22 -2.56
C LEU F 268 -4.35 62.20 -3.16
N GLU F 269 -4.30 62.73 -4.37
CA GLU F 269 -3.06 62.65 -5.09
C GLU F 269 -1.99 63.23 -4.19
N LYS F 270 -2.35 64.36 -3.62
CA LYS F 270 -1.47 65.09 -2.76
C LYS F 270 -1.13 64.36 -1.47
N LEU F 271 -2.05 63.55 -0.94
CA LEU F 271 -1.70 62.83 0.25
C LEU F 271 -0.68 61.76 -0.09
N ALA F 272 -0.70 61.32 -1.36
CA ALA F 272 0.08 60.15 -1.77
C ALA F 272 1.56 60.45 -1.96
N ALA F 273 1.82 61.63 -2.44
CA ALA F 273 3.19 61.95 -2.81
C ALA F 273 4.22 61.64 -1.71
N PRO F 274 4.03 62.18 -0.54
CA PRO F 274 4.99 61.99 0.57
C PRO F 274 5.22 60.57 1.02
N LEU F 275 4.24 59.72 0.73
CA LEU F 275 4.28 58.33 1.07
C LEU F 275 4.61 57.51 -0.18
N ALA F 276 4.91 58.16 -1.31
CA ALA F 276 5.10 57.45 -2.61
C ALA F 276 6.16 56.38 -2.74
N LYS F 277 7.14 56.44 -1.87
CA LYS F 277 8.24 55.54 -1.88
C LYS F 277 7.92 54.18 -1.34
N ASN F 278 6.83 54.09 -0.56
CA ASN F 278 6.42 52.83 0.09
C ASN F 278 5.01 52.38 -0.28
N GLY F 279 4.68 51.15 0.09
CA GLY F 279 3.50 50.49 -0.41
C GLY F 279 2.26 51.34 -0.21
N TYR F 280 2.25 52.01 0.91
CA TYR F 280 1.04 52.65 1.39
C TYR F 280 0.69 53.82 0.47
N GLY F 281 1.70 54.59 0.05
CA GLY F 281 1.53 55.66 -0.93
C GLY F 281 1.17 55.08 -2.28
N GLN F 282 1.85 54.01 -2.65
CA GLN F 282 1.59 53.37 -3.91
C GLN F 282 0.15 52.92 -4.00
N TYR F 283 -0.39 52.38 -2.89
CA TYR F 283 -1.80 51.94 -2.81
C TYR F 283 -2.70 53.17 -3.00
N LEU F 284 -2.36 54.27 -2.34
CA LEU F 284 -3.19 55.45 -2.47
C LEU F 284 -3.22 55.92 -3.91
N LYS F 285 -2.06 55.94 -4.60
CA LYS F 285 -2.10 56.29 -6.02
C LYS F 285 -2.97 55.36 -6.83
N ARG F 286 -2.81 54.07 -6.62
CA ARG F 286 -3.51 53.14 -7.45
C ARG F 286 -5.06 53.36 -7.38
N LEU F 287 -5.54 53.84 -6.24
CA LEU F 287 -6.97 54.10 -6.11
C LEU F 287 -7.46 55.21 -7.04
N LEU F 288 -6.57 56.02 -7.59
CA LEU F 288 -6.98 57.11 -8.47
C LEU F 288 -7.21 56.58 -9.85
N THR F 289 -6.76 55.37 -10.11
CA THR F 289 -6.97 54.82 -11.44
C THR F 289 -7.59 53.49 -11.53
N GLU F 290 -8.22 53.01 -10.47
CA GLU F 290 -8.90 51.76 -10.57
C GLU F 290 -10.30 52.00 -10.00
N THR F 291 -11.31 51.44 -10.62
CA THR F 291 -12.62 51.47 -10.02
C THR F 291 -12.72 50.27 -9.13
N VAL F 292 -13.04 50.47 -7.86
CA VAL F 292 -13.20 49.35 -6.93
C VAL F 292 -14.67 49.34 -6.54
N TYR F 293 -15.40 48.24 -6.81
CA TYR F 293 -16.81 48.20 -6.43
C TYR F 293 -16.96 47.98 -4.94
N LYS G 2 26.09 0.22 15.94
CA LYS G 2 25.00 0.15 14.90
C LYS G 2 23.63 0.45 15.52
N ARG G 3 22.98 1.57 15.17
CA ARG G 3 21.68 1.78 15.76
C ARG G 3 20.55 1.74 14.77
N LYS G 4 19.50 1.04 15.11
CA LYS G 4 18.33 1.01 14.28
C LYS G 4 17.34 2.02 14.87
N GLY G 5 16.47 2.61 14.03
CA GLY G 5 15.48 3.54 14.55
C GLY G 5 14.04 3.17 14.24
N ILE G 6 13.15 3.72 15.03
CA ILE G 6 11.76 3.44 14.90
C ILE G 6 10.98 4.71 14.97
N ILE G 7 9.96 4.88 14.13
CA ILE G 7 9.10 6.06 14.19
C ILE G 7 7.76 5.52 14.47
N LEU G 8 7.20 5.95 15.59
CA LEU G 8 5.92 5.51 16.04
C LEU G 8 4.92 6.47 15.40
N ALA G 9 4.26 6.08 14.32
CA ALA G 9 3.39 7.06 13.66
C ALA G 9 1.95 6.58 13.56
N GLY G 10 1.45 6.12 14.70
CA GLY G 10 0.09 5.67 14.76
C GLY G 10 -0.74 6.66 15.56
N GLY G 11 -1.57 6.06 16.41
CA GLY G 11 -2.43 6.76 17.32
C GLY G 11 -3.81 6.94 16.72
N SER G 12 -4.74 7.41 17.54
CA SER G 12 -6.10 7.67 17.11
C SER G 12 -6.27 9.08 16.49
N GLY G 13 -5.56 10.07 17.00
CA GLY G 13 -5.66 11.41 16.45
C GLY G 13 -6.76 12.36 17.02
N THR G 14 -7.63 11.82 17.88
CA THR G 14 -8.77 12.60 18.46
C THR G 14 -8.63 14.10 18.80
N ARG G 15 -7.62 14.50 19.50
CA ARG G 15 -7.64 15.91 19.80
C ARG G 15 -7.89 16.74 18.54
N LEU G 16 -7.58 16.15 17.40
CA LEU G 16 -7.64 16.82 16.13
C LEU G 16 -8.88 16.54 15.34
N HIS G 17 -9.73 15.65 15.79
CA HIS G 17 -10.95 15.41 15.05
C HIS G 17 -11.57 16.73 14.78
N PRO G 18 -12.25 16.87 13.66
CA PRO G 18 -12.37 15.84 12.62
C PRO G 18 -11.32 15.94 11.53
N ALA G 19 -10.34 16.80 11.68
CA ALA G 19 -9.31 16.84 10.71
C ALA G 19 -8.71 15.44 10.47
N THR G 20 -8.43 14.71 11.51
CA THR G 20 -7.77 13.43 11.36
C THR G 20 -8.67 12.27 11.17
N LEU G 21 -9.96 12.44 10.84
CA LEU G 21 -10.71 11.24 10.37
C LEU G 21 -10.44 11.09 8.88
N ALA G 22 -10.00 12.21 8.29
CA ALA G 22 -9.63 12.32 6.90
C ALA G 22 -8.26 11.65 6.64
N ILE G 23 -7.28 11.99 7.49
CA ILE G 23 -5.95 11.37 7.40
C ILE G 23 -5.18 11.31 8.73
N SER G 24 -4.41 10.26 8.91
CA SER G 24 -3.57 10.14 10.04
C SER G 24 -2.80 11.44 10.28
N LYS G 25 -2.64 11.76 11.55
CA LYS G 25 -1.99 12.99 11.87
C LYS G 25 -0.64 13.05 11.20
N GLN G 26 0.08 11.95 11.20
CA GLN G 26 1.40 11.93 10.61
C GLN G 26 1.49 12.13 9.09
N LEU G 27 0.39 12.19 8.39
CA LEU G 27 0.44 12.53 6.99
C LEU G 27 0.12 13.98 6.69
N LEU G 28 -0.47 14.73 7.63
CA LEU G 28 -0.78 16.15 7.41
C LEU G 28 0.51 16.93 7.27
N PRO G 29 0.42 18.05 6.60
CA PRO G 29 1.54 18.92 6.39
C PRO G 29 1.83 19.77 7.56
N VAL G 30 3.14 19.99 7.78
CA VAL G 30 3.57 21.10 8.63
C VAL G 30 4.16 22.11 7.66
N TYR G 31 3.39 23.12 7.34
CA TYR G 31 3.74 24.10 6.33
C TYR G 31 3.83 23.49 4.94
N ASP G 32 4.97 22.90 4.60
CA ASP G 32 5.14 22.50 3.24
C ASP G 32 5.42 21.04 2.96
N LYS G 33 5.50 20.19 3.99
CA LYS G 33 5.86 18.80 3.78
C LYS G 33 5.20 17.91 4.86
N PRO G 34 4.98 16.64 4.57
CA PRO G 34 4.25 15.78 5.48
C PRO G 34 4.93 15.70 6.79
N MET G 35 4.13 15.69 7.81
CA MET G 35 4.67 15.76 9.17
C MET G 35 5.78 14.71 9.40
N ILE G 36 5.66 13.55 8.78
CA ILE G 36 6.55 12.52 9.14
C ILE G 36 7.93 12.77 8.64
N TYR G 37 8.07 13.73 7.74
CA TYR G 37 9.38 14.06 7.28
C TYR G 37 10.24 14.58 8.43
N TYR G 38 9.60 15.27 9.35
CA TYR G 38 10.42 15.89 10.43
C TYR G 38 11.20 14.82 11.25
N PRO G 39 10.49 13.94 11.89
CA PRO G 39 11.13 12.89 12.70
C PRO G 39 11.99 12.01 11.88
N LEU G 40 11.53 11.70 10.69
CA LEU G 40 12.39 10.98 9.79
C LEU G 40 13.74 11.72 9.71
N SER G 41 13.72 12.99 9.39
CA SER G 41 15.00 13.71 9.29
C SER G 41 15.73 13.73 10.63
N THR G 42 15.00 13.70 11.73
CA THR G 42 15.74 13.62 12.99
C THR G 42 16.54 12.32 13.08
N LEU G 43 15.95 11.16 12.91
CA LEU G 43 16.80 9.95 12.92
C LEU G 43 17.95 10.10 11.90
N MET G 44 17.64 10.64 10.76
CA MET G 44 18.64 10.66 9.71
C MET G 44 19.80 11.46 10.23
N LEU G 45 19.53 12.61 10.83
CA LEU G 45 20.65 13.39 11.34
C LEU G 45 21.34 12.70 12.53
N ALA G 46 20.73 11.73 13.20
CA ALA G 46 21.48 11.02 14.21
C ALA G 46 22.29 9.88 13.60
N GLY G 47 22.36 9.91 12.26
CA GLY G 47 23.12 8.94 11.49
C GLY G 47 22.46 7.58 11.32
N ILE G 48 21.16 7.48 11.56
CA ILE G 48 20.50 6.19 11.41
C ILE G 48 19.91 6.04 10.04
N ARG G 49 20.18 4.90 9.40
CA ARG G 49 19.75 4.68 8.02
C ARG G 49 18.72 3.58 7.86
N GLU G 50 18.54 2.80 8.88
CA GLU G 50 17.69 1.67 8.80
C GLU G 50 16.59 1.85 9.80
N ILE G 51 15.36 1.99 9.30
CA ILE G 51 14.25 2.49 10.12
C ILE G 51 12.90 1.81 9.95
N LEU G 52 12.20 1.66 11.06
CA LEU G 52 10.95 0.98 11.07
C LEU G 52 9.83 1.99 11.32
N ILE G 53 8.79 1.99 10.48
CA ILE G 53 7.75 2.93 10.67
C ILE G 53 6.56 2.20 11.12
N ILE G 54 6.00 2.58 12.26
CA ILE G 54 4.82 1.92 12.76
C ILE G 54 3.61 2.78 12.63
N SER G 55 2.52 2.19 12.18
CA SER G 55 1.30 2.96 12.19
C SER G 55 0.08 2.12 12.29
N THR G 56 -1.10 2.72 12.26
CA THR G 56 -2.36 1.98 12.26
C THR G 56 -2.43 1.08 11.03
N PRO G 57 -3.26 0.07 11.07
CA PRO G 57 -3.40 -0.82 9.93
C PRO G 57 -3.85 -0.04 8.73
N GLN G 58 -4.82 0.83 8.88
CA GLN G 58 -5.29 1.51 7.70
C GLN G 58 -4.29 2.54 7.18
N ASP G 59 -3.43 3.18 8.01
CA ASP G 59 -2.51 4.17 7.47
C ASP G 59 -1.13 3.63 6.95
N THR G 60 -0.73 2.44 7.38
CA THR G 60 0.56 1.86 6.97
C THR G 60 0.76 1.88 5.48
N PRO G 61 -0.22 1.45 4.74
CA PRO G 61 -0.07 1.46 3.29
C PRO G 61 0.17 2.84 2.80
N ARG G 62 -0.35 3.86 3.46
CA ARG G 62 -0.20 5.23 2.93
C ARG G 62 1.20 5.74 3.17
N PHE G 63 1.73 5.37 4.33
CA PHE G 63 3.10 5.74 4.56
C PHE G 63 4.00 5.06 3.51
N GLN G 64 3.70 3.81 3.22
CA GLN G 64 4.49 3.04 2.27
C GLN G 64 4.47 3.76 0.93
N GLN G 65 3.27 4.21 0.59
CA GLN G 65 3.07 4.82 -0.70
C GLN G 65 3.83 6.15 -0.79
N LEU G 66 3.99 6.80 0.36
CA LEU G 66 4.65 8.07 0.42
C LEU G 66 6.18 7.85 0.51
N LEU G 67 6.65 6.92 1.33
CA LEU G 67 8.08 6.80 1.52
C LEU G 67 8.80 5.68 0.78
N GLY G 68 8.08 4.67 0.36
CA GLY G 68 8.70 3.60 -0.33
C GLY G 68 9.69 2.89 0.58
N ASP G 69 10.68 2.27 -0.03
CA ASP G 69 11.55 1.46 0.76
C ASP G 69 12.74 2.27 1.21
N GLY G 70 12.75 3.55 0.87
CA GLY G 70 13.80 4.39 1.35
C GLY G 70 15.06 4.38 0.52
N SER G 71 15.18 3.41 -0.38
CA SER G 71 16.40 3.32 -1.20
C SER G 71 16.67 4.66 -1.95
N ASN G 72 15.62 5.35 -2.40
CA ASN G 72 15.84 6.57 -3.20
C ASN G 72 16.57 7.61 -2.33
N TRP G 73 16.48 7.47 -1.02
CA TRP G 73 17.13 8.45 -0.14
C TRP G 73 18.30 7.85 0.56
N GLY G 74 18.79 6.71 0.10
CA GLY G 74 19.85 6.00 0.79
C GLY G 74 19.36 5.29 2.06
N LEU G 75 18.07 5.25 2.31
CA LEU G 75 17.62 4.65 3.53
C LEU G 75 17.14 3.24 3.32
N ASP G 76 16.87 2.52 4.38
CA ASP G 76 16.29 1.21 4.30
C ASP G 76 15.07 1.24 5.18
N LEU G 77 13.89 1.52 4.63
CA LEU G 77 12.70 1.64 5.44
C LEU G 77 11.89 0.41 5.44
N GLN G 78 11.30 0.12 6.57
CA GLN G 78 10.42 -0.98 6.72
C GLN G 78 9.19 -0.60 7.55
N TYR G 79 8.16 -1.42 7.48
CA TYR G 79 6.90 -1.07 8.04
C TYR G 79 6.27 -2.12 8.89
N ALA G 80 5.57 -1.68 9.95
CA ALA G 80 4.80 -2.60 10.73
C ALA G 80 3.56 -1.89 11.23
N VAL G 81 2.55 -2.69 11.52
CA VAL G 81 1.32 -2.19 12.06
C VAL G 81 1.17 -2.26 13.60
N GLN G 82 0.51 -1.27 14.18
CA GLN G 82 0.13 -1.38 15.60
C GLN G 82 -1.36 -1.49 15.62
N PRO G 83 -1.89 -2.65 15.87
CA PRO G 83 -3.35 -2.89 15.83
C PRO G 83 -4.22 -1.94 16.62
N SER G 84 -3.66 -1.38 17.68
CA SER G 84 -4.37 -0.53 18.60
C SER G 84 -3.38 0.36 19.37
N PRO G 85 -3.73 1.60 19.64
CA PRO G 85 -2.77 2.53 20.27
C PRO G 85 -2.62 2.24 21.76
N ASP G 86 -1.93 1.18 22.09
CA ASP G 86 -1.93 0.73 23.43
C ASP G 86 -0.71 1.17 24.17
N GLY G 87 0.09 2.11 23.64
CA GLY G 87 1.20 2.68 24.39
C GLY G 87 2.49 2.80 23.62
N LEU G 88 3.30 3.81 23.95
CA LEU G 88 4.52 4.01 23.17
C LEU G 88 5.48 2.82 23.35
N ALA G 89 5.40 2.13 24.49
CA ALA G 89 6.31 1.02 24.69
C ALA G 89 6.05 -0.10 23.72
N GLN G 90 4.83 -0.18 23.18
CA GLN G 90 4.54 -1.32 22.28
C GLN G 90 5.46 -1.24 21.12
N ALA G 91 5.99 -0.06 20.86
CA ALA G 91 6.93 0.00 19.76
C ALA G 91 7.97 -1.11 19.89
N PHE G 92 8.44 -1.38 21.09
CA PHE G 92 9.55 -2.33 21.18
C PHE G 92 9.07 -3.76 21.05
N LEU G 93 7.80 -4.00 21.31
CA LEU G 93 7.26 -5.34 21.11
C LEU G 93 7.03 -5.51 19.65
N ILE G 94 6.28 -4.61 19.06
CA ILE G 94 6.10 -4.70 17.60
C ILE G 94 7.45 -4.72 16.84
N GLY G 95 8.43 -3.95 17.35
CA GLY G 95 9.73 -3.84 16.70
C GLY G 95 10.80 -4.79 17.16
N GLU G 96 10.40 -5.76 17.94
CA GLU G 96 11.35 -6.71 18.44
C GLU G 96 12.26 -7.34 17.39
N SER G 97 11.68 -8.03 16.45
CA SER G 97 12.55 -8.69 15.47
C SER G 97 13.26 -7.70 14.58
N PHE G 98 12.69 -6.51 14.38
CA PHE G 98 13.39 -5.51 13.56
C PHE G 98 14.68 -5.10 14.27
N ILE G 99 14.60 -4.98 15.58
CA ILE G 99 15.76 -4.54 16.36
C ILE G 99 16.85 -5.61 16.49
N GLY G 100 16.46 -6.86 16.73
CA GLY G 100 17.44 -7.89 16.88
C GLY G 100 18.30 -7.59 18.11
N ASN G 101 19.60 -7.71 17.92
CA ASN G 101 20.51 -7.39 18.94
C ASN G 101 21.18 -6.06 18.77
N ASP G 102 20.57 -5.09 18.08
CA ASP G 102 21.20 -3.78 17.92
C ASP G 102 20.79 -2.69 18.90
N LEU G 103 21.51 -1.59 18.89
CA LEU G 103 21.13 -0.41 19.62
C LEU G 103 19.88 0.08 18.89
N SER G 104 19.06 0.89 19.57
CA SER G 104 17.88 1.46 18.88
C SER G 104 17.53 2.84 19.29
N ALA G 105 16.61 3.44 18.58
CA ALA G 105 16.17 4.77 18.86
C ALA G 105 14.69 4.92 18.46
N LEU G 106 13.93 5.63 19.27
CA LEU G 106 12.51 5.75 19.05
C LEU G 106 12.15 7.20 18.93
N VAL G 107 11.44 7.59 17.87
CA VAL G 107 11.00 8.97 17.80
C VAL G 107 9.52 9.04 17.49
N LEU G 108 8.80 9.94 18.14
CA LEU G 108 7.37 10.02 17.89
C LEU G 108 7.11 10.75 16.61
N GLY G 109 6.20 10.20 15.85
CA GLY G 109 5.89 10.73 14.56
C GLY G 109 5.40 12.15 14.53
N ASP G 110 4.89 12.75 15.67
CA ASP G 110 4.37 14.10 15.60
C ASP G 110 5.23 15.04 16.30
N ASN G 111 6.50 14.70 16.44
CA ASN G 111 7.47 15.51 17.16
C ASN G 111 8.44 16.16 16.20
N LEU G 112 8.74 17.40 16.46
CA LEU G 112 9.44 18.22 15.56
C LEU G 112 10.50 18.98 16.31
N TYR G 113 11.78 18.78 15.93
CA TYR G 113 12.92 19.35 16.60
C TYR G 113 13.67 20.28 15.69
N TYR G 114 14.22 21.36 16.25
CA TYR G 114 14.99 22.25 15.46
C TYR G 114 15.96 23.08 16.20
N GLY G 115 17.15 23.19 15.65
CA GLY G 115 18.12 24.01 16.30
C GLY G 115 19.62 23.79 16.02
N HIS G 116 20.35 24.85 16.31
CA HIS G 116 21.76 24.92 16.10
C HIS G 116 22.45 23.88 16.91
N ASP G 117 23.35 23.16 16.28
CA ASP G 117 24.04 21.99 16.80
C ASP G 117 23.14 20.87 17.20
N PHE G 118 22.00 20.74 16.57
CA PHE G 118 21.10 19.72 17.01
C PHE G 118 21.90 18.48 16.76
N HIS G 119 22.39 18.37 15.53
CA HIS G 119 23.00 17.05 15.21
C HIS G 119 24.22 16.68 16.06
N GLU G 120 24.80 17.60 16.82
CA GLU G 120 25.90 17.22 17.67
C GLU G 120 25.23 16.61 18.91
N LEU G 121 24.13 17.21 19.35
CA LEU G 121 23.40 16.65 20.51
C LEU G 121 22.88 15.24 20.26
N LEU G 122 22.47 14.97 19.04
CA LEU G 122 22.02 13.66 18.67
C LEU G 122 23.25 12.80 18.74
N GLY G 123 24.30 13.24 18.04
CA GLY G 123 25.55 12.46 17.94
C GLY G 123 26.03 11.95 19.30
N SER G 124 25.97 12.80 20.27
CA SER G 124 26.49 12.37 21.51
C SER G 124 25.63 11.29 22.11
N ALA G 125 24.34 11.28 21.84
CA ALA G 125 23.61 10.15 22.44
C ALA G 125 23.72 8.93 21.56
N SER G 126 23.80 9.08 20.24
CA SER G 126 23.81 7.87 19.45
C SER G 126 25.06 7.05 19.82
N GLN G 127 26.01 7.72 20.43
CA GLN G 127 27.30 7.08 20.62
C GLN G 127 27.50 6.46 21.96
N ARG G 128 26.63 6.72 22.90
CA ARG G 128 26.74 5.85 24.05
C ARG G 128 26.31 4.47 23.66
N GLN G 129 27.09 3.47 23.97
CA GLN G 129 26.69 2.12 23.62
C GLN G 129 26.02 1.34 24.72
N THR G 130 25.71 2.03 25.79
CA THR G 130 25.12 1.41 26.95
C THR G 130 24.10 2.28 27.65
N GLY G 131 23.17 1.69 28.31
CA GLY G 131 22.12 2.45 28.96
C GLY G 131 21.14 3.07 27.98
N ALA G 132 20.47 4.13 28.42
CA ALA G 132 19.50 4.84 27.59
C ALA G 132 19.70 6.32 27.75
N SER G 133 19.27 7.05 26.72
CA SER G 133 19.39 8.52 26.79
C SER G 133 18.10 9.15 26.44
N VAL G 134 17.71 10.21 27.12
CA VAL G 134 16.53 10.99 26.76
C VAL G 134 16.81 12.46 26.93
N PHE G 135 15.86 13.33 26.60
CA PHE G 135 16.11 14.75 26.69
C PHE G 135 15.03 15.52 27.39
N ALA G 136 15.43 16.49 28.20
CA ALA G 136 14.50 17.25 29.01
C ALA G 136 14.39 18.60 28.43
N TYR G 137 13.17 19.11 28.29
CA TYR G 137 12.92 20.47 27.75
C TYR G 137 11.93 21.23 28.56
N HIS G 138 12.26 22.44 28.93
CA HIS G 138 11.37 23.27 29.73
C HIS G 138 10.13 23.59 28.91
N VAL G 139 8.97 23.33 29.46
CA VAL G 139 7.71 23.71 28.78
C VAL G 139 6.69 24.33 29.71
N LEU G 140 5.67 24.89 29.13
CA LEU G 140 4.60 25.59 29.83
C LEU G 140 3.67 24.63 30.53
N ASP G 141 3.32 23.53 29.88
CA ASP G 141 2.37 22.55 30.44
C ASP G 141 3.04 21.14 30.71
N PRO G 142 3.93 21.00 31.67
CA PRO G 142 4.57 19.71 31.92
C PRO G 142 3.57 18.59 32.16
N GLU G 143 2.41 18.92 32.73
CA GLU G 143 1.42 17.93 33.00
C GLU G 143 0.99 17.14 31.77
N ARG G 144 1.28 17.64 30.58
CA ARG G 144 0.82 16.91 29.44
C ARG G 144 1.80 15.82 29.05
N TYR G 145 2.95 15.73 29.70
CA TYR G 145 4.01 14.75 29.33
C TYR G 145 4.59 13.94 30.46
N GLY G 146 5.61 13.18 30.13
CA GLY G 146 6.41 12.54 31.16
C GLY G 146 7.26 13.67 31.71
N VAL G 147 7.27 13.85 33.00
CA VAL G 147 8.02 14.93 33.60
C VAL G 147 9.18 14.32 34.36
N VAL G 148 10.32 14.98 34.33
CA VAL G 148 11.53 14.54 35.03
C VAL G 148 11.93 15.58 36.04
N GLU G 149 12.18 15.17 37.29
CA GLU G 149 12.54 16.00 38.46
C GLU G 149 14.08 16.01 38.66
N PHE G 150 14.64 17.15 39.01
CA PHE G 150 16.09 17.15 39.21
C PHE G 150 16.34 17.50 40.62
N ASP G 151 17.43 16.96 41.18
CA ASP G 151 17.84 17.42 42.53
C ASP G 151 18.68 18.73 42.35
N GLN G 152 18.97 19.38 43.44
CA GLN G 152 19.67 20.64 43.34
C GLN G 152 21.01 20.47 42.67
N GLY G 153 21.52 19.25 42.63
CA GLY G 153 22.76 19.07 41.93
C GLY G 153 22.52 18.97 40.45
N GLY G 154 21.29 18.99 40.01
CA GLY G 154 21.05 18.83 38.57
C GLY G 154 20.93 17.39 38.07
N LYS G 155 20.93 16.41 38.98
CA LYS G 155 20.74 15.03 38.62
C LYS G 155 19.30 14.62 38.57
N ALA G 156 18.92 13.89 37.54
CA ALA G 156 17.57 13.35 37.47
C ALA G 156 17.31 12.38 38.63
N ILE G 157 16.17 12.52 39.31
CA ILE G 157 15.81 11.64 40.38
C ILE G 157 14.43 10.99 40.35
N SER G 158 13.53 11.48 39.49
CA SER G 158 12.22 10.82 39.33
C SER G 158 11.60 11.10 37.98
N LEU G 159 10.70 10.20 37.58
CA LEU G 159 9.93 10.33 36.35
C LEU G 159 8.48 10.04 36.61
N GLU G 160 7.57 10.86 36.08
CA GLU G 160 6.13 10.63 36.19
C GLU G 160 5.40 10.96 34.90
N GLU G 161 4.42 10.16 34.56
CA GLU G 161 3.73 10.34 33.32
C GLU G 161 2.45 11.10 33.55
N LYS G 162 2.30 12.25 32.94
CA LYS G 162 1.08 13.05 33.11
C LYS G 162 0.63 13.18 34.58
N PRO G 163 1.51 13.68 35.43
CA PRO G 163 1.20 14.02 36.80
C PRO G 163 0.30 15.23 36.98
N LEU G 164 -0.67 15.10 37.85
CA LEU G 164 -1.57 16.19 38.15
C LEU G 164 -0.81 17.33 38.80
N GLU G 165 0.27 16.97 39.50
CA GLU G 165 1.09 17.97 40.19
C GLU G 165 2.55 17.80 39.81
N PRO G 166 2.87 18.23 38.60
CA PRO G 166 4.20 18.05 38.07
C PRO G 166 5.26 18.53 39.05
N LYS G 167 6.34 17.78 39.17
CA LYS G 167 7.43 18.15 40.08
C LYS G 167 8.46 19.14 39.49
N SER G 168 8.31 19.48 38.22
CA SER G 168 9.14 20.49 37.58
C SER G 168 8.52 20.81 36.33
N ASN G 169 9.16 21.70 35.62
CA ASN G 169 8.69 22.07 34.32
C ASN G 169 9.44 21.39 33.16
N TYR G 170 10.24 20.34 33.44
CA TYR G 170 10.98 19.64 32.41
C TYR G 170 10.24 18.39 31.88
N ALA G 171 9.81 18.43 30.63
CA ALA G 171 9.21 17.24 30.03
C ALA G 171 10.27 16.45 29.34
N VAL G 172 10.09 15.15 29.28
CA VAL G 172 11.01 14.27 28.56
C VAL G 172 10.51 14.31 27.17
N THR G 173 11.31 14.67 26.18
CA THR G 173 10.71 14.76 24.83
C THR G 173 10.50 13.40 24.16
N GLY G 174 9.95 13.40 22.97
CA GLY G 174 9.72 12.16 22.27
C GLY G 174 10.84 11.62 21.45
N LEU G 175 12.02 11.55 22.02
CA LEU G 175 13.16 11.04 21.28
C LEU G 175 13.90 10.21 22.27
N TYR G 176 14.09 8.93 21.99
CA TYR G 176 14.65 8.05 23.02
C TYR G 176 15.70 7.14 22.45
N PHE G 177 16.87 7.03 23.10
CA PHE G 177 17.97 6.14 22.60
C PHE G 177 18.16 4.90 23.50
N TYR G 178 18.20 3.70 22.99
CA TYR G 178 18.23 2.54 23.90
C TYR G 178 19.34 1.54 23.59
N ASP G 179 19.76 0.81 24.59
CA ASP G 179 20.75 -0.24 24.36
C ASP G 179 19.97 -1.55 24.26
N GLN G 180 20.60 -2.68 24.42
CA GLN G 180 19.88 -3.93 24.14
C GLN G 180 18.96 -4.49 25.27
N GLN G 181 18.85 -3.74 26.37
CA GLN G 181 17.96 -4.12 27.43
C GLN G 181 16.50 -3.76 27.10
N VAL G 182 16.23 -2.85 26.15
CA VAL G 182 14.89 -2.24 26.05
C VAL G 182 13.85 -3.20 25.67
N VAL G 183 14.13 -4.16 24.81
CA VAL G 183 13.10 -5.09 24.45
C VAL G 183 12.69 -5.86 25.64
N ASP G 184 13.62 -6.37 26.44
CA ASP G 184 13.19 -7.19 27.59
C ASP G 184 12.50 -6.29 28.62
N ILE G 185 12.94 -5.05 28.74
CA ILE G 185 12.30 -4.21 29.72
C ILE G 185 10.84 -4.07 29.29
N ALA G 186 10.61 -3.86 28.00
CA ALA G 186 9.22 -3.70 27.52
C ALA G 186 8.37 -4.95 27.62
N ARG G 187 8.97 -6.14 27.43
CA ARG G 187 8.21 -7.37 27.54
C ARG G 187 7.60 -7.51 28.95
N ASP G 188 8.27 -7.01 29.98
CA ASP G 188 7.79 -7.26 31.32
C ASP G 188 6.84 -6.16 31.81
N LEU G 189 6.56 -5.15 30.99
CA LEU G 189 5.66 -4.10 31.46
C LEU G 189 4.25 -4.58 31.55
N LYS G 190 3.49 -3.89 32.37
CA LYS G 190 2.10 -4.16 32.53
C LYS G 190 1.43 -2.83 32.32
N PRO G 191 0.23 -2.85 31.78
CA PRO G 191 -0.48 -1.60 31.51
C PRO G 191 -0.55 -0.78 32.73
N SER G 192 -0.49 0.50 32.51
CA SER G 192 -0.63 1.41 33.58
C SER G 192 -2.13 1.59 33.87
N PRO G 193 -2.43 2.35 34.92
CA PRO G 193 -3.81 2.76 35.23
C PRO G 193 -4.49 3.33 33.99
N ARG G 194 -3.84 4.25 33.32
CA ARG G 194 -4.39 4.70 32.04
C ARG G 194 -4.61 3.57 31.10
N GLY G 195 -4.07 2.40 31.36
CA GLY G 195 -4.12 1.38 30.32
C GLY G 195 -3.13 1.44 29.17
N GLU G 196 -1.93 1.94 29.37
CA GLU G 196 -0.95 1.94 28.29
C GLU G 196 0.34 1.27 28.72
N LEU G 197 1.11 0.78 27.77
CA LEU G 197 2.43 0.30 28.07
C LEU G 197 3.26 1.57 27.84
N GLU G 198 3.68 2.15 28.94
CA GLU G 198 4.24 3.45 29.01
C GLU G 198 5.70 3.49 28.81
N ILE G 199 6.16 4.31 27.88
CA ILE G 199 7.58 4.51 27.70
C ILE G 199 8.17 5.06 28.98
N THR G 200 7.37 5.77 29.78
CA THR G 200 7.90 6.33 30.98
C THR G 200 8.36 5.22 31.93
N ASP G 201 7.66 4.08 31.98
CA ASP G 201 8.07 2.96 32.82
C ASP G 201 9.38 2.34 32.27
N VAL G 202 9.53 2.46 30.96
CA VAL G 202 10.72 1.92 30.40
C VAL G 202 11.85 2.76 30.88
N ASN G 203 11.72 4.06 30.74
CA ASN G 203 12.75 4.94 31.19
C ASN G 203 12.97 4.88 32.68
N ARG G 204 11.93 4.59 33.43
CA ARG G 204 12.13 4.50 34.86
C ARG G 204 12.95 3.27 35.16
N ALA G 205 12.83 2.25 34.35
CA ALA G 205 13.54 1.06 34.66
C ALA G 205 15.00 1.35 34.52
N TYR G 206 15.37 2.11 33.53
CA TYR G 206 16.79 2.35 33.38
C TYR G 206 17.30 3.22 34.52
N LEU G 207 16.43 4.14 34.96
CA LEU G 207 16.80 5.11 35.98
C LEU G 207 17.06 4.37 37.26
N GLU G 208 16.20 3.40 37.55
CA GLU G 208 16.31 2.66 38.79
C GLU G 208 17.56 1.80 38.83
N ARG G 209 18.20 1.68 37.69
CA ARG G 209 19.45 0.93 37.64
C ARG G 209 20.60 1.87 37.50
N GLY G 210 20.33 3.16 37.50
CA GLY G 210 21.39 4.13 37.37
C GLY G 210 21.93 4.21 35.95
N GLN G 211 21.13 3.80 34.97
CA GLN G 211 21.63 3.84 33.65
C GLN G 211 20.89 4.72 32.66
N LEU G 212 20.09 5.65 33.16
CA LEU G 212 19.36 6.55 32.34
C LEU G 212 20.12 7.87 32.32
N SER G 213 20.37 8.35 31.14
CA SER G 213 21.03 9.62 31.00
C SER G 213 20.00 10.64 30.51
N VAL G 214 19.91 11.73 31.25
CA VAL G 214 19.02 12.78 30.93
C VAL G 214 19.79 14.02 30.56
N GLU G 215 19.81 14.39 29.28
CA GLU G 215 20.50 15.61 28.91
C GLU G 215 19.49 16.72 28.73
N ILE G 216 19.87 17.92 29.12
CA ILE G 216 19.01 19.07 28.87
C ILE G 216 19.02 19.54 27.42
N MET G 217 17.86 19.80 26.85
CA MET G 217 17.75 20.38 25.52
C MET G 217 17.36 21.76 25.89
N GLY G 218 18.27 22.69 25.74
CA GLY G 218 18.10 24.10 26.14
C GLY G 218 17.03 24.91 25.38
N ARG G 219 16.67 26.02 26.01
CA ARG G 219 15.65 26.94 25.58
C ARG G 219 15.96 27.42 24.19
N GLY G 220 17.19 27.17 23.77
CA GLY G 220 17.63 27.55 22.46
C GLY G 220 17.13 26.70 21.33
N TYR G 221 16.82 25.45 21.58
CA TYR G 221 16.32 24.64 20.57
C TYR G 221 14.80 24.81 20.57
N ALA G 222 14.17 24.42 19.47
CA ALA G 222 12.71 24.38 19.42
C ALA G 222 12.24 22.96 19.47
N TRP G 223 11.39 22.59 20.43
CA TRP G 223 10.74 21.29 20.43
C TRP G 223 9.25 21.54 20.43
N LEU G 224 8.60 21.39 19.27
CA LEU G 224 7.15 21.57 19.12
C LEU G 224 6.43 20.27 18.94
N ASP G 225 5.14 20.29 19.23
CA ASP G 225 4.39 19.03 18.96
C ASP G 225 3.07 19.38 18.27
N THR G 226 2.68 18.50 17.37
CA THR G 226 1.58 18.82 16.59
C THR G 226 0.33 18.23 17.20
N GLY G 227 0.27 18.19 18.50
CA GLY G 227 -0.85 17.54 19.16
C GLY G 227 -2.23 18.19 19.05
N THR G 228 -2.29 19.52 18.94
CA THR G 228 -3.56 20.22 18.88
C THR G 228 -3.69 21.13 17.70
N HIS G 229 -4.92 21.46 17.35
CA HIS G 229 -5.10 22.31 16.20
C HIS G 229 -4.20 23.54 16.33
N ASP G 230 -4.17 24.20 17.48
CA ASP G 230 -3.33 25.38 17.63
C ASP G 230 -1.86 25.07 17.55
N SER G 231 -1.38 24.11 18.29
CA SER G 231 0.05 23.88 18.13
C SER G 231 0.42 23.49 16.69
N LEU G 232 -0.45 22.81 15.95
CA LEU G 232 -0.12 22.37 14.57
C LEU G 232 0.03 23.59 13.67
N LEU G 233 -0.81 24.55 13.93
CA LEU G 233 -0.75 25.78 13.21
C LEU G 233 0.50 26.57 13.53
N GLU G 234 0.85 26.66 14.79
CA GLU G 234 2.05 27.37 15.17
C GLU G 234 3.29 26.72 14.58
N ALA G 235 3.37 25.39 14.57
CA ALA G 235 4.60 24.79 14.06
C ALA G 235 4.66 25.13 12.59
N GLY G 236 3.50 25.16 11.93
CA GLY G 236 3.49 25.50 10.52
C GLY G 236 4.04 26.87 10.24
N GLN G 237 3.63 27.84 11.05
CA GLN G 237 4.10 29.24 10.80
C GLN G 237 5.57 29.32 11.22
N PHE G 238 5.97 28.52 12.19
CA PHE G 238 7.35 28.56 12.67
C PHE G 238 8.24 28.08 11.53
N ILE G 239 7.94 26.95 10.94
CA ILE G 239 8.72 26.53 9.83
C ILE G 239 8.64 27.57 8.71
N ALA G 240 7.47 28.07 8.37
CA ALA G 240 7.46 28.91 7.20
C ALA G 240 8.34 30.08 7.39
N THR G 241 8.41 30.63 8.61
CA THR G 241 9.24 31.79 8.87
C THR G 241 10.70 31.47 8.68
N LEU G 242 11.11 30.35 9.17
CA LEU G 242 12.48 29.97 8.99
C LEU G 242 12.78 29.83 7.52
N GLU G 243 11.91 29.13 6.80
CA GLU G 243 12.22 28.79 5.41
C GLU G 243 12.25 30.06 4.59
N ASN G 244 11.29 30.97 4.77
CA ASN G 244 11.27 32.12 3.87
C ASN G 244 12.34 33.15 4.22
N ARG G 245 12.94 33.05 5.39
CA ARG G 245 14.00 33.97 5.71
C ARG G 245 15.29 33.46 5.13
N GLN G 246 15.52 32.15 5.30
CA GLN G 246 16.83 31.59 4.96
C GLN G 246 16.97 31.18 3.51
N GLY G 247 15.88 30.80 2.89
CA GLY G 247 15.93 30.23 1.57
C GLY G 247 16.51 28.82 1.70
N LEU G 248 16.42 28.25 2.91
CA LEU G 248 16.78 26.88 3.10
C LEU G 248 15.57 26.15 3.63
N LYS G 249 15.51 24.84 3.47
CA LYS G 249 14.32 24.15 3.88
C LYS G 249 14.60 23.31 5.03
N VAL G 250 13.63 23.10 5.93
CA VAL G 250 13.86 22.29 7.15
C VAL G 250 13.41 20.85 6.92
N ALA G 251 14.19 19.90 7.43
CA ALA G 251 13.79 18.50 7.34
C ALA G 251 13.36 18.04 5.89
N CYS G 252 14.20 18.20 4.93
CA CYS G 252 13.91 17.82 3.56
C CYS G 252 14.90 16.68 3.39
N PRO G 253 14.37 15.47 3.42
CA PRO G 253 15.19 14.26 3.47
C PRO G 253 16.20 14.11 2.34
N GLU G 254 15.82 14.56 1.15
CA GLU G 254 16.73 14.46 0.05
C GLU G 254 18.01 15.23 0.36
N GLU G 255 17.82 16.39 0.92
CA GLU G 255 18.94 17.27 1.19
C GLU G 255 19.81 16.59 2.21
N ILE G 256 19.19 16.00 3.22
CA ILE G 256 19.99 15.48 4.31
C ILE G 256 20.78 14.32 3.79
N ALA G 257 20.07 13.47 3.04
CA ALA G 257 20.77 12.32 2.47
C ALA G 257 22.01 12.81 1.72
N TYR G 258 21.82 13.82 0.90
CA TYR G 258 22.89 14.26 0.03
C TYR G 258 24.00 14.87 0.89
N ARG G 259 23.65 15.55 1.94
CA ARG G 259 24.73 16.15 2.74
C ARG G 259 25.49 15.10 3.51
N GLN G 260 24.82 14.03 3.94
CA GLN G 260 25.47 12.90 4.62
C GLN G 260 26.19 11.97 3.61
N LYS G 261 25.98 12.19 2.32
CA LYS G 261 26.64 11.33 1.34
C LYS G 261 26.01 9.95 1.27
N TRP G 262 24.74 9.87 1.62
CA TRP G 262 24.01 8.62 1.41
C TRP G 262 23.57 8.52 -0.04
N ILE G 263 23.47 9.64 -0.75
CA ILE G 263 23.18 9.59 -2.15
C ILE G 263 24.14 10.57 -2.78
N ASP G 264 24.35 10.55 -4.09
CA ASP G 264 25.26 11.47 -4.69
C ASP G 264 24.54 12.45 -5.59
N ALA G 265 25.28 13.35 -6.19
CA ALA G 265 24.69 14.40 -7.04
C ALA G 265 23.79 13.83 -8.12
N ALA G 266 24.23 12.78 -8.79
CA ALA G 266 23.38 12.24 -9.84
C ALA G 266 22.02 11.83 -9.24
N GLN G 267 22.03 11.17 -8.09
CA GLN G 267 20.78 10.71 -7.47
C GLN G 267 19.88 11.88 -7.14
N LEU G 268 20.47 12.92 -6.61
CA LEU G 268 19.69 14.04 -6.18
C LEU G 268 19.11 14.69 -7.42
N GLU G 269 19.90 14.74 -8.47
CA GLU G 269 19.37 15.38 -9.67
C GLU G 269 18.12 14.64 -10.05
N LYS G 270 18.27 13.33 -10.08
CA LYS G 270 17.21 12.49 -10.48
C LYS G 270 16.06 12.55 -9.49
N LEU G 271 16.27 12.86 -8.23
CA LEU G 271 15.09 13.04 -7.33
C LEU G 271 14.32 14.31 -7.67
N ALA G 272 15.05 15.27 -8.21
CA ALA G 272 14.51 16.59 -8.46
C ALA G 272 13.57 16.66 -9.65
N ALA G 273 13.98 16.04 -10.74
CA ALA G 273 13.20 16.12 -11.98
C ALA G 273 11.66 16.08 -11.79
N PRO G 274 11.12 15.02 -11.21
CA PRO G 274 9.67 14.84 -11.10
C PRO G 274 9.03 15.90 -10.24
N LEU G 275 9.88 16.57 -9.46
CA LEU G 275 9.39 17.61 -8.59
C LEU G 275 9.80 18.99 -9.16
N ALA G 276 10.35 19.05 -10.38
CA ALA G 276 10.90 20.33 -10.90
C ALA G 276 9.96 21.45 -11.21
N LYS G 277 8.67 21.16 -11.38
CA LYS G 277 7.71 22.18 -11.74
C LYS G 277 7.40 23.02 -10.54
N ASN G 278 7.58 22.47 -9.34
CA ASN G 278 7.30 23.23 -8.12
C ASN G 278 8.52 23.58 -7.34
N GLY G 279 8.34 24.42 -6.32
CA GLY G 279 9.44 24.99 -5.55
C GLY G 279 10.36 23.97 -4.92
N TYR G 280 9.79 22.82 -4.57
CA TYR G 280 10.55 21.85 -3.79
C TYR G 280 11.59 21.29 -4.67
N GLY G 281 11.17 20.95 -5.86
CA GLY G 281 12.12 20.46 -6.83
C GLY G 281 13.17 21.49 -7.09
N GLN G 282 12.73 22.71 -7.33
CA GLN G 282 13.67 23.79 -7.63
C GLN G 282 14.68 23.93 -6.52
N TYR G 283 14.25 23.79 -5.30
CA TYR G 283 15.19 23.86 -4.16
C TYR G 283 16.19 22.71 -4.22
N LEU G 284 15.71 21.49 -4.50
CA LEU G 284 16.66 20.38 -4.62
C LEU G 284 17.73 20.67 -5.68
N LYS G 285 17.31 21.14 -6.86
CA LYS G 285 18.29 21.44 -7.91
C LYS G 285 19.26 22.48 -7.48
N ARG G 286 18.77 23.52 -6.84
CA ARG G 286 19.66 24.56 -6.44
C ARG G 286 20.75 24.06 -5.50
N LEU G 287 20.43 23.12 -4.60
CA LEU G 287 21.47 22.54 -3.75
C LEU G 287 22.65 21.97 -4.54
N LEU G 288 22.46 21.58 -5.80
CA LEU G 288 23.56 20.99 -6.56
C LEU G 288 24.58 22.04 -6.97
N THR G 289 24.21 23.31 -6.85
CA THR G 289 25.09 24.36 -7.33
C THR G 289 25.36 25.45 -6.34
N GLU G 290 25.02 25.24 -5.10
CA GLU G 290 25.32 26.27 -4.12
C GLU G 290 26.06 25.60 -2.99
N THR G 291 27.09 26.24 -2.47
CA THR G 291 27.73 25.71 -1.31
C THR G 291 27.00 26.24 -0.08
N VAL G 292 26.48 25.39 0.80
CA VAL G 292 25.79 25.90 1.97
C VAL G 292 26.61 25.45 3.16
N TYR G 293 27.13 26.36 3.96
CA TYR G 293 27.91 25.99 5.13
C TYR G 293 26.99 25.52 6.26
N LYS H 2 -35.08 23.73 -7.16
CA LYS H 2 -34.36 22.43 -6.98
C LYS H 2 -33.07 22.48 -7.75
N ARG H 3 -31.99 22.74 -7.02
CA ARG H 3 -30.72 22.85 -7.67
C ARG H 3 -29.86 21.81 -7.14
N LYS H 4 -29.03 21.23 -7.98
CA LYS H 4 -28.15 20.18 -7.58
C LYS H 4 -26.76 20.76 -7.50
N GLY H 5 -25.90 20.21 -6.61
CA GLY H 5 -24.56 20.74 -6.50
C GLY H 5 -23.44 19.77 -6.80
N ILE H 6 -22.31 20.32 -7.23
CA ILE H 6 -21.14 19.56 -7.53
C ILE H 6 -19.93 20.17 -6.83
N ILE H 7 -19.06 19.32 -6.29
CA ILE H 7 -17.82 19.76 -5.67
C ILE H 7 -16.75 19.06 -6.45
N LEU H 8 -15.90 19.86 -7.06
CA LEU H 8 -14.85 19.37 -7.90
C LEU H 8 -13.70 19.25 -7.01
N ALA H 9 -13.42 18.06 -6.47
CA ALA H 9 -12.31 17.92 -5.52
C ALA H 9 -11.19 17.01 -5.99
N GLY H 10 -10.79 17.21 -7.23
CA GLY H 10 -9.73 16.42 -7.75
C GLY H 10 -8.50 17.31 -7.84
N GLY H 11 -7.85 17.17 -8.96
CA GLY H 11 -6.65 17.90 -9.20
C GLY H 11 -5.47 17.02 -8.85
N SER H 12 -4.32 17.35 -9.41
CA SER H 12 -3.10 16.64 -9.07
C SER H 12 -2.45 17.29 -7.86
N GLY H 13 -2.72 18.56 -7.57
CA GLY H 13 -2.19 19.19 -6.36
C GLY H 13 -0.71 19.43 -6.29
N THR H 14 -0.05 19.50 -7.46
CA THR H 14 1.43 19.76 -7.49
C THR H 14 2.03 21.01 -6.78
N ARG H 15 1.37 22.14 -6.77
CA ARG H 15 2.05 23.28 -6.10
C ARG H 15 2.33 22.98 -4.62
N LEU H 16 1.54 22.06 -4.04
CA LEU H 16 1.78 21.71 -2.69
C LEU H 16 2.76 20.58 -2.48
N HIS H 17 3.29 19.94 -3.52
CA HIS H 17 4.29 18.95 -3.21
C HIS H 17 5.32 19.42 -2.23
N PRO H 18 5.80 18.51 -1.41
CA PRO H 18 5.44 17.11 -1.40
C PRO H 18 4.28 16.81 -0.46
N ALA H 19 3.76 17.85 0.16
CA ALA H 19 2.67 17.71 1.08
C ALA H 19 1.51 16.93 0.51
N THR H 20 1.23 17.01 -0.78
CA THR H 20 0.10 16.29 -1.36
C THR H 20 0.48 15.05 -2.16
N LEU H 21 1.73 14.60 -2.06
CA LEU H 21 2.08 13.32 -2.70
C LEU H 21 1.42 12.36 -1.81
N ALA H 22 1.33 12.77 -0.59
CA ALA H 22 0.75 11.85 0.33
C ALA H 22 -0.74 11.60 0.02
N ILE H 23 -1.48 12.67 -0.25
CA ILE H 23 -2.91 12.52 -0.54
C ILE H 23 -3.49 13.83 -1.04
N SER H 24 -4.76 13.80 -1.38
CA SER H 24 -5.37 14.94 -1.98
C SER H 24 -5.48 16.22 -1.11
N LYS H 25 -5.17 17.34 -1.75
CA LYS H 25 -5.26 18.67 -1.14
C LYS H 25 -6.57 18.90 -0.41
N GLN H 26 -7.68 18.42 -0.97
CA GLN H 26 -8.96 18.62 -0.35
C GLN H 26 -9.22 17.78 0.89
N LEU H 27 -8.33 16.88 1.28
CA LEU H 27 -8.46 16.19 2.56
C LEU H 27 -7.63 16.85 3.69
N LEU H 28 -6.66 17.68 3.35
CA LEU H 28 -5.90 18.41 4.35
C LEU H 28 -6.79 19.35 5.16
N PRO H 29 -6.34 19.61 6.35
CA PRO H 29 -7.06 20.47 7.26
C PRO H 29 -6.85 21.90 6.99
N VAL H 30 -7.94 22.65 7.14
CA VAL H 30 -7.81 24.11 7.28
C VAL H 30 -8.14 24.35 8.73
N TYR H 31 -7.07 24.52 9.51
CA TYR H 31 -7.11 24.72 10.95
C TYR H 31 -7.62 23.49 11.61
N ASP H 32 -8.94 23.29 11.61
CA ASP H 32 -9.47 22.20 12.44
C ASP H 32 -10.39 21.21 11.77
N LYS H 33 -10.60 21.33 10.47
CA LYS H 33 -11.48 20.38 9.81
C LYS H 33 -11.04 20.16 8.38
N PRO H 34 -11.41 19.07 7.73
CA PRO H 34 -10.90 18.83 6.39
C PRO H 34 -11.37 19.93 5.47
N MET H 35 -10.46 20.33 4.58
CA MET H 35 -10.74 21.37 3.61
C MET H 35 -12.11 21.22 2.97
N ILE H 36 -12.46 20.04 2.54
CA ILE H 36 -13.72 19.88 1.84
C ILE H 36 -14.94 20.20 2.62
N TYR H 37 -14.83 20.29 3.92
CA TYR H 37 -15.97 20.76 4.69
C TYR H 37 -16.35 22.18 4.29
N TYR H 38 -15.38 22.98 3.92
CA TYR H 38 -15.71 24.41 3.59
C TYR H 38 -16.70 24.57 2.42
N PRO H 39 -16.30 24.13 1.25
CA PRO H 39 -17.19 24.20 0.07
C PRO H 39 -18.46 23.43 0.29
N LEU H 40 -18.35 22.24 0.90
CA LEU H 40 -19.57 21.51 1.21
C LEU H 40 -20.51 22.49 1.92
N SER H 41 -20.04 23.15 2.98
CA SER H 41 -20.93 23.99 3.75
C SER H 41 -21.42 25.15 2.90
N THR H 42 -20.62 25.59 1.93
CA THR H 42 -21.09 26.60 1.02
C THR H 42 -22.34 26.10 0.25
N LEU H 43 -22.26 24.97 -0.41
CA LEU H 43 -23.47 24.50 -1.07
C LEU H 43 -24.61 24.35 -0.05
N MET H 44 -24.33 23.80 1.12
CA MET H 44 -25.41 23.59 2.08
C MET H 44 -26.08 24.96 2.33
N LEU H 45 -25.28 26.00 2.53
CA LEU H 45 -25.90 27.28 2.82
C LEU H 45 -26.66 27.85 1.63
N ALA H 46 -26.43 27.34 0.40
CA ALA H 46 -27.21 27.79 -0.72
C ALA H 46 -28.50 26.98 -0.82
N GLY H 47 -28.77 26.26 0.25
CA GLY H 47 -29.95 25.42 0.32
C GLY H 47 -29.84 24.13 -0.49
N ILE H 48 -28.64 23.74 -0.96
CA ILE H 48 -28.50 22.54 -1.77
C ILE H 48 -28.19 21.30 -0.93
N ARG H 49 -28.99 20.24 -1.08
CA ARG H 49 -28.84 19.06 -0.20
C ARG H 49 -28.37 17.83 -0.96
N GLU H 50 -28.44 17.90 -2.29
CA GLU H 50 -28.11 16.78 -3.14
C GLU H 50 -26.89 17.14 -3.91
N ILE H 51 -25.79 16.38 -3.67
CA ILE H 51 -24.47 16.82 -4.07
C ILE H 51 -23.54 15.76 -4.52
N LEU H 52 -22.86 16.05 -5.62
CA LEU H 52 -21.95 15.10 -6.24
C LEU H 52 -20.52 15.56 -6.02
N ILE H 53 -19.73 14.65 -5.49
CA ILE H 53 -18.36 14.93 -5.24
C ILE H 53 -17.49 14.22 -6.25
N ILE H 54 -16.66 15.01 -6.91
CA ILE H 54 -15.78 14.44 -7.91
C ILE H 54 -14.34 14.51 -7.47
N SER H 55 -13.63 13.41 -7.69
CA SER H 55 -12.24 13.41 -7.38
C SER H 55 -11.41 12.41 -8.14
N THR H 56 -10.12 12.37 -7.90
CA THR H 56 -9.28 11.40 -8.58
C THR H 56 -9.73 9.99 -8.21
N PRO H 57 -9.38 9.03 -9.03
CA PRO H 57 -9.76 7.65 -8.78
C PRO H 57 -9.20 7.16 -7.45
N GLN H 58 -7.96 7.53 -7.14
CA GLN H 58 -7.44 7.10 -5.86
C GLN H 58 -8.00 7.86 -4.69
N ASP H 59 -8.45 9.11 -4.80
CA ASP H 59 -8.98 9.80 -3.60
C ASP H 59 -10.52 9.72 -3.39
N THR H 60 -11.26 9.36 -4.43
CA THR H 60 -12.72 9.21 -4.30
C THR H 60 -13.14 8.29 -3.18
N PRO H 61 -12.55 7.16 -3.06
CA PRO H 61 -12.84 6.31 -1.89
C PRO H 61 -12.64 6.99 -0.58
N ARG H 62 -11.59 7.78 -0.45
CA ARG H 62 -11.29 8.46 0.83
C ARG H 62 -12.30 9.53 1.16
N PHE H 63 -12.80 10.24 0.17
CA PHE H 63 -13.87 11.15 0.46
C PHE H 63 -15.09 10.38 0.93
N GLN H 64 -15.35 9.23 0.30
CA GLN H 64 -16.54 8.45 0.64
C GLN H 64 -16.45 8.03 2.06
N GLN H 65 -15.26 7.57 2.44
CA GLN H 65 -14.99 7.12 3.79
C GLN H 65 -15.21 8.23 4.78
N LEU H 66 -14.94 9.45 4.32
CA LEU H 66 -15.01 10.58 5.23
C LEU H 66 -16.43 11.08 5.35
N LEU H 67 -17.17 11.10 4.25
CA LEU H 67 -18.49 11.74 4.25
C LEU H 67 -19.68 10.77 4.15
N GLY H 68 -19.40 9.52 3.89
CA GLY H 68 -20.48 8.58 3.66
C GLY H 68 -21.46 9.08 2.61
N ASP H 69 -22.72 8.69 2.78
CA ASP H 69 -23.75 9.08 1.85
C ASP H 69 -24.45 10.34 2.28
N GLY H 70 -24.04 10.93 3.40
CA GLY H 70 -24.58 12.23 3.78
C GLY H 70 -25.83 12.17 4.59
N SER H 71 -26.47 11.00 4.61
CA SER H 71 -27.72 10.86 5.34
C SER H 71 -27.60 11.34 6.78
N ASN H 72 -26.48 11.12 7.40
CA ASN H 72 -26.34 11.55 8.78
C ASN H 72 -26.37 13.08 8.94
N TRP H 73 -26.17 13.83 7.87
CA TRP H 73 -26.26 15.29 7.93
C TRP H 73 -27.48 15.76 7.14
N GLY H 74 -28.42 14.87 6.86
CA GLY H 74 -29.53 15.20 6.01
C GLY H 74 -29.18 15.54 4.57
N LEU H 75 -27.98 15.20 4.14
CA LEU H 75 -27.65 15.38 2.75
C LEU H 75 -27.89 14.07 1.95
N ASP H 76 -27.74 14.14 0.64
CA ASP H 76 -27.71 12.96 -0.22
C ASP H 76 -26.44 13.10 -1.03
N LEU H 77 -25.33 12.56 -0.56
CA LEU H 77 -24.09 12.66 -1.29
C LEU H 77 -23.82 11.52 -2.24
N GLN H 78 -23.25 11.83 -3.38
CA GLN H 78 -22.87 10.83 -4.35
C GLN H 78 -21.46 11.15 -4.86
N TYR H 79 -20.82 10.19 -5.54
CA TYR H 79 -19.46 10.29 -5.97
C TYR H 79 -19.16 9.85 -7.39
N ALA H 80 -18.24 10.55 -8.05
CA ALA H 80 -17.78 10.18 -9.34
C ALA H 80 -16.33 10.51 -9.43
N VAL H 81 -15.65 9.80 -10.30
CA VAL H 81 -14.25 10.00 -10.51
C VAL H 81 -13.93 10.82 -11.77
N GLN H 82 -12.86 11.59 -11.70
CA GLN H 82 -12.39 12.31 -12.85
C GLN H 82 -11.07 11.66 -13.15
N PRO H 83 -11.04 10.82 -14.17
CA PRO H 83 -9.84 10.04 -14.52
C PRO H 83 -8.57 10.86 -14.70
N SER H 84 -8.71 12.15 -15.03
CA SER H 84 -7.58 13.04 -15.24
C SER H 84 -8.05 14.47 -15.09
N PRO H 85 -7.20 15.34 -14.59
CA PRO H 85 -7.58 16.73 -14.33
C PRO H 85 -7.58 17.54 -15.60
N ASP H 86 -8.54 17.26 -16.44
CA ASP H 86 -8.61 17.86 -17.73
C ASP H 86 -9.45 19.12 -17.89
N GLY H 87 -9.89 19.73 -16.78
CA GLY H 87 -10.56 21.01 -16.84
C GLY H 87 -11.79 21.11 -15.95
N LEU H 88 -12.06 22.30 -15.38
CA LEU H 88 -13.18 22.42 -14.52
C LEU H 88 -14.46 22.08 -15.27
N ALA H 89 -14.57 22.43 -16.53
CA ALA H 89 -15.80 22.09 -17.25
C ALA H 89 -16.13 20.62 -17.25
N GLN H 90 -15.13 19.76 -17.11
CA GLN H 90 -15.40 18.34 -17.19
C GLN H 90 -16.42 18.00 -16.13
N ALA H 91 -16.51 18.84 -15.11
CA ALA H 91 -17.47 18.54 -14.06
C ALA H 91 -18.85 18.28 -14.70
N PHE H 92 -19.14 19.01 -15.75
CA PHE H 92 -20.48 18.91 -16.28
C PHE H 92 -20.62 17.65 -17.12
N LEU H 93 -19.51 17.18 -17.67
CA LEU H 93 -19.58 15.95 -18.45
C LEU H 93 -19.70 14.81 -17.50
N ILE H 94 -18.78 14.74 -16.55
CA ILE H 94 -18.82 13.67 -15.57
C ILE H 94 -20.10 13.71 -14.80
N GLY H 95 -20.63 14.91 -14.57
CA GLY H 95 -21.82 15.10 -13.76
C GLY H 95 -23.12 15.19 -14.53
N GLU H 96 -23.05 14.96 -15.84
CA GLU H 96 -24.25 15.01 -16.68
C GLU H 96 -25.47 14.27 -16.15
N SER H 97 -25.35 12.99 -15.92
CA SER H 97 -26.52 12.22 -15.49
C SER H 97 -26.89 12.59 -14.06
N PHE H 98 -25.91 13.00 -13.26
CA PHE H 98 -26.26 13.41 -11.91
C PHE H 98 -27.18 14.61 -12.01
N ILE H 99 -26.90 15.51 -12.95
CA ILE H 99 -27.69 16.73 -13.05
C ILE H 99 -29.08 16.53 -13.67
N GLY H 100 -29.14 15.69 -14.71
CA GLY H 100 -30.41 15.47 -15.37
C GLY H 100 -30.85 16.78 -15.97
N ASN H 101 -32.11 17.13 -15.72
CA ASN H 101 -32.69 18.39 -16.12
C ASN H 101 -32.81 19.43 -15.03
N ASP H 102 -31.96 19.43 -14.03
CA ASP H 102 -32.11 20.45 -12.97
C ASP H 102 -31.13 21.65 -13.07
N LEU H 103 -31.40 22.67 -12.31
CA LEU H 103 -30.47 23.74 -12.13
C LEU H 103 -29.30 23.11 -11.40
N SER H 104 -28.13 23.71 -11.47
CA SER H 104 -26.98 23.17 -10.77
C SER H 104 -26.03 24.26 -10.28
N ALA H 105 -25.08 23.83 -9.47
CA ALA H 105 -24.10 24.72 -8.95
C ALA H 105 -22.82 23.97 -8.72
N LEU H 106 -21.73 24.57 -9.14
CA LEU H 106 -20.42 23.98 -9.04
C LEU H 106 -19.56 24.80 -8.05
N VAL H 107 -18.88 24.12 -7.10
CA VAL H 107 -17.92 24.78 -6.21
C VAL H 107 -16.57 24.05 -6.20
N LEU H 108 -15.47 24.77 -6.25
CA LEU H 108 -14.20 24.12 -6.24
C LEU H 108 -13.86 23.67 -4.85
N GLY H 109 -13.33 22.48 -4.78
CA GLY H 109 -13.00 21.93 -3.49
C GLY H 109 -11.96 22.65 -2.63
N ASP H 110 -11.16 23.56 -3.21
CA ASP H 110 -10.12 24.24 -2.43
C ASP H 110 -10.46 25.70 -2.20
N ASN H 111 -11.73 26.02 -2.36
CA ASN H 111 -12.21 27.38 -2.19
C ASN H 111 -12.97 27.50 -0.91
N LEU H 112 -12.67 28.57 -0.21
CA LEU H 112 -13.20 28.86 1.07
C LEU H 112 -13.80 30.24 1.07
N TYR H 113 -15.07 30.36 1.41
CA TYR H 113 -15.76 31.64 1.52
C TYR H 113 -16.17 31.94 2.98
N TYR H 114 -16.18 33.22 3.31
CA TYR H 114 -16.68 33.64 4.59
C TYR H 114 -17.13 35.06 4.62
N GLY H 115 -18.28 35.29 5.24
CA GLY H 115 -18.74 36.61 5.46
C GLY H 115 -20.22 36.85 5.77
N HIS H 116 -20.46 38.01 6.37
CA HIS H 116 -21.79 38.38 6.73
C HIS H 116 -22.74 38.44 5.57
N ASP H 117 -23.93 37.90 5.78
CA ASP H 117 -24.94 37.75 4.78
C ASP H 117 -24.51 36.88 3.60
N PHE H 118 -23.52 36.04 3.79
CA PHE H 118 -23.05 35.30 2.69
C PHE H 118 -24.22 34.56 2.22
N HIS H 119 -24.98 34.05 3.16
CA HIS H 119 -26.08 33.19 2.71
C HIS H 119 -27.19 33.92 1.99
N GLU H 120 -27.29 35.21 2.15
CA GLU H 120 -28.29 35.90 1.40
C GLU H 120 -27.72 36.05 -0.01
N LEU H 121 -26.41 36.16 -0.12
CA LEU H 121 -25.76 36.26 -1.47
C LEU H 121 -25.99 35.00 -2.27
N LEU H 122 -25.84 33.87 -1.60
CA LEU H 122 -26.04 32.61 -2.27
C LEU H 122 -27.48 32.58 -2.69
N GLY H 123 -28.36 32.92 -1.75
CA GLY H 123 -29.76 32.73 -1.99
C GLY H 123 -30.20 33.46 -3.25
N SER H 124 -29.69 34.64 -3.41
CA SER H 124 -30.18 35.40 -4.52
C SER H 124 -29.70 34.75 -5.77
N ALA H 125 -28.58 34.06 -5.75
CA ALA H 125 -28.23 33.47 -7.04
C ALA H 125 -28.93 32.17 -7.23
N SER H 126 -29.14 31.39 -6.16
CA SER H 126 -29.75 30.09 -6.33
C SER H 126 -31.08 30.29 -6.94
N GLN H 127 -31.65 31.44 -6.74
CA GLN H 127 -33.07 31.55 -7.10
C GLN H 127 -33.29 32.07 -8.47
N ARG H 128 -32.29 32.58 -9.11
CA ARG H 128 -32.54 32.86 -10.53
C ARG H 128 -32.72 31.54 -11.21
N GLN H 129 -33.80 31.35 -11.94
CA GLN H 129 -33.98 30.05 -12.59
C GLN H 129 -33.52 29.99 -14.05
N THR H 130 -32.79 31.00 -14.47
CA THR H 130 -32.36 31.11 -15.85
C THR H 130 -30.98 31.79 -16.02
N GLY H 131 -30.25 31.42 -17.05
CA GLY H 131 -28.91 31.95 -17.23
C GLY H 131 -27.94 31.38 -16.24
N ALA H 132 -26.84 32.08 -15.98
CA ALA H 132 -25.85 31.60 -15.00
C ALA H 132 -25.41 32.76 -14.13
N SER H 133 -24.89 32.42 -12.95
CA SER H 133 -24.42 33.46 -12.03
C SER H 133 -23.09 33.14 -11.46
N VAL H 134 -22.16 34.10 -11.47
CA VAL H 134 -20.83 33.99 -10.90
C VAL H 134 -20.51 35.22 -10.09
N PHE H 135 -19.38 35.27 -9.45
CA PHE H 135 -19.04 36.35 -8.54
C PHE H 135 -17.64 36.86 -8.80
N ALA H 136 -17.45 38.17 -8.64
CA ALA H 136 -16.18 38.78 -8.94
C ALA H 136 -15.64 39.37 -7.67
N TYR H 137 -14.34 39.17 -7.45
CA TYR H 137 -13.68 39.55 -6.17
C TYR H 137 -12.39 40.19 -6.45
N HIS H 138 -12.16 41.36 -5.88
CA HIS H 138 -10.92 42.10 -6.10
C HIS H 138 -9.81 41.28 -5.48
N VAL H 139 -8.75 41.03 -6.23
CA VAL H 139 -7.58 40.36 -5.63
C VAL H 139 -6.28 40.94 -6.11
N LEU H 140 -5.20 40.51 -5.49
CA LEU H 140 -3.88 41.01 -5.77
C LEU H 140 -3.28 40.47 -7.03
N ASP H 141 -3.55 39.22 -7.33
CA ASP H 141 -2.96 38.54 -8.49
C ASP H 141 -4.03 38.01 -9.50
N PRO H 142 -4.77 38.89 -10.17
CA PRO H 142 -5.83 38.44 -11.05
C PRO H 142 -5.33 37.47 -12.06
N GLU H 143 -4.08 37.61 -12.44
CA GLU H 143 -3.50 36.76 -13.47
C GLU H 143 -3.50 35.32 -13.12
N ARG H 144 -3.80 34.96 -11.89
CA ARG H 144 -3.86 33.57 -11.54
C ARG H 144 -5.25 33.00 -11.75
N TYR H 145 -6.21 33.82 -12.14
CA TYR H 145 -7.61 33.36 -12.31
C TYR H 145 -8.27 33.74 -13.60
N GLY H 146 -9.55 33.39 -13.70
CA GLY H 146 -10.39 33.91 -14.77
C GLY H 146 -10.63 35.38 -14.37
N VAL H 147 -10.37 36.32 -15.25
CA VAL H 147 -10.52 37.72 -14.91
C VAL H 147 -11.70 38.34 -15.66
N VAL H 148 -12.46 39.16 -14.99
CA VAL H 148 -13.64 39.75 -15.63
C VAL H 148 -13.50 41.23 -15.70
N GLU H 149 -13.70 41.82 -16.87
CA GLU H 149 -13.56 43.25 -17.14
C GLU H 149 -14.93 43.95 -17.09
N PHE H 150 -14.99 45.14 -16.47
CA PHE H 150 -16.25 45.86 -16.47
C PHE H 150 -16.14 47.09 -17.29
N ASP H 151 -17.24 47.52 -17.93
CA ASP H 151 -17.25 48.85 -18.53
C ASP H 151 -17.52 49.91 -17.42
N GLN H 152 -17.42 51.17 -17.78
CA GLN H 152 -17.58 52.24 -16.77
C GLN H 152 -18.96 52.19 -16.16
N GLY H 153 -19.91 51.62 -16.88
CA GLY H 153 -21.21 51.48 -16.28
C GLY H 153 -21.20 50.38 -15.25
N GLY H 154 -20.13 49.63 -15.14
CA GLY H 154 -20.20 48.52 -14.16
C GLY H 154 -20.65 47.19 -14.75
N LYS H 155 -20.90 47.15 -16.07
CA LYS H 155 -21.33 45.95 -16.71
C LYS H 155 -20.14 45.06 -17.11
N ALA H 156 -20.27 43.77 -16.84
CA ALA H 156 -19.25 42.85 -17.25
C ALA H 156 -19.22 42.83 -18.82
N ILE H 157 -18.04 42.93 -19.44
CA ILE H 157 -17.95 42.87 -20.87
C ILE H 157 -16.97 41.87 -21.48
N SER H 158 -16.10 41.26 -20.68
CA SER H 158 -15.26 40.23 -21.24
C SER H 158 -14.73 39.33 -20.14
N LEU H 159 -14.21 38.15 -20.47
CA LEU H 159 -13.66 37.22 -19.50
C LEU H 159 -12.43 36.59 -20.12
N GLU H 160 -11.35 36.44 -19.37
CA GLU H 160 -10.15 35.80 -19.85
C GLU H 160 -9.56 34.93 -18.79
N GLU H 161 -9.04 33.78 -19.18
CA GLU H 161 -8.50 32.87 -18.21
C GLU H 161 -6.98 33.08 -18.09
N LYS H 162 -6.46 33.31 -16.90
CA LYS H 162 -5.03 33.49 -16.68
C LYS H 162 -4.36 34.27 -17.77
N PRO H 163 -4.81 35.50 -17.99
CA PRO H 163 -4.20 36.44 -18.92
C PRO H 163 -2.90 37.04 -18.40
N LEU H 164 -1.99 37.25 -19.33
CA LEU H 164 -0.70 37.80 -18.99
C LEU H 164 -0.83 39.23 -18.60
N GLU H 165 -1.90 39.82 -19.14
CA GLU H 165 -2.16 41.23 -18.91
C GLU H 165 -3.60 41.41 -18.52
N PRO H 166 -3.90 41.12 -17.29
CA PRO H 166 -5.24 41.21 -16.79
C PRO H 166 -5.85 42.56 -17.11
N LYS H 167 -7.09 42.55 -17.52
CA LYS H 167 -7.84 43.76 -17.83
C LYS H 167 -8.47 44.43 -16.64
N SER H 168 -8.45 43.74 -15.48
CA SER H 168 -8.84 44.32 -14.20
C SER H 168 -8.31 43.51 -13.08
N ASN H 169 -8.64 43.91 -11.88
CA ASN H 169 -8.26 43.08 -10.75
C ASN H 169 -9.39 42.19 -10.27
N TYR H 170 -10.46 42.01 -11.04
CA TYR H 170 -11.58 41.21 -10.56
C TYR H 170 -11.44 39.78 -11.09
N ALA H 171 -11.37 38.81 -10.19
CA ALA H 171 -11.29 37.43 -10.51
C ALA H 171 -12.66 36.78 -10.35
N VAL H 172 -12.96 35.83 -11.19
CA VAL H 172 -14.24 35.19 -11.06
C VAL H 172 -13.99 34.14 -10.03
N THR H 173 -14.71 34.07 -8.93
CA THR H 173 -14.35 33.02 -7.91
C THR H 173 -14.77 31.61 -8.30
N GLY H 174 -14.51 30.64 -7.47
CA GLY H 174 -14.81 29.25 -7.80
C GLY H 174 -16.16 28.75 -7.32
N LEU H 175 -17.20 29.52 -7.63
CA LEU H 175 -18.56 29.19 -7.20
C LEU H 175 -19.38 29.56 -8.41
N TYR H 176 -20.09 28.61 -9.00
CA TYR H 176 -20.84 28.92 -10.19
C TYR H 176 -22.26 28.37 -10.14
N PHE H 177 -23.25 29.18 -10.56
CA PHE H 177 -24.63 28.71 -10.63
C PHE H 177 -25.10 28.57 -12.11
N TYR H 178 -25.67 27.44 -12.51
CA TYR H 178 -26.10 27.31 -13.90
C TYR H 178 -27.53 26.81 -14.10
N ASP H 179 -28.11 27.12 -15.25
CA ASP H 179 -29.45 26.66 -15.59
C ASP H 179 -29.25 25.45 -16.51
N GLN H 180 -30.24 25.02 -17.21
CA GLN H 180 -30.09 23.75 -17.94
C GLN H 180 -29.22 23.74 -19.23
N GLN H 181 -28.71 24.89 -19.64
CA GLN H 181 -27.90 24.95 -20.83
C GLN H 181 -26.45 24.47 -20.58
N VAL H 182 -26.04 24.30 -19.32
CA VAL H 182 -24.63 24.09 -19.08
C VAL H 182 -24.09 22.78 -19.60
N VAL H 183 -24.83 21.71 -19.42
CA VAL H 183 -24.31 20.49 -19.91
C VAL H 183 -24.05 20.63 -21.37
N ASP H 184 -24.98 21.14 -22.19
CA ASP H 184 -24.74 21.17 -23.65
C ASP H 184 -23.60 22.13 -23.97
N ILE H 185 -23.51 23.22 -23.21
CA ILE H 185 -22.45 24.18 -23.51
C ILE H 185 -21.13 23.48 -23.27
N ALA H 186 -21.04 22.70 -22.19
CA ALA H 186 -19.79 21.96 -21.93
C ALA H 186 -19.53 20.79 -22.91
N ARG H 187 -20.58 20.13 -23.42
CA ARG H 187 -20.35 19.11 -24.44
C ARG H 187 -19.62 19.67 -25.67
N ASP H 188 -19.94 20.89 -26.09
CA ASP H 188 -19.38 21.40 -27.34
C ASP H 188 -18.03 22.07 -27.15
N LEU H 189 -17.48 22.13 -25.93
CA LEU H 189 -16.19 22.82 -25.77
C LEU H 189 -15.07 21.99 -26.32
N LYS H 190 -13.99 22.69 -26.66
CA LYS H 190 -12.76 22.09 -27.13
C LYS H 190 -11.68 22.55 -26.20
N PRO H 191 -10.65 21.75 -26.02
CA PRO H 191 -9.58 22.13 -25.11
C PRO H 191 -8.93 23.39 -25.58
N SER H 192 -8.60 24.18 -24.59
CA SER H 192 -7.97 25.40 -24.82
C SER H 192 -6.49 25.17 -25.19
N PRO H 193 -5.77 26.24 -25.49
CA PRO H 193 -4.32 26.12 -25.67
C PRO H 193 -3.72 25.46 -24.41
N ARG H 194 -4.15 25.88 -23.23
CA ARG H 194 -3.65 25.21 -22.04
C ARG H 194 -4.01 23.76 -22.04
N GLY H 195 -4.91 23.36 -22.91
CA GLY H 195 -5.36 21.98 -22.88
C GLY H 195 -6.38 21.61 -21.80
N GLU H 196 -7.18 22.55 -21.34
CA GLU H 196 -8.24 22.21 -20.42
C GLU H 196 -9.57 22.55 -21.07
N LEU H 197 -10.62 21.92 -20.56
CA LEU H 197 -11.98 22.31 -20.88
C LEU H 197 -12.32 23.31 -19.75
N GLU H 198 -12.22 24.57 -20.14
CA GLU H 198 -12.29 25.69 -19.29
C GLU H 198 -13.66 26.15 -18.95
N ILE H 199 -13.95 26.19 -17.65
CA ILE H 199 -15.15 26.79 -17.16
C ILE H 199 -15.23 28.23 -17.64
N THR H 200 -14.10 28.88 -17.91
CA THR H 200 -14.21 30.24 -18.39
C THR H 200 -14.93 30.26 -19.73
N ASP H 201 -14.67 29.29 -20.59
CA ASP H 201 -15.40 29.27 -21.86
C ASP H 201 -16.89 29.04 -21.62
N VAL H 202 -17.20 28.28 -20.57
CA VAL H 202 -18.60 28.06 -20.32
C VAL H 202 -19.20 29.37 -19.94
N ASN H 203 -18.51 30.13 -19.12
CA ASN H 203 -19.07 31.38 -18.65
C ASN H 203 -19.15 32.34 -19.83
N ARG H 204 -18.15 32.26 -20.70
CA ARG H 204 -18.18 33.11 -21.85
C ARG H 204 -19.40 32.83 -22.74
N ALA H 205 -19.78 31.59 -22.87
CA ALA H 205 -20.87 31.27 -23.76
C ALA H 205 -22.09 31.94 -23.22
N TYR H 206 -22.29 31.97 -21.93
CA TYR H 206 -23.50 32.60 -21.42
C TYR H 206 -23.46 34.09 -21.65
N LEU H 207 -22.24 34.63 -21.60
CA LEU H 207 -22.01 36.07 -21.64
C LEU H 207 -22.31 36.52 -23.02
N GLU H 208 -21.88 35.72 -23.97
CA GLU H 208 -22.16 36.00 -25.35
C GLU H 208 -23.65 35.95 -25.67
N ARG H 209 -24.44 35.35 -24.79
CA ARG H 209 -25.86 35.34 -24.98
C ARG H 209 -26.54 36.39 -24.15
N GLY H 210 -25.75 37.17 -23.43
CA GLY H 210 -26.34 38.13 -22.54
C GLY H 210 -27.03 37.44 -21.37
N GLN H 211 -26.59 36.24 -21.06
CA GLN H 211 -27.23 35.54 -19.98
C GLN H 211 -26.38 35.25 -18.70
N LEU H 212 -25.25 35.92 -18.55
CA LEU H 212 -24.37 35.71 -17.47
C LEU H 212 -24.55 36.87 -16.54
N SER H 213 -24.80 36.56 -15.31
CA SER H 213 -24.89 37.58 -14.34
C SER H 213 -23.64 37.52 -13.48
N VAL H 214 -23.04 38.67 -13.26
CA VAL H 214 -21.82 38.79 -12.53
C VAL H 214 -22.08 39.71 -11.39
N GLU H 215 -22.15 39.17 -10.18
CA GLU H 215 -22.33 39.98 -8.97
C GLU H 215 -20.98 40.19 -8.32
N ILE H 216 -20.80 41.38 -7.77
CA ILE H 216 -19.61 41.65 -7.00
C ILE H 216 -19.69 41.02 -5.67
N MET H 217 -18.60 40.42 -5.23
CA MET H 217 -18.48 39.91 -3.89
C MET H 217 -17.52 40.92 -3.32
N GLY H 218 -18.01 41.82 -2.48
CA GLY H 218 -17.21 42.87 -1.86
C GLY H 218 -16.05 42.54 -0.93
N ARG H 219 -15.19 43.52 -0.78
CA ARG H 219 -14.03 43.45 0.01
C ARG H 219 -14.36 42.99 1.40
N GLY H 220 -15.62 43.07 1.77
CA GLY H 220 -16.05 42.63 3.07
C GLY H 220 -16.10 41.16 3.28
N TYR H 221 -16.24 40.36 2.24
CA TYR H 221 -16.23 38.96 2.41
C TYR H 221 -14.78 38.47 2.29
N ALA H 222 -14.51 37.28 2.80
CA ALA H 222 -13.24 36.70 2.60
C ALA H 222 -13.36 35.60 1.52
N TRP H 223 -12.52 35.65 0.49
CA TRP H 223 -12.46 34.58 -0.49
C TRP H 223 -11.01 34.13 -0.53
N LEU H 224 -10.69 32.97 0.07
CA LEU H 224 -9.31 32.48 0.21
C LEU H 224 -9.12 31.26 -0.60
N ASP H 225 -7.93 31.01 -1.13
CA ASP H 225 -7.80 29.68 -1.78
C ASP H 225 -6.59 28.93 -1.22
N THR H 226 -6.71 27.61 -1.16
CA THR H 226 -5.70 26.90 -0.48
C THR H 226 -4.70 26.42 -1.51
N GLY H 227 -4.44 27.21 -2.51
CA GLY H 227 -3.60 26.73 -3.60
C GLY H 227 -2.11 26.51 -3.27
N THR H 228 -1.53 27.37 -2.42
CA THR H 228 -0.13 27.31 -2.11
C THR H 228 0.16 27.13 -0.63
N HIS H 229 1.33 26.63 -0.31
CA HIS H 229 1.67 26.42 1.07
C HIS H 229 1.29 27.63 1.94
N ASP H 230 1.72 28.83 1.52
CA ASP H 230 1.43 30.06 2.26
C ASP H 230 -0.04 30.34 2.29
N SER H 231 -0.71 30.37 1.20
CA SER H 231 -2.12 30.70 1.33
C SER H 231 -2.83 29.68 2.20
N LEU H 232 -2.35 28.43 2.27
CA LEU H 232 -3.08 27.40 3.02
C LEU H 232 -2.92 27.71 4.48
N LEU H 233 -1.72 28.15 4.80
CA LEU H 233 -1.37 28.48 6.16
C LEU H 233 -2.14 29.71 6.62
N GLU H 234 -2.19 30.74 5.78
CA GLU H 234 -3.01 31.88 6.07
C GLU H 234 -4.47 31.50 6.26
N ALA H 235 -5.01 30.61 5.45
CA ALA H 235 -6.43 30.31 5.63
C ALA H 235 -6.64 29.64 6.99
N GLY H 236 -5.77 28.75 7.34
CA GLY H 236 -5.86 28.19 8.67
C GLY H 236 -5.80 29.21 9.80
N GLN H 237 -4.92 30.23 9.68
CA GLN H 237 -4.79 31.18 10.76
C GLN H 237 -6.05 32.04 10.80
N PHE H 238 -6.58 32.31 9.64
CA PHE H 238 -7.76 33.12 9.48
C PHE H 238 -8.91 32.44 10.16
N ILE H 239 -9.16 31.17 9.88
CA ILE H 239 -10.21 30.49 10.58
C ILE H 239 -9.93 30.45 12.09
N ALA H 240 -8.72 30.09 12.49
CA ALA H 240 -8.55 29.93 13.95
C ALA H 240 -8.82 31.20 14.64
N THR H 241 -8.56 32.31 14.00
CA THR H 241 -8.79 33.61 14.69
C THR H 241 -10.29 33.83 14.91
N LEU H 242 -11.07 33.61 13.88
CA LEU H 242 -12.47 33.72 14.02
C LEU H 242 -13.00 32.76 15.04
N GLU H 243 -12.56 31.49 14.97
CA GLU H 243 -13.11 30.49 15.91
C GLU H 243 -12.71 30.87 17.35
N ASN H 244 -11.49 31.29 17.59
CA ASN H 244 -11.12 31.48 19.00
C ASN H 244 -11.70 32.74 19.63
N ARG H 245 -12.06 33.69 18.81
CA ARG H 245 -12.66 34.87 19.30
C ARG H 245 -14.12 34.65 19.57
N GLN H 246 -14.83 34.00 18.63
CA GLN H 246 -16.30 33.91 18.77
C GLN H 246 -16.76 32.73 19.64
N GLY H 247 -15.94 31.69 19.72
CA GLY H 247 -16.42 30.41 20.25
C GLY H 247 -17.46 29.74 19.31
N LEU H 248 -17.49 30.15 18.05
CA LEU H 248 -18.37 29.49 17.10
C LEU H 248 -17.48 28.90 16.03
N LYS H 249 -17.96 27.94 15.29
CA LYS H 249 -17.03 27.26 14.44
C LYS H 249 -17.45 27.49 13.08
N VAL H 250 -16.53 27.58 12.13
CA VAL H 250 -16.90 27.86 10.71
C VAL H 250 -17.05 26.60 9.91
N ALA H 251 -18.07 26.55 9.07
CA ALA H 251 -18.31 25.39 8.21
C ALA H 251 -18.25 24.04 8.96
N CYS H 252 -19.06 23.95 9.94
CA CYS H 252 -19.25 22.70 10.58
C CYS H 252 -20.61 22.18 10.12
N PRO H 253 -20.60 21.20 9.22
CA PRO H 253 -21.82 20.75 8.56
C PRO H 253 -22.94 20.35 9.44
N GLU H 254 -22.58 19.72 10.55
CA GLU H 254 -23.59 19.25 11.49
C GLU H 254 -24.41 20.45 11.94
N GLU H 255 -23.71 21.49 12.31
CA GLU H 255 -24.38 22.68 12.79
C GLU H 255 -25.30 23.19 11.70
N ILE H 256 -24.79 23.33 10.48
CA ILE H 256 -25.55 23.93 9.43
C ILE H 256 -26.78 23.10 9.17
N ALA H 257 -26.56 21.78 9.13
CA ALA H 257 -27.71 20.89 8.94
C ALA H 257 -28.77 21.15 10.00
N TYR H 258 -28.31 21.22 11.23
CA TYR H 258 -29.27 21.40 12.30
C TYR H 258 -29.90 22.80 12.12
N ARG H 259 -29.14 23.83 11.82
CA ARG H 259 -29.79 25.13 11.74
C ARG H 259 -30.79 25.20 10.62
N GLN H 260 -30.50 24.55 9.50
CA GLN H 260 -31.46 24.49 8.37
C GLN H 260 -32.59 23.46 8.63
N LYS H 261 -32.56 22.79 9.75
CA LYS H 261 -33.63 21.83 10.02
C LYS H 261 -33.50 20.57 9.16
N TRP H 262 -32.32 20.28 8.59
CA TRP H 262 -32.19 19.04 7.84
C TRP H 262 -31.96 17.86 8.75
N ILE H 263 -31.63 18.11 10.00
CA ILE H 263 -31.61 17.05 10.99
C ILE H 263 -32.16 17.67 12.24
N ASP H 264 -32.66 16.91 13.21
CA ASP H 264 -33.20 17.51 14.41
C ASP H 264 -32.27 17.33 15.59
N ALA H 265 -32.67 17.87 16.73
CA ALA H 265 -31.88 17.78 17.97
C ALA H 265 -31.44 16.35 18.36
N ALA H 266 -32.33 15.39 18.24
CA ALA H 266 -31.91 14.03 18.55
C ALA H 266 -30.77 13.58 17.62
N GLN H 267 -30.86 13.89 16.32
CA GLN H 267 -29.78 13.50 15.38
C GLN H 267 -28.49 14.13 15.73
N LEU H 268 -28.55 15.38 16.11
CA LEU H 268 -27.34 16.13 16.39
C LEU H 268 -26.74 15.56 17.63
N GLU H 269 -27.58 15.26 18.60
CA GLU H 269 -27.05 14.67 19.82
C GLU H 269 -26.29 13.41 19.49
N LYS H 270 -26.87 12.61 18.62
CA LYS H 270 -26.24 11.38 18.23
C LYS H 270 -24.98 11.59 17.39
N LEU H 271 -24.88 12.67 16.64
CA LEU H 271 -23.63 12.93 15.91
C LEU H 271 -22.52 13.28 16.90
N ALA H 272 -22.94 13.89 18.00
CA ALA H 272 -21.99 14.41 18.96
C ALA H 272 -21.29 13.34 19.74
N ALA H 273 -22.05 12.41 20.24
CA ALA H 273 -21.49 11.41 21.12
C ALA H 273 -20.06 10.91 20.71
N PRO H 274 -19.88 10.30 19.54
CA PRO H 274 -18.59 9.71 19.14
C PRO H 274 -17.45 10.69 19.12
N LEU H 275 -17.80 11.95 19.04
CA LEU H 275 -16.82 12.99 18.93
C LEU H 275 -16.76 13.73 20.29
N ALA H 276 -17.49 13.19 21.30
CA ALA H 276 -17.62 13.88 22.61
C ALA H 276 -16.38 14.12 23.44
N LYS H 277 -15.32 13.32 23.26
CA LYS H 277 -14.09 13.46 24.06
C LYS H 277 -13.27 14.63 23.58
N ASN H 278 -13.52 15.14 22.37
CA ASN H 278 -12.75 16.29 21.89
C ASN H 278 -13.61 17.50 21.70
N GLY H 279 -12.96 18.63 21.45
CA GLY H 279 -13.67 19.89 21.35
C GLY H 279 -14.80 19.91 20.33
N TYR H 280 -14.63 19.23 19.22
CA TYR H 280 -15.61 19.33 18.14
C TYR H 280 -16.93 18.76 18.64
N GLY H 281 -16.86 17.63 19.30
CA GLY H 281 -18.05 17.03 19.88
C GLY H 281 -18.68 17.97 20.86
N GLN H 282 -17.85 18.52 21.73
CA GLN H 282 -18.33 19.41 22.80
C GLN H 282 -19.04 20.61 22.19
N TYR H 283 -18.49 21.14 21.13
CA TYR H 283 -19.17 22.24 20.47
C TYR H 283 -20.51 21.78 19.95
N LEU H 284 -20.59 20.60 19.36
CA LEU H 284 -21.87 20.18 18.82
C LEU H 284 -22.87 20.11 19.92
N LYS H 285 -22.47 19.61 21.09
CA LYS H 285 -23.42 19.45 22.19
C LYS H 285 -23.87 20.76 22.67
N ARG H 286 -22.92 21.65 22.84
CA ARG H 286 -23.29 22.94 23.31
C ARG H 286 -24.32 23.61 22.39
N LEU H 287 -24.31 23.38 21.08
CA LEU H 287 -25.32 24.00 20.24
C LEU H 287 -26.74 23.59 20.62
N LEU H 288 -26.90 22.50 21.35
CA LEU H 288 -28.23 22.01 21.71
C LEU H 288 -28.81 22.79 22.83
N THR H 289 -27.98 23.57 23.52
CA THR H 289 -28.50 24.31 24.67
C THR H 289 -28.18 25.77 24.67
N GLU H 290 -27.73 26.29 23.55
CA GLU H 290 -27.45 27.70 23.50
C GLU H 290 -28.25 28.26 22.32
N THR H 291 -28.85 29.41 22.46
CA THR H 291 -29.41 30.03 21.30
C THR H 291 -28.33 30.91 20.67
N VAL H 292 -28.07 30.76 19.38
CA VAL H 292 -27.10 31.59 18.70
C VAL H 292 -27.83 32.35 17.62
N TYR H 293 -27.84 33.67 17.72
CA TYR H 293 -28.53 34.42 16.67
C TYR H 293 -27.70 34.51 15.39
PA TTP I . 16.53 -16.68 -16.45
O1A TTP I . 17.55 -16.44 -17.49
O2A TTP I . 16.14 -18.06 -16.09
O3A TTP I . 15.14 -15.91 -16.68
PB TTP I . 14.93 -14.42 -16.22
O1B TTP I . 14.64 -14.45 -14.79
O2B TTP I . 16.02 -13.66 -16.83
O3B TTP I . 13.55 -13.85 -16.84
PG TTP I . 12.91 -14.42 -18.19
O1G TTP I . 12.19 -15.66 -17.98
O2G TTP I . 11.92 -13.45 -18.67
O3G TTP I . 13.98 -14.73 -19.13
O5' TTP I . 17.17 -16.14 -15.14
C5' TTP I . 17.85 -17.21 -14.49
C4' TTP I . 17.91 -17.00 -13.10
O4' TTP I . 18.88 -16.02 -12.79
C3' TTP I . 16.77 -16.43 -12.59
O3' TTP I . 16.57 -17.10 -11.35
C2' TTP I . 16.98 -15.05 -12.49
C1' TTP I . 18.31 -14.90 -12.17
N1 TTP I . 18.88 -13.77 -12.65
C2 TTP I . 19.34 -12.77 -11.88
O2 TTP I . 19.13 -12.91 -10.69
N3 TTP I . 19.97 -11.71 -12.43
C4 TTP I . 20.17 -11.70 -13.75
O4 TTP I . 20.71 -10.75 -14.34
C5 TTP I . 19.70 -12.76 -14.50
C5M TTP I . 19.89 -12.72 -16.01
C6 TTP I . 19.07 -13.82 -13.92
PA TTP J . 21.29 -36.99 0.49
O1A TTP J . 22.00 -36.44 -0.68
O2A TTP J . 21.89 -36.92 1.81
O3A TTP J . 21.03 -38.50 0.09
PB TTP J . 20.30 -39.45 1.15
O1B TTP J . 19.70 -38.69 2.27
O2B TTP J . 19.56 -40.51 0.41
O3B TTP J . 21.65 -40.10 1.58
PG TTP J . 21.82 -41.26 2.74
O1G TTP J . 21.95 -42.62 2.16
O2G TTP J . 23.05 -41.03 3.57
O3G TTP J . 20.69 -41.31 3.69
O5' TTP J . 19.79 -36.37 0.63
C5' TTP J . 18.97 -36.46 -0.52
C4' TTP J . 18.30 -35.30 -0.94
O4' TTP J . 17.32 -34.72 -0.09
C3' TTP J . 19.17 -34.25 -1.21
O3' TTP J . 18.76 -33.86 -2.56
C2' TTP J . 19.08 -33.30 -0.15
C1' TTP J . 17.76 -33.40 0.22
N1 TTP J . 17.59 -33.07 1.53
C2 TTP J . 16.60 -32.26 1.95
O2 TTP J . 15.89 -31.73 1.10
N3 TTP J . 16.46 -32.03 3.29
C4 TTP J . 17.29 -32.69 4.17
O4 TTP J . 17.17 -32.53 5.36
C5 TTP J . 18.26 -33.57 3.69
C5M TTP J . 19.19 -34.27 4.66
C6 TTP J . 18.41 -33.73 2.31
PA TTP K . -10.19 -18.81 4.50
O1A TTP K . -11.35 -18.81 5.42
O2A TTP K . -10.13 -19.78 3.39
O3A TTP K . -8.83 -19.02 5.37
PB TTP K . -7.58 -18.01 5.34
O1B TTP K . -7.46 -17.45 3.97
O2B TTP K . -7.48 -17.13 6.50
O3B TTP K . -6.35 -18.96 5.40
PG TTP K . -6.10 -20.02 6.51
O1G TTP K . -5.18 -21.00 5.91
O2G TTP K . -5.40 -19.31 7.56
O3G TTP K . -7.38 -20.60 6.89
O5' TTP K . -10.13 -17.38 3.80
C5' TTP K . -11.09 -17.29 2.77
C4' TTP K . -10.80 -16.27 1.87
O4' TTP K . -11.25 -15.06 2.45
C3' TTP K . -9.43 -16.12 1.71
O3' TTP K . -9.26 -15.98 0.29
C2' TTP K . -9.03 -15.01 2.51
C1' TTP K . -10.15 -14.18 2.53
N1 TTP K . -10.30 -13.50 3.67
C2 TTP K . -10.24 -12.20 3.81
O2 TTP K . -9.86 -11.51 2.88
N3 TTP K . -10.54 -11.68 4.98
C4 TTP K . -11.00 -12.40 6.01
O4 TTP K . -11.28 -11.91 7.14
C5 TTP K . -11.09 -13.74 5.86
C5M TTP K . -11.56 -14.59 7.02
C6 TTP K . -10.81 -14.25 4.60
PA TTP L . -19.50 -19.25 -20.81
O1A TTP L . -20.05 -19.19 -19.50
O2A TTP L . -19.78 -18.19 -21.78
O3A TTP L . -19.96 -20.67 -21.43
PB TTP L . -19.43 -21.13 -22.88
O1B TTP L . -18.55 -20.05 -23.34
O2B TTP L . -19.02 -22.52 -23.05
O3B TTP L . -20.83 -21.29 -23.65
PG TTP L . -21.23 -20.82 -25.18
O1G TTP L . -22.36 -21.66 -25.69
O2G TTP L . -21.62 -19.38 -25.12
O3G TTP L . -20.03 -20.96 -26.05
O5' TTP L . -17.90 -19.48 -20.72
C5' TTP L . -17.52 -20.58 -19.93
C4' TTP L . -16.47 -20.37 -19.05
O4' TTP L . -15.29 -19.82 -19.59
C3' TTP L . -16.83 -19.52 -18.02
O3' TTP L . -16.55 -20.25 -16.82
C2' TTP L . -16.11 -18.34 -18.19
C1' TTP L . -14.94 -18.68 -18.83
N1 TTP L . -14.51 -17.66 -19.58
C2 TTP L . -13.27 -17.20 -19.48
O2 TTP L . -12.51 -17.66 -18.62
N3 TTP L . -12.88 -16.19 -20.31
C4 TTP L . -13.71 -15.73 -21.27
O4 TTP L . -13.31 -14.83 -22.01
C5 TTP L . -14.98 -16.28 -21.40
C5M TTP L . -15.91 -15.71 -22.48
C6 TTP L . -15.38 -17.26 -20.48
PA TTP M . -0.96 -55.82 -2.83
O1A TTP M . -0.98 -56.62 -1.56
O2A TTP M . -0.32 -54.52 -2.73
O3A TTP M . -2.50 -55.58 -3.35
PB TTP M . -3.32 -56.67 -4.23
O1B TTP M . -2.75 -56.60 -5.58
O2B TTP M . -3.46 -57.92 -3.47
O3B TTP M . -4.77 -56.11 -4.44
PG TTP M . -5.38 -55.09 -3.38
O1G TTP M . -5.03 -53.71 -3.76
O2G TTP M . -6.80 -55.37 -3.64
O3G TTP M . -4.96 -55.36 -2.03
O5' TTP M . -0.23 -56.67 -3.92
C5' TTP M . 1.17 -56.47 -3.88
C4' TTP M . 1.81 -56.89 -5.06
O4' TTP M . 2.20 -58.26 -5.00
C3' TTP M . 0.95 -56.85 -6.18
O3' TTP M . 1.74 -56.40 -7.25
C2' TTP M . 0.48 -58.13 -6.46
C1' TTP M . 1.41 -59.04 -5.92
N1 TTP M . 0.83 -60.15 -5.36
C2 TTP M . 0.89 -61.38 -5.92
O2 TTP M . 1.39 -61.53 -7.01
N3 TTP M . 0.38 -62.43 -5.29
C4 TTP M . -0.16 -62.27 -4.04
O4 TTP M . -0.60 -63.27 -3.46
C5 TTP M . -0.16 -60.99 -3.48
C5M TTP M . -0.76 -60.73 -2.11
C6 TTP M . 0.32 -59.87 -4.20
PA TTP N . 22.16 -44.97 -12.32
O1A TTP N . 21.76 -45.97 -11.31
O2A TTP N . 23.10 -45.38 -13.38
O3A TTP N . 22.72 -43.64 -11.59
PB TTP N . 23.26 -42.43 -12.51
O1B TTP N . 23.20 -42.85 -13.93
O2B TTP N . 22.65 -41.20 -11.99
O3B TTP N . 24.73 -42.47 -12.01
PG TTP N . 25.82 -42.00 -13.08
O1G TTP N . 26.83 -41.21 -12.32
O2G TTP N . 26.39 -43.27 -13.58
O3G TTP N . 25.11 -41.15 -14.10
O5' TTP N . 20.80 -44.40 -12.97
C5' TTP N . 19.77 -43.96 -12.12
C4' TTP N . 18.49 -44.54 -12.27
O4' TTP N . 18.09 -44.64 -13.55
C3' TTP N . 18.52 -45.83 -11.86
O3' TTP N . 17.55 -45.91 -10.88
C2' TTP N . 18.19 -46.70 -12.87
C1' TTP N . 17.64 -45.93 -13.87
N1 TTP N . 18.06 -46.37 -15.11
C2 TTP N . 17.21 -46.66 -16.09
O2 TTP N . 16.03 -46.62 -15.89
N3 TTP N . 17.65 -47.00 -17.29
C4 TTP N . 18.97 -47.07 -17.60
O4 TTP N . 19.29 -47.42 -18.78
C5 TTP N . 19.87 -46.73 -16.57
C5M TTP N . 21.32 -46.81 -16.84
C6 TTP N . 19.37 -46.33 -15.32
PA TTP O . -6.93 -42.53 -33.77
O1A TTP O . -7.15 -41.58 -34.93
O2A TTP O . -6.58 -42.04 -32.41
O3A TTP O . -5.72 -43.58 -34.12
PB TTP O . -5.37 -44.96 -33.35
O1B TTP O . -6.58 -45.14 -32.47
O2B TTP O . -4.95 -46.05 -34.29
O3B TTP O . -4.12 -44.63 -32.48
PG TTP O . -2.72 -44.32 -33.18
O1G TTP O . -1.87 -43.80 -32.09
O2G TTP O . -2.21 -45.65 -33.66
O3G TTP O . -2.96 -43.31 -34.22
O5' TTP O . -8.23 -43.42 -33.48
C5' TTP O . -9.23 -42.66 -32.84
C4' TTP O . -10.06 -43.48 -32.07
O4' TTP O . -11.03 -44.27 -32.78
C3' TTP O . -9.29 -44.42 -31.41
O3' TTP O . -10.03 -44.50 -30.22
C2' TTP O . -9.40 -45.63 -32.10
C1' TTP O . -10.65 -45.66 -32.73
N1 TTP O . -10.54 -46.27 -33.95
C2 TTP O . -11.14 -47.43 -34.24
O2 TTP O . -11.65 -48.01 -33.29
N3 TTP O . -11.08 -47.93 -35.51
C4 TTP O . -10.49 -47.19 -36.50
O4 TTP O . -10.41 -47.53 -37.69
C5 TTP O . -9.97 -45.98 -36.19
C5M TTP O . -9.33 -45.19 -37.27
C6 TTP O . -10.03 -45.51 -34.89
PA TTP P . -25.36 -32.35 -16.27
O1A TTP P . -25.56 -32.08 -17.72
O2A TTP P . -26.46 -32.93 -15.47
O3A TTP P . -24.76 -31.02 -15.61
PB TTP P . -25.37 -30.45 -14.25
O1B TTP P . -25.73 -31.59 -13.36
O2B TTP P . -24.38 -29.43 -13.94
O3B TTP P . -26.72 -29.78 -14.74
PG TTP P . -27.80 -29.35 -13.59
O1G TTP P . -28.09 -27.89 -13.71
O2G TTP P . -28.97 -30.24 -13.86
O3G TTP P . -27.26 -29.62 -12.21
O5' TTP P . -24.10 -33.33 -16.04
C5' TTP P . -22.84 -32.78 -15.94
C4' TTP P . -21.79 -33.61 -16.35
O4' TTP P . -21.56 -34.67 -15.53
C3' TTP P . -22.08 -34.23 -17.54
O3' TTP P . -20.88 -34.07 -18.28
C2' TTP P . -22.41 -35.60 -17.33
C1' TTP P . -21.77 -35.94 -16.15
N1 TTP P . -22.50 -36.82 -15.39
C2 TTP P . -21.91 -37.87 -14.91
O2 TTP P . -20.77 -38.04 -15.18
N3 TTP P . -22.59 -38.70 -14.15
C4 TTP P . -23.89 -38.47 -13.86
O4 TTP P . -24.50 -39.27 -13.12
C5 TTP P . -24.47 -37.33 -14.37
C5M TTP P . -25.91 -37.10 -14.05
C6 TTP P . -23.80 -36.45 -15.24
PA TTP Q . 17.11 50.33 7.96
O1A TTP Q . 18.19 50.36 6.96
O2A TTP Q . 16.49 49.05 8.42
O3A TTP Q . 15.81 51.22 7.61
PB TTP Q . 15.56 52.70 8.19
O1B TTP Q . 15.19 52.70 9.58
O2B TTP Q . 16.67 53.49 7.73
O3B TTP Q . 14.19 53.11 7.53
PG TTP Q . 13.65 52.55 6.14
O1G TTP Q . 12.84 51.39 6.36
O2G TTP Q . 12.76 53.63 5.68
O3G TTP Q . 14.71 52.13 5.21
O5' TTP Q . 17.83 50.85 9.24
C5' TTP Q . 18.60 49.83 9.83
C4' TTP Q . 18.66 49.97 11.23
O4' TTP Q . 19.65 50.91 11.66
C3' TTP Q . 17.49 50.54 11.78
O3' TTP Q . 17.19 49.80 12.98
C2' TTP Q . 17.69 51.92 12.03
C1' TTP Q . 19.05 52.04 12.30
N1 TTP Q . 19.58 53.19 11.82
C2 TTP Q . 20.05 54.18 12.61
O2 TTP Q . 19.87 54.07 13.81
N3 TTP Q . 20.66 55.26 12.07
C4 TTP Q . 20.84 55.33 10.74
O4 TTP Q . 21.43 56.30 10.24
C5 TTP Q . 20.40 54.27 9.96
C5M TTP Q . 20.60 54.40 8.47
C6 TTP Q . 19.75 53.18 10.51
PA TTP R . 22.00 29.95 24.95
O1A TTP R . 22.70 30.61 23.83
O2A TTP R . 22.48 30.03 26.30
O3A TTP R . 21.64 28.45 24.50
PB TTP R . 20.94 27.42 25.45
O1B TTP R . 20.24 28.06 26.56
O2B TTP R . 20.24 26.48 24.59
O3B TTP R . 22.32 26.77 26.07
PG TTP R . 22.34 25.48 27.08
O1G TTP R . 22.47 24.22 26.30
O2G TTP R . 23.50 25.65 27.98
O3G TTP R . 21.12 25.40 27.90
O5' TTP R . 20.58 30.68 25.08
C5' TTP R . 19.79 30.55 23.94
C4' TTP R . 19.08 31.67 23.43
O4' TTP R . 18.03 32.15 24.24
C3' TTP R . 19.89 32.79 23.20
O3' TTP R . 19.52 33.21 21.85
C2' TTP R . 19.69 33.68 24.28
C1' TTP R . 18.37 33.48 24.64
N1 TTP R . 18.18 33.75 25.95
C2 TTP R . 17.27 34.67 26.36
O2 TTP R . 16.61 35.22 25.54
N3 TTP R . 17.12 34.95 27.68
C4 TTP R . 17.93 34.31 28.60
O4 TTP R . 17.77 34.55 29.80
C5 TTP R . 18.90 33.42 28.11
C5M TTP R . 19.73 32.71 29.11
C6 TTP R . 18.98 33.08 26.76
PA TTP S . -9.44 48.18 28.62
O1A TTP S . -10.58 48.27 29.59
O2A TTP S . -9.40 47.07 27.65
O3A TTP S . -8.10 48.01 29.46
PB TTP S . -6.87 49.04 29.36
O1B TTP S . -6.82 49.48 27.97
O2B TTP S . -6.81 49.95 30.51
O3B TTP S . -5.64 48.05 29.56
PG TTP S . -5.56 46.93 30.70
O1G TTP S . -4.82 45.88 29.94
O2G TTP S . -4.77 47.55 31.74
O3G TTP S . -6.88 46.36 31.04
O5' TTP S . -9.34 49.59 27.85
C5' TTP S . -10.39 49.75 26.91
C4' TTP S . -10.17 50.73 25.95
O4' TTP S . -10.58 52.03 26.38
C3' TTP S . -8.83 50.93 25.79
O3' TTP S . -8.73 51.14 24.38
C2' TTP S . -8.42 51.99 26.64
C1' TTP S . -9.48 52.88 26.68
N1 TTP S . -9.64 53.52 27.88
C2 TTP S . -9.58 54.84 27.97
O2 TTP S . -9.27 55.43 26.94
N3 TTP S . -9.82 55.44 29.15
C4 TTP S . -10.14 54.68 30.18
O4 TTP S . -10.37 55.20 31.28
C5 TTP S . -10.21 53.30 30.02
C5M TTP S . -10.56 52.44 31.21
C6 TTP S . -9.91 52.67 28.82
PA TTP T . -18.86 47.52 3.29
O1A TTP T . -19.49 47.62 4.62
O2A TTP T . -19.09 48.66 2.39
O3A TTP T . -19.25 46.06 2.69
PB TTP T . -18.84 45.59 1.21
O1B TTP T . -17.99 46.63 0.62
O2B TTP T . -18.47 44.21 1.29
O3B TTP T . -20.24 45.62 0.42
PG TTP T . -20.43 45.95 -1.18
O1G TTP T . -21.44 45.07 -1.81
O2G TTP T . -20.84 47.39 -1.17
O3G TTP T . -19.16 45.85 -1.92
O5' TTP T . -17.26 47.39 3.46
C5' TTP T . -16.87 46.27 4.20
C4' TTP T . -15.79 46.39 5.12
O4' TTP T . -14.56 46.87 4.61
C3' TTP T . -16.09 47.23 6.16
O3' TTP T . -15.64 46.49 7.29
C2' TTP T . -15.39 48.43 5.94
C1' TTP T . -14.25 48.07 5.28
N1 TTP T . -13.79 49.07 4.43
C2 TTP T . -12.52 49.50 4.55
O2 TTP T . -11.73 49.06 5.41
N3 TTP T . -12.12 50.45 3.71
C4 TTP T . -12.95 50.96 2.78
O4 TTP T . -12.58 51.82 1.98
C5 TTP T . -14.21 50.45 2.68
C5M TTP T . -15.09 51.08 1.58
C6 TTP T . -14.76 49.50 3.56
PA TTP U . -0.32 11.01 21.63
O1A TTP U . -0.36 10.18 22.86
O2A TTP U . 0.43 12.30 21.71
O3A TTP U . -1.84 11.25 21.03
PB TTP U . -2.67 10.20 20.08
O1B TTP U . -2.03 10.15 18.78
O2B TTP U . -2.98 8.92 20.80
O3B TTP U . -4.00 10.93 19.84
PG TTP U . -4.64 11.94 20.91
O1G TTP U . -4.29 13.32 20.62
O2G TTP U . -6.06 11.70 20.55
O3G TTP U . -4.39 11.64 22.35
O5' TTP U . 0.43 10.23 20.47
C5' TTP U . 1.82 10.54 20.43
C4' TTP U . 2.43 10.07 19.24
O4' TTP U . 2.81 8.71 19.30
C3' TTP U . 1.50 10.13 18.18
O3' TTP U . 2.21 10.63 17.06
C2' TTP U . 0.96 8.85 17.98
C1' TTP U . 1.95 7.98 18.42
N1 TTP U . 1.41 6.88 18.98
C2 TTP U . 1.50 5.67 18.43
O2 TTP U . 1.92 5.64 17.30
N3 TTP U . 1.01 4.58 19.08
C4 TTP U . 0.53 4.69 20.35
O4 TTP U . 0.14 3.68 20.97
C5 TTP U . 0.52 5.94 20.92
C5M TTP U . -0.01 6.11 22.33
C6 TTP U . 1.02 7.05 20.20
PA TTP V . 22.92 22.11 12.15
O1A TTP V . 22.47 21.26 13.28
O2A TTP V . 23.85 21.60 11.12
O3A TTP V . 23.63 23.38 12.79
PB TTP V . 24.06 24.61 11.85
O1B TTP V . 24.06 24.10 10.48
O2B TTP V . 23.33 25.80 12.32
O3B TTP V . 25.51 24.78 12.42
PG TTP V . 26.67 25.01 11.34
O1G TTP V . 27.72 25.73 12.12
O2G TTP V . 27.13 23.61 11.01
O3G TTP V . 26.11 25.84 10.16
O5' TTP V . 21.63 22.67 11.44
C5' TTP V . 20.54 23.06 12.23
C4' TTP V . 19.28 22.44 12.07
O4' TTP V . 18.83 22.41 10.77
C3' TTP V . 19.40 21.10 12.42
O3' TTP V . 18.51 20.99 13.51
C2' TTP V . 19.00 20.29 11.37
C1' TTP V . 18.46 21.13 10.40
N1 TTP V . 18.89 20.77 9.14
C2 TTP V . 18.00 20.45 8.20
O2 TTP V . 16.80 20.50 8.36
N3 TTP V . 18.45 20.06 7.04
C4 TTP V . 19.75 19.99 6.78
O4 TTP V . 20.07 19.65 5.64
C5 TTP V . 20.63 20.30 7.77
C5M TTP V . 22.11 20.18 7.48
C6 TTP V . 20.26 20.71 9.08
PA TTP W . -6.07 24.25 -9.37
O1A TTP W . -6.35 25.11 -10.56
O2A TTP W . -5.82 24.81 -8.01
O3A TTP W . -4.82 23.27 -9.70
PB TTP W . -4.65 21.81 -9.03
O1B TTP W . -5.70 21.76 -7.96
O2B TTP W . -4.53 20.72 -10.00
O3B TTP W . -3.25 21.79 -8.33
PG TTP W . -1.92 22.34 -9.00
O1G TTP W . -1.18 23.02 -7.92
O2G TTP W . -1.27 21.05 -9.37
O3G TTP W . -2.20 23.29 -10.07
O5' TTP W . -7.42 23.34 -9.23
C5' TTP W . -8.49 24.03 -8.61
C4' TTP W . -9.34 23.22 -7.85
O4' TTP W . -10.21 22.49 -8.71
C3' TTP W . -8.65 22.23 -7.10
O3' TTP W . -9.32 22.11 -5.86
C2' TTP W . -8.72 21.01 -7.77
C1' TTP W . -9.90 21.05 -8.52
N1 TTP W . -9.85 20.34 -9.71
C2 TTP W . -10.53 19.22 -9.98
O2 TTP W . -11.16 18.69 -9.10
N3 TTP W . -10.48 18.67 -11.21
C4 TTP W . -9.74 19.33 -12.19
O4 TTP W . -9.61 18.99 -13.39
C5 TTP W . -9.12 20.50 -11.86
C5M TTP W . -8.36 21.17 -12.96
C6 TTP W . -9.20 21.02 -10.59
PA TTP X . -24.64 34.55 7.94
O1A TTP X . -24.83 34.91 6.53
O2A TTP X . -25.76 34.00 8.76
O3A TTP X . -24.02 35.81 8.71
PB TTP X . -24.65 36.30 10.07
O1B TTP X . -24.89 35.11 10.91
O2B TTP X . -23.85 37.45 10.41
O3B TTP X . -26.06 36.86 9.59
PG TTP X . -27.13 37.30 10.73
O1G TTP X . -27.43 38.74 10.53
O2G TTP X . -28.30 36.43 10.40
O3G TTP X . -26.63 37.03 12.13
O5' TTP X . -23.44 33.48 8.09
C5' TTP X . -22.18 34.02 8.39
C4' TTP X . -21.09 33.26 7.95
O4' TTP X . -20.73 32.24 8.79
C3' TTP X . -21.42 32.62 6.77
O3' TTP X . -20.27 32.77 5.95
C2' TTP X . -21.74 31.28 7.05
C1' TTP X . -20.97 30.95 8.17
N1 TTP X . -21.65 30.02 8.91
C2 TTP X . -21.11 28.91 9.39
O2 TTP X . -20.02 28.66 9.08
N3 TTP X . -21.81 28.07 10.14
C4 TTP X . -23.09 28.35 10.50
O4 TTP X . -23.68 27.57 11.22
C5 TTP X . -23.67 29.54 10.08
C5M TTP X . -25.08 29.85 10.46
C6 TTP X . -22.87 30.40 9.28
#